data_5U00
#
_entry.id   5U00
#
_cell.length_a   55.986
_cell.length_b   73.249
_cell.length_c   91.206
_cell.angle_alpha   109.380
_cell.angle_beta   90.790
_cell.angle_gamma   91.100
#
_symmetry.space_group_name_H-M   'P 1'
#
loop_
_entity.id
_entity.type
_entity.pdbx_description
1 polymer "cGMP-dependent 3',5'-cyclic phosphodiesterase"
2 non-polymer [(5S)-3,3-difluoro-5-(5-methyl[1,2,4]triazolo[1,5-a]pyrimidin-7-yl)piperidin-1-yl](4-fluoro-3-iodophenyl)methanone
3 non-polymer 'ZINC ION'
4 non-polymer 'MAGNESIUM ION'
5 water water
#
_entity_poly.entity_id   1
_entity_poly.type   'polypeptide(L)'
_entity_poly.pdbx_seq_one_letter_code
;SAMDDEYTKLLHDGIQPVAAIDSNFASFTYTPRSLPEDDTSMAILSMLQDMNFINNYKIDCPTLARFCLMVKKGYRDPPY
HNWMHAFSVSHFCYLLYKNLELTNYLEDIEIFALFISCMCHDLDHRGTNNSFQVASKSVLAALYSSEGSVMERHHFAQAI
AILNTHGCNIFDHFSRKDYQRMLDLMRDIILATDLAHHLRIFKDLQKMAEVGYDRNNKQHHRLLLCLLMTSCDLSDQTKG
WKTTRKIAELIYKEFFSQGDLEKAMGNRPMEMMDREKAYIPELQISFMEHIAMPIYKLLQDLFPKAAELYERVASNREHW
TKVSHKFTIRGLPSNNSLDFLDEE
;
_entity_poly.pdbx_strand_id   A,B,C,D
#
loop_
_chem_comp.id
_chem_comp.type
_chem_comp.name
_chem_comp.formula
7OV non-polymer [(5S)-3,3-difluoro-5-(5-methyl[1,2,4]triazolo[1,5-a]pyrimidin-7-yl)piperidin-1-yl](4-fluoro-3-iodophenyl)methanone 'C18 H15 F3 I N5 O'
MG non-polymer 'MAGNESIUM ION' 'Mg 2'
ZN non-polymer 'ZINC ION' 'Zn 2'
#
# COMPACT_ATOMS: atom_id res chain seq x y z
N SER A 1 21.34 -4.28 -6.11
CA SER A 1 22.62 -4.97 -6.22
C SER A 1 23.40 -4.43 -7.40
N ALA A 2 22.67 -4.04 -8.45
CA ALA A 2 23.30 -3.45 -9.62
C ALA A 2 24.00 -2.15 -9.25
N MET A 3 23.28 -1.25 -8.57
CA MET A 3 23.90 -0.01 -8.15
C MET A 3 25.05 -0.24 -7.18
N ASP A 4 24.94 -1.27 -6.34
CA ASP A 4 26.03 -1.56 -5.40
C ASP A 4 27.32 -1.91 -6.13
N ASP A 5 27.24 -2.74 -7.18
CA ASP A 5 28.42 -3.07 -7.95
C ASP A 5 28.93 -1.87 -8.72
N GLU A 6 28.02 -1.13 -9.36
CA GLU A 6 28.42 0.11 -10.02
C GLU A 6 29.08 1.07 -9.04
N TYR A 7 28.51 1.19 -7.84
CA TYR A 7 29.09 2.03 -6.80
C TYR A 7 30.51 1.58 -6.46
N THR A 8 30.69 0.28 -6.22
CA THR A 8 31.99 -0.24 -5.80
C THR A 8 33.07 0.11 -6.80
N LYS A 9 32.79 -0.02 -8.10
CA LYS A 9 33.78 0.33 -9.11
C LYS A 9 34.02 1.83 -9.17
N LEU A 10 32.93 2.61 -9.17
CA LEU A 10 33.05 4.06 -9.22
C LEU A 10 33.92 4.60 -8.09
N LEU A 11 33.83 4.00 -6.89
CA LEU A 11 34.57 4.48 -5.75
C LEU A 11 36.01 3.97 -5.74
N HIS A 12 36.20 2.67 -5.99
CA HIS A 12 37.50 2.07 -5.76
C HIS A 12 38.40 2.07 -7.00
N ASP A 13 37.85 2.26 -8.20
CA ASP A 13 38.68 2.15 -9.40
C ASP A 13 39.52 3.39 -9.68
N GLY A 14 39.10 4.55 -9.19
CA GLY A 14 39.80 5.78 -9.54
C GLY A 14 39.03 6.58 -10.57
N ILE A 15 39.28 7.88 -10.59
CA ILE A 15 38.58 8.79 -11.51
C ILE A 15 39.38 8.93 -12.80
N GLN A 16 38.80 8.47 -13.90
CA GLN A 16 39.47 8.53 -15.20
C GLN A 16 39.78 9.98 -15.56
N PRO A 17 40.94 10.24 -16.16
CA PRO A 17 41.23 11.60 -16.66
C PRO A 17 40.24 11.98 -17.75
N VAL A 18 39.85 13.25 -17.72
CA VAL A 18 38.85 13.75 -18.67
C VAL A 18 39.30 13.58 -20.12
N ALA A 19 40.60 13.74 -20.40
CA ALA A 19 41.10 13.57 -21.76
C ALA A 19 40.97 12.12 -22.25
N ALA A 20 40.87 11.16 -21.33
CA ALA A 20 40.70 9.77 -21.73
C ALA A 20 39.27 9.45 -22.14
N ILE A 21 38.31 10.32 -21.80
CA ILE A 21 36.95 10.15 -22.28
C ILE A 21 36.89 10.33 -23.79
N ASP A 22 37.47 11.43 -24.27
CA ASP A 22 37.51 11.75 -25.69
C ASP A 22 38.49 12.90 -25.85
N SER A 23 39.14 12.95 -27.03
CA SER A 23 40.18 13.94 -27.24
C SER A 23 39.62 15.35 -27.35
N ASN A 24 38.40 15.50 -27.86
CA ASN A 24 37.74 16.79 -27.98
C ASN A 24 36.65 16.99 -26.93
N PHE A 25 36.78 16.34 -25.77
CA PHE A 25 35.73 16.35 -24.76
C PHE A 25 35.45 17.75 -24.21
N ALA A 26 36.42 18.66 -24.26
CA ALA A 26 36.25 20.00 -23.72
C ALA A 26 35.97 21.03 -24.81
N SER A 27 35.54 20.58 -25.99
CA SER A 27 35.28 21.46 -27.11
C SER A 27 33.78 21.65 -27.30
N PHE A 28 33.40 22.86 -27.71
CA PHE A 28 32.03 23.13 -28.15
C PHE A 28 31.59 22.23 -29.29
N THR A 29 32.52 21.62 -30.02
CA THR A 29 32.12 20.73 -31.11
C THR A 29 31.74 19.33 -30.64
N TYR A 30 32.09 18.95 -29.41
CA TYR A 30 31.82 17.60 -28.93
C TYR A 30 30.34 17.41 -28.61
N THR A 31 29.81 16.25 -29.00
CA THR A 31 28.42 15.89 -28.71
C THR A 31 28.38 14.88 -27.57
N PRO A 32 28.03 15.30 -26.35
CA PRO A 32 28.09 14.36 -25.21
C PRO A 32 27.12 13.19 -25.33
N ARG A 33 26.09 13.29 -26.17
CA ARG A 33 25.23 12.15 -26.41
C ARG A 33 25.93 11.00 -27.13
N SER A 34 27.16 11.23 -27.61
CA SER A 34 27.94 10.15 -28.20
C SER A 34 28.54 9.24 -27.14
N LEU A 35 28.61 9.68 -25.90
CA LEU A 35 29.18 8.82 -24.87
C LEU A 35 28.16 7.75 -24.48
N PRO A 36 28.56 6.49 -24.40
CA PRO A 36 27.62 5.45 -23.93
C PRO A 36 27.13 5.76 -22.53
N GLU A 37 25.86 5.46 -22.29
CA GLU A 37 25.24 5.81 -21.02
C GLU A 37 25.98 5.17 -19.85
N ASP A 38 26.50 3.95 -20.05
CA ASP A 38 27.22 3.25 -19.00
C ASP A 38 28.50 3.97 -18.56
N ASP A 39 28.97 4.95 -19.33
CA ASP A 39 30.18 5.70 -19.02
C ASP A 39 29.90 7.09 -18.43
N THR A 40 28.63 7.49 -18.31
CA THR A 40 28.32 8.87 -17.96
C THR A 40 28.59 9.19 -16.49
N SER A 41 28.35 8.27 -15.56
CA SER A 41 28.61 8.59 -14.15
C SER A 41 30.09 8.81 -13.90
N MET A 42 30.95 7.98 -14.50
CA MET A 42 32.37 8.25 -14.37
C MET A 42 32.74 9.58 -15.02
N ALA A 43 32.09 9.92 -16.13
CA ALA A 43 32.36 11.20 -16.78
C ALA A 43 31.98 12.38 -15.90
N ILE A 44 30.89 12.25 -15.14
CA ILE A 44 30.51 13.29 -14.19
C ILE A 44 31.63 13.50 -13.18
N LEU A 45 32.12 12.40 -12.60
CA LEU A 45 33.22 12.49 -11.64
C LEU A 45 34.45 13.14 -12.26
N SER A 46 34.75 12.78 -13.50
CA SER A 46 35.93 13.34 -14.16
C SER A 46 35.81 14.86 -14.35
N MET A 47 34.62 15.33 -14.68
CA MET A 47 34.40 16.77 -14.87
C MET A 47 34.49 17.51 -13.55
N LEU A 48 33.87 16.96 -12.50
CA LEU A 48 33.97 17.55 -11.16
C LEU A 48 35.42 17.62 -10.71
N GLN A 49 36.20 16.57 -11.00
CA GLN A 49 37.62 16.60 -10.66
C GLN A 49 38.36 17.66 -11.47
N ASP A 50 38.08 17.72 -12.77
CA ASP A 50 38.82 18.63 -13.63
C ASP A 50 38.51 20.08 -13.32
N MET A 51 37.30 20.36 -12.83
CA MET A 51 36.96 21.68 -12.33
C MET A 51 37.46 21.93 -10.91
N ASN A 52 38.12 20.95 -10.30
CA ASN A 52 38.71 21.03 -8.97
C ASN A 52 37.69 21.21 -7.85
N PHE A 53 36.44 20.82 -8.09
CA PHE A 53 35.41 20.94 -7.07
C PHE A 53 35.56 19.89 -5.98
N ILE A 54 36.03 18.69 -6.34
CA ILE A 54 36.23 17.65 -5.32
C ILE A 54 37.26 18.10 -4.28
N ASN A 55 38.41 18.58 -4.75
CA ASN A 55 39.43 19.08 -3.84
C ASN A 55 38.98 20.34 -3.11
N ASN A 56 38.46 21.32 -3.86
CA ASN A 56 38.21 22.63 -3.26
C ASN A 56 37.17 22.57 -2.16
N TYR A 57 36.13 21.76 -2.34
CA TYR A 57 35.07 21.60 -1.38
C TYR A 57 35.24 20.34 -0.53
N LYS A 58 36.38 19.65 -0.65
CA LYS A 58 36.67 18.46 0.16
C LYS A 58 35.50 17.48 0.16
N ILE A 59 35.01 17.19 -1.05
CA ILE A 59 33.88 16.29 -1.19
C ILE A 59 34.32 14.86 -0.89
N ASP A 60 33.55 14.17 -0.05
CA ASP A 60 33.84 12.80 0.32
C ASP A 60 33.57 11.87 -0.87
N CYS A 61 34.55 11.06 -1.24
CA CYS A 61 34.38 10.27 -2.47
C CYS A 61 33.28 9.22 -2.39
N PRO A 62 33.18 8.45 -1.30
CA PRO A 62 32.00 7.55 -1.16
C PRO A 62 30.68 8.28 -1.31
N THR A 63 30.53 9.43 -0.63
CA THR A 63 29.29 10.19 -0.73
C THR A 63 29.05 10.65 -2.15
N LEU A 64 30.11 11.10 -2.85
CA LEU A 64 29.94 11.62 -4.20
C LEU A 64 29.56 10.52 -5.17
N ALA A 65 30.18 9.35 -5.03
CA ALA A 65 29.83 8.21 -5.88
C ALA A 65 28.37 7.82 -5.68
N ARG A 66 27.92 7.74 -4.44
CA ARG A 66 26.52 7.41 -4.19
C ARG A 66 25.60 8.49 -4.74
N PHE A 67 25.96 9.76 -4.53
CA PHE A 67 25.14 10.87 -5.02
C PHE A 67 24.95 10.80 -6.52
N CYS A 68 26.05 10.62 -7.26
CA CYS A 68 25.95 10.64 -8.72
C CYS A 68 25.07 9.50 -9.24
N LEU A 69 25.20 8.31 -8.64
CA LEU A 69 24.38 7.18 -9.07
C LEU A 69 22.92 7.39 -8.72
N MET A 70 22.65 7.97 -7.54
CA MET A 70 21.29 8.26 -7.12
C MET A 70 20.62 9.27 -8.05
N VAL A 71 21.35 10.30 -8.46
CA VAL A 71 20.81 11.26 -9.43
C VAL A 71 20.48 10.55 -10.74
N LYS A 72 21.42 9.76 -11.25
CA LYS A 72 21.16 9.04 -12.50
C LYS A 72 19.91 8.18 -12.37
N LYS A 73 19.76 7.50 -11.24
CA LYS A 73 18.61 6.60 -11.01
C LYS A 73 17.31 7.37 -10.86
N GLY A 74 17.39 8.66 -10.56
CA GLY A 74 16.23 9.50 -10.35
C GLY A 74 15.59 10.02 -11.61
N TYR A 75 16.13 9.69 -12.77
CA TYR A 75 15.48 10.00 -14.05
C TYR A 75 14.75 8.78 -14.58
N ARG A 76 13.58 9.04 -15.15
CA ARG A 76 12.83 8.03 -15.88
C ARG A 76 13.32 8.02 -17.32
N ASP A 77 12.57 7.36 -18.22
CA ASP A 77 13.04 7.20 -19.59
C ASP A 77 12.06 7.72 -20.65
N PRO A 78 11.50 8.92 -20.50
CA PRO A 78 10.77 9.50 -21.63
C PRO A 78 11.71 9.78 -22.79
N PRO A 79 11.20 10.05 -23.99
CA PRO A 79 12.11 10.18 -25.13
C PRO A 79 13.15 11.27 -24.96
N TYR A 80 12.79 12.40 -24.37
CA TYR A 80 13.72 13.51 -24.23
C TYR A 80 14.20 13.75 -22.80
N HIS A 81 13.30 13.84 -21.83
CA HIS A 81 13.68 14.29 -20.47
C HIS A 81 14.17 13.13 -19.60
N ASN A 82 15.31 12.57 -19.99
CA ASN A 82 15.92 11.39 -19.37
C ASN A 82 17.32 11.75 -18.88
N TRP A 83 18.03 10.75 -18.33
CA TRP A 83 19.36 11.03 -17.78
C TRP A 83 20.31 11.55 -18.86
N MET A 84 20.20 11.05 -20.09
CA MET A 84 21.10 11.55 -21.13
C MET A 84 20.90 13.04 -21.43
N HIS A 85 19.68 13.56 -21.25
CA HIS A 85 19.48 15.01 -21.30
C HIS A 85 20.22 15.71 -20.16
N ALA A 86 20.02 15.25 -18.92
CA ALA A 86 20.71 15.87 -17.79
C ALA A 86 22.22 15.80 -17.94
N PHE A 87 22.73 14.66 -18.44
CA PHE A 87 24.16 14.52 -18.61
C PHE A 87 24.70 15.52 -19.63
N SER A 88 24.01 15.66 -20.78
CA SER A 88 24.45 16.60 -21.82
C SER A 88 24.34 18.05 -21.37
N VAL A 89 23.33 18.37 -20.55
CA VAL A 89 23.21 19.71 -19.95
C VAL A 89 24.38 19.97 -19.01
N SER A 90 24.71 19.01 -18.15
CA SER A 90 25.87 19.15 -17.26
C SER A 90 27.17 19.29 -18.06
N HIS A 91 27.30 18.52 -19.14
CA HIS A 91 28.50 18.60 -19.96
C HIS A 91 28.67 20.00 -20.53
N PHE A 92 27.56 20.63 -20.94
CA PHE A 92 27.68 21.97 -21.49
C PHE A 92 28.11 22.97 -20.42
N CYS A 93 27.60 22.81 -19.19
CA CYS A 93 28.10 23.62 -18.07
C CYS A 93 29.62 23.50 -17.97
N TYR A 94 30.12 22.26 -18.00
CA TYR A 94 31.57 22.04 -18.01
C TYR A 94 32.25 22.76 -19.16
N LEU A 95 31.64 22.74 -20.35
CA LEU A 95 32.22 23.43 -21.50
C LEU A 95 32.28 24.94 -21.28
N LEU A 96 31.21 25.51 -20.70
CA LEU A 96 31.24 26.93 -20.34
C LEU A 96 32.38 27.23 -19.39
N TYR A 97 32.61 26.35 -18.42
CA TYR A 97 33.70 26.57 -17.46
C TYR A 97 35.05 26.50 -18.16
N LYS A 98 35.22 25.56 -19.10
CA LYS A 98 36.51 25.35 -19.75
C LYS A 98 36.81 26.42 -20.80
N ASN A 99 35.77 27.01 -21.38
CA ASN A 99 35.93 27.87 -22.55
C ASN A 99 35.65 29.35 -22.31
N LEU A 100 34.91 29.69 -21.24
CA LEU A 100 34.38 31.05 -21.09
C LEU A 100 34.86 31.82 -19.87
N GLU A 101 35.75 31.27 -19.04
CA GLU A 101 36.33 32.02 -17.92
C GLU A 101 35.27 32.52 -16.93
N LEU A 102 34.45 31.60 -16.45
CA LEU A 102 33.35 31.96 -15.56
C LEU A 102 33.84 32.51 -14.24
N THR A 103 35.05 32.16 -13.82
CA THR A 103 35.61 32.68 -12.57
C THR A 103 35.80 34.19 -12.57
N ASN A 104 35.71 34.84 -13.73
CA ASN A 104 35.76 36.29 -13.80
C ASN A 104 34.40 36.94 -13.58
N TYR A 105 33.34 36.14 -13.47
CA TYR A 105 31.96 36.60 -13.38
C TYR A 105 31.26 36.12 -12.11
N LEU A 106 31.56 34.90 -11.68
CA LEU A 106 30.78 34.21 -10.67
C LEU A 106 31.69 33.69 -9.57
N GLU A 107 31.13 33.57 -8.37
CA GLU A 107 31.82 32.96 -7.25
C GLU A 107 31.98 31.46 -7.48
N ASP A 108 33.00 30.89 -6.84
CA ASP A 108 33.23 29.45 -6.96
C ASP A 108 31.98 28.66 -6.59
N ILE A 109 31.30 29.06 -5.51
CA ILE A 109 30.16 28.28 -5.05
C ILE A 109 29.01 28.40 -6.02
N GLU A 110 28.93 29.52 -6.74
CA GLU A 110 27.88 29.66 -7.75
C GLU A 110 28.13 28.74 -8.95
N ILE A 111 29.39 28.61 -9.38
CA ILE A 111 29.72 27.70 -10.49
C ILE A 111 29.46 26.26 -10.10
N PHE A 112 29.79 25.89 -8.86
CA PHE A 112 29.54 24.53 -8.39
C PHE A 112 28.06 24.24 -8.32
N ALA A 113 27.29 25.16 -7.74
CA ALA A 113 25.83 25.02 -7.72
C ALA A 113 25.23 24.90 -9.12
N LEU A 114 25.76 25.64 -10.09
CA LEU A 114 25.24 25.54 -11.45
C LEU A 114 25.45 24.13 -11.99
N PHE A 115 26.62 23.55 -11.77
CA PHE A 115 26.88 22.21 -12.30
C PHE A 115 25.98 21.16 -11.62
N ILE A 116 25.91 21.19 -10.30
CA ILE A 116 25.07 20.24 -9.58
C ILE A 116 23.60 20.41 -9.98
N SER A 117 23.16 21.66 -10.17
CA SER A 117 21.79 21.89 -10.60
C SER A 117 21.55 21.29 -11.98
N CYS A 118 22.49 21.45 -12.89
CA CYS A 118 22.37 20.81 -14.21
C CYS A 118 22.12 19.31 -14.08
N MET A 119 22.86 18.64 -13.19
CA MET A 119 22.66 17.20 -13.02
C MET A 119 21.26 16.89 -12.56
N CYS A 120 20.67 17.74 -11.71
CA CYS A 120 19.43 17.45 -11.01
C CYS A 120 18.19 18.08 -11.63
N HIS A 121 18.35 18.88 -12.68
CA HIS A 121 17.33 19.89 -12.96
C HIS A 121 16.06 19.32 -13.58
N ASP A 122 16.05 18.08 -14.08
CA ASP A 122 14.83 17.45 -14.59
C ASP A 122 14.48 16.16 -13.84
N LEU A 123 14.95 16.00 -12.59
CA LEU A 123 14.77 14.76 -11.85
C LEU A 123 13.31 14.31 -11.83
N ASP A 124 13.08 13.04 -12.17
CA ASP A 124 11.76 12.42 -12.09
C ASP A 124 10.75 13.02 -13.07
N HIS A 125 11.25 13.55 -14.19
CA HIS A 125 10.36 14.05 -15.22
C HIS A 125 9.52 12.90 -15.80
N ARG A 126 8.23 13.15 -16.01
CA ARG A 126 7.31 12.14 -16.53
C ARG A 126 6.99 12.34 -18.00
N GLY A 127 7.70 13.24 -18.69
CA GLY A 127 7.42 13.49 -20.07
C GLY A 127 6.20 14.35 -20.35
N THR A 128 5.71 15.08 -19.34
CA THR A 128 4.60 16.00 -19.54
C THR A 128 4.96 17.36 -18.96
N ASN A 129 4.32 18.42 -19.49
CA ASN A 129 4.65 19.78 -19.10
C ASN A 129 3.88 20.22 -17.85
N ASN A 130 4.07 21.49 -17.47
CA ASN A 130 3.41 22.01 -16.27
C ASN A 130 1.90 22.08 -16.45
N SER A 131 1.43 22.53 -17.62
CA SER A 131 -0.01 22.64 -17.87
C SER A 131 -0.70 21.29 -17.69
N PHE A 132 -0.05 20.21 -18.14
CA PHE A 132 -0.65 18.88 -18.00
C PHE A 132 -0.84 18.49 -16.54
N GLN A 133 0.10 18.89 -15.67
CA GLN A 133 -0.03 18.57 -14.25
C GLN A 133 -1.31 19.16 -13.68
N VAL A 134 -1.56 20.44 -13.98
CA VAL A 134 -2.77 21.10 -13.51
C VAL A 134 -4.01 20.49 -14.18
N ALA A 135 -3.94 20.30 -15.50
CA ALA A 135 -5.13 19.83 -16.21
C ALA A 135 -5.51 18.42 -15.78
N SER A 136 -4.53 17.56 -15.54
CA SER A 136 -4.74 16.19 -15.11
C SER A 136 -4.93 16.04 -13.60
N LYS A 137 -4.89 17.14 -12.85
CA LYS A 137 -4.98 17.11 -11.38
C LYS A 137 -3.99 16.12 -10.78
N SER A 138 -2.74 16.23 -11.19
CA SER A 138 -1.74 15.31 -10.67
C SER A 138 -1.38 15.66 -9.23
N VAL A 139 -0.74 14.71 -8.56
CA VAL A 139 -0.21 14.96 -7.22
C VAL A 139 0.72 16.17 -7.23
N LEU A 140 1.55 16.29 -8.27
CA LEU A 140 2.51 17.40 -8.31
C LEU A 140 1.79 18.74 -8.35
N ALA A 141 0.70 18.83 -9.12
CA ALA A 141 -0.07 20.07 -9.11
C ALA A 141 -0.73 20.29 -7.76
N ALA A 142 -1.16 19.21 -7.09
CA ALA A 142 -1.74 19.35 -5.76
C ALA A 142 -0.76 20.01 -4.80
N LEU A 143 0.52 19.65 -4.93
CA LEU A 143 1.56 20.20 -4.05
C LEU A 143 1.92 21.63 -4.43
N TYR A 144 2.05 21.92 -5.73
CA TYR A 144 2.77 23.11 -6.19
C TYR A 144 2.01 24.06 -7.11
N SER A 145 0.81 23.72 -7.57
CA SER A 145 0.16 24.56 -8.60
C SER A 145 -0.05 25.99 -8.12
N SER A 146 -0.25 26.21 -6.81
CA SER A 146 -0.46 27.56 -6.31
C SER A 146 0.78 28.42 -6.46
N GLU A 147 1.96 27.81 -6.58
CA GLU A 147 3.20 28.54 -6.73
C GLU A 147 3.65 28.68 -8.18
N GLY A 148 3.21 27.81 -9.08
CA GLY A 148 3.75 27.80 -10.42
C GLY A 148 5.02 26.95 -10.52
N SER A 149 5.51 26.81 -11.75
CA SER A 149 6.68 25.98 -12.06
C SER A 149 6.58 24.61 -11.38
N VAL A 150 5.45 23.94 -11.61
CA VAL A 150 5.17 22.69 -10.88
C VAL A 150 6.29 21.68 -11.04
N MET A 151 6.67 21.36 -12.28
CA MET A 151 7.68 20.33 -12.48
C MET A 151 9.03 20.74 -11.90
N GLU A 152 9.40 22.01 -12.12
CA GLU A 152 10.68 22.49 -11.62
C GLU A 152 10.74 22.45 -10.09
N ARG A 153 9.63 22.79 -9.41
CA ARG A 153 9.59 22.61 -7.95
C ARG A 153 9.76 21.14 -7.58
N HIS A 154 9.12 20.23 -8.33
CA HIS A 154 9.35 18.81 -8.07
C HIS A 154 10.82 18.40 -8.31
N HIS A 155 11.44 18.89 -9.40
CA HIS A 155 12.83 18.51 -9.64
C HIS A 155 13.72 18.93 -8.46
N PHE A 156 13.55 20.16 -8.00
CA PHE A 156 14.28 20.64 -6.84
C PHE A 156 14.00 19.78 -5.61
N ALA A 157 12.72 19.49 -5.34
CA ALA A 157 12.40 18.69 -4.18
C ALA A 157 13.03 17.30 -4.25
N GLN A 158 13.11 16.72 -5.46
CA GLN A 158 13.77 15.43 -5.62
C GLN A 158 15.27 15.53 -5.36
N ALA A 159 15.89 16.64 -5.78
CA ALA A 159 17.32 16.82 -5.52
C ALA A 159 17.57 16.86 -4.02
N ILE A 160 16.72 17.57 -3.29
CA ILE A 160 16.84 17.66 -1.84
C ILE A 160 16.61 16.30 -1.18
N ALA A 161 15.64 15.52 -1.69
CA ALA A 161 15.39 14.21 -1.11
C ALA A 161 16.58 13.27 -1.32
N ILE A 162 17.33 13.45 -2.42
CA ILE A 162 18.56 12.69 -2.60
C ILE A 162 19.61 13.10 -1.57
N LEU A 163 19.81 14.41 -1.39
CA LEU A 163 20.74 14.88 -0.37
C LEU A 163 20.35 14.37 1.00
N ASN A 164 19.04 14.32 1.28
CA ASN A 164 18.56 13.87 2.58
C ASN A 164 18.55 12.36 2.73
N THR A 165 19.03 11.62 1.72
CA THR A 165 19.20 10.18 1.84
C THR A 165 20.54 9.88 2.49
N HIS A 166 20.53 9.02 3.51
CA HIS A 166 21.74 8.72 4.27
C HIS A 166 22.87 8.30 3.33
N GLY A 167 24.03 8.89 3.52
CA GLY A 167 25.19 8.58 2.70
C GLY A 167 25.31 9.37 1.41
N CYS A 168 24.39 10.30 1.15
CA CYS A 168 24.35 10.98 -0.14
C CYS A 168 24.50 12.47 -0.05
N ASN A 169 24.66 13.05 1.14
CA ASN A 169 24.72 14.49 1.26
C ASN A 169 26.16 14.96 1.02
N ILE A 170 26.47 15.25 -0.24
CA ILE A 170 27.78 15.75 -0.61
C ILE A 170 28.14 17.08 0.07
N PHE A 171 27.16 17.77 0.67
CA PHE A 171 27.41 19.07 1.28
C PHE A 171 27.37 19.04 2.80
N ASP A 172 27.31 17.86 3.44
CA ASP A 172 26.97 17.85 4.86
C ASP A 172 28.10 18.31 5.78
N HIS A 173 29.30 18.53 5.26
CA HIS A 173 30.38 19.10 6.05
C HIS A 173 30.51 20.61 5.86
N PHE A 174 29.72 21.20 4.96
CA PHE A 174 29.72 22.65 4.78
C PHE A 174 29.30 23.34 6.06
N SER A 175 29.73 24.60 6.21
CA SER A 175 29.20 25.41 7.29
C SER A 175 27.71 25.62 7.07
N ARG A 176 27.02 26.03 8.14
CA ARG A 176 25.58 26.27 8.02
C ARG A 176 25.28 27.31 6.95
N LYS A 177 26.05 28.39 6.92
CA LYS A 177 25.80 29.44 5.93
C LYS A 177 26.08 28.96 4.51
N ASP A 178 27.16 28.19 4.31
CA ASP A 178 27.50 27.70 2.98
C ASP A 178 26.49 26.66 2.50
N TYR A 179 26.02 25.80 3.41
CA TYR A 179 24.98 24.83 3.08
C TYR A 179 23.70 25.54 2.66
N GLN A 180 23.27 26.52 3.46
CA GLN A 180 22.08 27.30 3.13
C GLN A 180 22.25 27.97 1.77
N ARG A 181 23.45 28.49 1.50
CA ARG A 181 23.70 29.19 0.26
C ARG A 181 23.59 28.24 -0.93
N MET A 182 24.17 27.04 -0.80
CA MET A 182 24.14 26.06 -1.88
C MET A 182 22.72 25.64 -2.22
N LEU A 183 21.90 25.37 -1.21
CA LEU A 183 20.55 24.90 -1.49
C LEU A 183 19.69 26.03 -2.05
N ASP A 184 19.95 27.27 -1.64
CA ASP A 184 19.23 28.42 -2.19
C ASP A 184 19.58 28.65 -3.65
N LEU A 185 20.87 28.54 -4.00
CA LEU A 185 21.28 28.61 -5.40
C LEU A 185 20.63 27.51 -6.22
N MET A 186 20.62 26.27 -5.71
CA MET A 186 19.99 25.17 -6.43
C MET A 186 18.53 25.46 -6.67
N ARG A 187 17.85 26.04 -5.68
CA ARG A 187 16.46 26.43 -5.88
C ARG A 187 16.32 27.40 -7.03
N ASP A 188 17.09 28.50 -6.99
CA ASP A 188 16.95 29.54 -8.01
C ASP A 188 17.30 29.03 -9.39
N ILE A 189 18.37 28.24 -9.48
CA ILE A 189 18.85 27.77 -10.79
C ILE A 189 17.88 26.75 -11.38
N ILE A 190 17.43 25.78 -10.58
CA ILE A 190 16.48 24.81 -11.10
C ILE A 190 15.17 25.48 -11.51
N LEU A 191 14.69 26.43 -10.70
CA LEU A 191 13.44 27.09 -11.08
C LEU A 191 13.63 27.94 -12.35
N ALA A 192 14.85 28.39 -12.62
CA ALA A 192 15.15 29.14 -13.82
C ALA A 192 14.96 28.32 -15.10
N THR A 193 14.92 26.97 -15.01
CA THR A 193 14.72 26.13 -16.21
C THR A 193 13.29 26.16 -16.75
N ASP A 194 12.33 26.73 -16.01
CA ASP A 194 10.99 26.95 -16.54
C ASP A 194 11.09 28.04 -17.60
N LEU A 195 10.82 27.70 -18.86
CA LEU A 195 10.97 28.69 -19.91
C LEU A 195 10.07 29.90 -19.66
N ALA A 196 8.96 29.74 -18.93
CA ALA A 196 8.12 30.88 -18.63
C ALA A 196 8.87 31.88 -17.74
N HIS A 197 9.72 31.38 -16.85
CA HIS A 197 10.57 32.24 -16.05
C HIS A 197 11.59 32.96 -16.93
N HIS A 198 12.21 32.23 -17.85
CA HIS A 198 13.16 32.87 -18.75
C HIS A 198 12.49 34.01 -19.50
N LEU A 199 11.31 33.75 -20.08
CA LEU A 199 10.62 34.78 -20.84
C LEU A 199 10.25 35.98 -19.97
N ARG A 200 9.92 35.75 -18.69
CA ARG A 200 9.63 36.88 -17.79
C ARG A 200 10.85 37.76 -17.53
N ILE A 201 12.03 37.16 -17.36
CA ILE A 201 13.23 37.93 -17.02
C ILE A 201 14.03 38.38 -18.24
N PHE A 202 13.55 38.08 -19.46
CA PHE A 202 14.34 38.32 -20.65
C PHE A 202 14.75 39.77 -20.79
N LYS A 203 13.81 40.69 -20.56
CA LYS A 203 14.16 42.11 -20.69
C LYS A 203 15.19 42.54 -19.65
N ASP A 204 15.17 41.92 -18.47
CA ASP A 204 16.21 42.22 -17.47
C ASP A 204 17.56 41.66 -17.91
N LEU A 205 17.56 40.50 -18.58
CA LEU A 205 18.79 39.97 -19.17
C LEU A 205 19.32 40.91 -20.24
N GLN A 206 18.44 41.39 -21.11
CA GLN A 206 18.88 42.36 -22.12
C GLN A 206 19.47 43.61 -21.48
N LYS A 207 18.81 44.13 -20.43
CA LYS A 207 19.32 45.36 -19.82
C LYS A 207 20.70 45.14 -19.21
N MET A 208 20.90 43.98 -18.58
CA MET A 208 22.22 43.66 -18.03
C MET A 208 23.28 43.60 -19.12
N ALA A 209 22.96 42.97 -20.25
CA ALA A 209 23.91 42.91 -21.37
C ALA A 209 24.22 44.31 -21.90
N GLU A 210 23.21 45.16 -22.00
CA GLU A 210 23.41 46.48 -22.59
C GLU A 210 24.31 47.34 -21.71
N VAL A 211 24.08 47.33 -20.40
CA VAL A 211 24.82 48.22 -19.52
C VAL A 211 26.20 47.63 -19.20
N GLY A 212 26.33 46.32 -19.23
CA GLY A 212 27.60 45.68 -18.95
C GLY A 212 27.54 44.94 -17.62
N TYR A 213 28.02 43.71 -17.61
CA TYR A 213 27.96 42.89 -16.41
C TYR A 213 28.80 43.54 -15.30
N ASP A 214 28.21 43.65 -14.10
CA ASP A 214 28.83 44.24 -12.93
C ASP A 214 29.03 43.15 -11.88
N ARG A 215 30.27 42.69 -11.73
CA ARG A 215 30.58 41.59 -10.82
C ARG A 215 30.32 41.93 -9.35
N ASN A 216 30.14 43.20 -9.01
CA ASN A 216 29.78 43.58 -7.66
C ASN A 216 28.28 43.70 -7.45
N ASN A 217 27.47 43.38 -8.45
CA ASN A 217 26.02 43.54 -8.41
C ASN A 217 25.40 42.16 -8.19
N LYS A 218 24.74 41.97 -7.05
CA LYS A 218 24.20 40.67 -6.69
C LYS A 218 23.08 40.23 -7.62
N GLN A 219 22.27 41.17 -8.10
CA GLN A 219 21.24 40.82 -9.08
C GLN A 219 21.85 40.38 -10.40
N HIS A 220 22.98 40.97 -10.81
CA HIS A 220 23.64 40.53 -12.02
C HIS A 220 24.12 39.08 -11.90
N HIS A 221 24.66 38.70 -10.74
CA HIS A 221 25.03 37.30 -10.54
C HIS A 221 23.82 36.38 -10.73
N ARG A 222 22.69 36.74 -10.12
CA ARG A 222 21.48 35.93 -10.23
C ARG A 222 21.02 35.82 -11.68
N LEU A 223 20.97 36.95 -12.39
CA LEU A 223 20.51 36.91 -13.77
C LEU A 223 21.44 36.09 -14.64
N LEU A 224 22.75 36.23 -14.42
CA LEU A 224 23.70 35.46 -15.22
C LEU A 224 23.53 33.96 -15.00
N LEU A 225 23.30 33.54 -13.76
CA LEU A 225 23.09 32.12 -13.49
C LEU A 225 21.87 31.60 -14.21
N CYS A 226 20.80 32.41 -14.27
CA CYS A 226 19.61 32.01 -15.02
C CYS A 226 19.94 31.83 -16.49
N LEU A 227 20.62 32.82 -17.09
CA LEU A 227 20.96 32.72 -18.52
C LEU A 227 21.88 31.53 -18.80
N LEU A 228 22.89 31.32 -17.96
CA LEU A 228 23.75 30.16 -18.16
C LEU A 228 22.97 28.86 -18.06
N MET A 229 22.09 28.73 -17.05
CA MET A 229 21.30 27.51 -16.92
C MET A 229 20.48 27.25 -18.17
N THR A 230 19.79 28.28 -18.66
CA THR A 230 18.97 28.11 -19.86
C THR A 230 19.85 27.72 -21.05
N SER A 231 21.04 28.30 -21.13
CA SER A 231 21.95 28.00 -22.23
C SER A 231 22.39 26.54 -22.20
N CYS A 232 22.61 25.99 -21.01
CA CYS A 232 22.92 24.58 -20.89
C CYS A 232 21.71 23.73 -21.27
N ASP A 233 20.52 24.12 -20.80
CA ASP A 233 19.31 23.33 -21.03
C ASP A 233 18.99 23.21 -22.52
N LEU A 234 19.29 24.25 -23.31
CA LEU A 234 18.97 24.28 -24.74
C LEU A 234 20.16 23.92 -25.61
N SER A 235 21.27 23.46 -25.01
CA SER A 235 22.56 23.37 -25.70
C SER A 235 22.61 22.32 -26.80
N ASP A 236 21.65 21.40 -26.87
CA ASP A 236 21.57 20.50 -28.02
C ASP A 236 21.52 21.28 -29.33
N GLN A 237 20.92 22.47 -29.32
CA GLN A 237 20.78 23.26 -30.55
C GLN A 237 22.09 23.90 -31.00
N THR A 238 23.13 23.87 -30.18
CA THR A 238 24.42 24.43 -30.55
C THR A 238 25.33 23.41 -31.21
N LYS A 239 24.84 22.19 -31.44
CA LYS A 239 25.63 21.12 -32.02
C LYS A 239 25.35 21.08 -33.52
N GLY A 240 25.81 20.02 -34.18
CA GLY A 240 25.58 19.87 -35.60
C GLY A 240 24.14 19.55 -35.95
N TRP A 241 23.85 19.62 -37.25
CA TRP A 241 22.48 19.43 -37.71
C TRP A 241 21.95 18.05 -37.32
N LYS A 242 22.77 17.01 -37.41
CA LYS A 242 22.31 15.67 -37.11
C LYS A 242 21.86 15.55 -35.66
N THR A 243 22.59 16.17 -34.74
CA THR A 243 22.14 16.21 -33.34
C THR A 243 20.79 16.88 -33.23
N THR A 244 20.62 18.04 -33.87
CA THR A 244 19.37 18.76 -33.67
C THR A 244 18.20 18.05 -34.35
N ARG A 245 18.46 17.33 -35.46
CA ARG A 245 17.39 16.55 -36.08
C ARG A 245 16.92 15.45 -35.14
N LYS A 246 17.86 14.69 -34.58
CA LYS A 246 17.49 13.64 -33.64
C LYS A 246 16.78 14.20 -32.41
N ILE A 247 17.26 15.34 -31.89
CA ILE A 247 16.63 15.89 -30.69
C ILE A 247 15.22 16.36 -31.00
N ALA A 248 14.99 16.89 -32.21
CA ALA A 248 13.63 17.24 -32.62
C ALA A 248 12.75 16.01 -32.59
N GLU A 249 13.26 14.89 -33.11
CA GLU A 249 12.47 13.66 -33.11
C GLU A 249 12.09 13.24 -31.70
N LEU A 250 13.05 13.31 -30.76
CA LEU A 250 12.77 12.93 -29.38
C LEU A 250 11.79 13.88 -28.71
N ILE A 251 11.92 15.17 -29.00
CA ILE A 251 11.01 16.16 -28.42
C ILE A 251 9.58 15.91 -28.89
N TYR A 252 9.39 15.80 -30.20
CA TYR A 252 8.04 15.62 -30.73
C TYR A 252 7.45 14.28 -30.33
N LYS A 253 8.27 13.23 -30.20
CA LYS A 253 7.74 11.96 -29.70
C LYS A 253 7.17 12.13 -28.30
N GLU A 254 7.90 12.82 -27.43
CA GLU A 254 7.42 13.07 -26.07
C GLU A 254 6.19 13.97 -26.07
N PHE A 255 6.24 15.07 -26.83
CA PHE A 255 5.09 15.98 -26.90
C PHE A 255 3.85 15.28 -27.45
N PHE A 256 4.00 14.53 -28.55
CA PHE A 256 2.83 13.91 -29.16
C PHE A 256 2.22 12.85 -28.25
N SER A 257 3.05 12.16 -27.45
CA SER A 257 2.51 11.26 -26.45
C SER A 257 1.67 12.00 -25.43
N GLN A 258 2.14 13.16 -24.95
CA GLN A 258 1.31 13.96 -24.06
C GLN A 258 0.00 14.36 -24.74
N GLY A 259 0.07 14.81 -25.99
CA GLY A 259 -1.14 15.21 -26.69
C GLY A 259 -2.13 14.07 -26.85
N ASP A 260 -1.62 12.86 -27.07
CA ASP A 260 -2.50 11.69 -27.13
C ASP A 260 -3.23 11.47 -25.81
N LEU A 261 -2.55 11.73 -24.69
CA LEU A 261 -3.19 11.57 -23.38
C LEU A 261 -4.24 12.65 -23.15
N GLU A 262 -3.96 13.88 -23.60
CA GLU A 262 -4.92 14.97 -23.46
C GLU A 262 -6.19 14.68 -24.25
N LYS A 263 -6.05 14.24 -25.51
CA LYS A 263 -7.22 13.92 -26.33
C LYS A 263 -8.05 12.82 -25.68
N ALA A 264 -7.40 11.84 -25.05
CA ALA A 264 -8.14 10.79 -24.35
C ALA A 264 -8.84 11.32 -23.10
N MET A 265 -8.42 12.48 -22.58
CA MET A 265 -9.09 13.15 -21.48
C MET A 265 -10.17 14.12 -21.94
N GLY A 266 -10.36 14.27 -23.26
CA GLY A 266 -11.32 15.24 -23.77
C GLY A 266 -10.80 16.65 -23.86
N ASN A 267 -9.49 16.85 -23.88
CA ASN A 267 -8.91 18.18 -23.97
C ASN A 267 -8.16 18.33 -25.29
N ARG A 268 -8.34 19.48 -25.92
CA ARG A 268 -7.61 19.82 -27.13
C ARG A 268 -6.16 20.15 -26.77
N PRO A 269 -5.18 19.43 -27.30
CA PRO A 269 -3.78 19.72 -26.94
C PRO A 269 -3.31 21.02 -27.56
N MET A 270 -2.21 21.54 -27.03
CA MET A 270 -1.45 22.55 -27.73
C MET A 270 -1.13 22.05 -29.13
N GLU A 271 -1.07 22.96 -30.09
CA GLU A 271 -0.76 22.60 -31.46
C GLU A 271 0.56 21.82 -31.55
N MET A 272 1.59 22.31 -30.85
CA MET A 272 2.89 21.64 -30.90
C MET A 272 2.87 20.25 -30.29
N MET A 273 1.78 19.86 -29.61
CA MET A 273 1.68 18.54 -29.02
C MET A 273 0.63 17.68 -29.71
N ASP A 274 0.02 18.17 -30.79
CA ASP A 274 -1.05 17.48 -31.49
C ASP A 274 -0.48 16.92 -32.79
N ARG A 275 -0.26 15.60 -32.83
CA ARG A 275 0.33 14.98 -34.00
C ARG A 275 -0.52 15.12 -35.26
N GLU A 276 -1.78 15.56 -35.13
CA GLU A 276 -2.61 15.78 -36.31
C GLU A 276 -2.50 17.20 -36.85
N LYS A 277 -1.96 18.13 -36.07
CA LYS A 277 -1.88 19.54 -36.46
C LYS A 277 -0.46 20.08 -36.51
N ALA A 278 0.46 19.57 -35.69
CA ALA A 278 1.81 20.12 -35.63
C ALA A 278 2.51 19.97 -36.96
N TYR A 279 3.08 21.08 -37.44
CA TYR A 279 3.89 21.09 -38.66
C TYR A 279 5.30 21.37 -38.20
N ILE A 280 6.11 20.32 -38.13
CA ILE A 280 7.41 20.39 -37.43
C ILE A 280 8.31 21.51 -37.94
N PRO A 281 8.52 21.71 -39.25
CA PRO A 281 9.47 22.76 -39.69
C PRO A 281 9.09 24.14 -39.19
N GLU A 282 7.81 24.51 -39.33
CA GLU A 282 7.32 25.78 -38.84
C GLU A 282 7.52 25.93 -37.33
N LEU A 283 7.26 24.86 -36.58
CA LEU A 283 7.39 24.94 -35.13
C LEU A 283 8.84 25.07 -34.71
N GLN A 284 9.75 24.34 -35.38
CA GLN A 284 11.16 24.46 -35.02
C GLN A 284 11.71 25.83 -35.37
N ILE A 285 11.31 26.39 -36.51
CA ILE A 285 11.76 27.72 -36.89
C ILE A 285 11.26 28.75 -35.88
N SER A 286 10.01 28.61 -35.42
CA SER A 286 9.48 29.54 -34.43
C SER A 286 10.22 29.40 -33.12
N PHE A 287 10.51 28.16 -32.70
CA PHE A 287 11.27 27.95 -31.47
C PHE A 287 12.68 28.49 -31.60
N MET A 288 13.35 28.19 -32.72
CA MET A 288 14.69 28.72 -32.94
C MET A 288 14.71 30.24 -32.97
N GLU A 289 13.77 30.85 -33.71
CA GLU A 289 13.82 32.31 -33.90
C GLU A 289 13.45 33.07 -32.64
N HIS A 290 12.42 32.60 -31.91
CA HIS A 290 11.88 33.38 -30.81
C HIS A 290 12.45 33.01 -29.46
N ILE A 291 13.01 31.81 -29.32
CA ILE A 291 13.54 31.39 -28.02
C ILE A 291 15.03 31.11 -28.08
N ALA A 292 15.46 30.16 -28.92
CA ALA A 292 16.83 29.69 -28.84
C ALA A 292 17.82 30.74 -29.34
N MET A 293 17.54 31.33 -30.51
CA MET A 293 18.48 32.32 -31.04
C MET A 293 18.68 33.50 -30.09
N PRO A 294 17.64 34.11 -29.52
CA PRO A 294 17.89 35.24 -28.61
C PRO A 294 18.71 34.86 -27.39
N ILE A 295 18.57 33.64 -26.89
CA ILE A 295 19.35 33.21 -25.72
C ILE A 295 20.84 33.22 -26.04
N TYR A 296 21.23 32.57 -27.16
CA TYR A 296 22.64 32.51 -27.50
C TYR A 296 23.19 33.83 -28.01
N LYS A 297 22.33 34.73 -28.47
CA LYS A 297 22.78 36.08 -28.78
C LYS A 297 23.11 36.85 -27.51
N LEU A 298 22.27 36.72 -26.47
CA LEU A 298 22.61 37.33 -25.19
C LEU A 298 23.93 36.78 -24.67
N LEU A 299 24.13 35.47 -24.79
CA LEU A 299 25.35 34.85 -24.29
C LEU A 299 26.56 35.40 -25.04
N GLN A 300 26.43 35.55 -26.36
CA GLN A 300 27.51 36.13 -27.16
C GLN A 300 27.75 37.59 -26.76
N ASP A 301 26.68 38.31 -26.43
CA ASP A 301 26.85 39.71 -26.04
C ASP A 301 27.64 39.84 -24.76
N LEU A 302 27.49 38.87 -23.86
CA LEU A 302 28.20 38.87 -22.59
C LEU A 302 29.57 38.19 -22.66
N PHE A 303 29.70 37.18 -23.51
CA PHE A 303 30.95 36.44 -23.68
C PHE A 303 31.24 36.39 -25.17
N PRO A 304 32.15 37.23 -25.67
CA PRO A 304 32.45 37.17 -27.11
C PRO A 304 32.92 35.81 -27.59
N LYS A 305 33.54 35.00 -26.73
CA LYS A 305 33.95 33.67 -27.14
C LYS A 305 32.79 32.71 -27.39
N ALA A 306 31.57 33.09 -27.01
CA ALA A 306 30.38 32.29 -27.28
C ALA A 306 29.81 32.52 -28.67
N ALA A 307 30.47 33.34 -29.49
CA ALA A 307 29.92 33.67 -30.81
C ALA A 307 29.63 32.42 -31.62
N GLU A 308 30.54 31.44 -31.59
CA GLU A 308 30.34 30.25 -32.42
C GLU A 308 29.07 29.50 -32.04
N LEU A 309 28.65 29.59 -30.78
CA LEU A 309 27.41 28.93 -30.36
C LEU A 309 26.21 29.54 -31.06
N TYR A 310 26.12 30.88 -31.06
CA TYR A 310 25.03 31.56 -31.73
C TYR A 310 25.02 31.26 -33.23
N GLU A 311 26.20 31.29 -33.86
CA GLU A 311 26.26 31.02 -35.29
C GLU A 311 25.77 29.61 -35.60
N ARG A 312 26.06 28.66 -34.72
CA ARG A 312 25.58 27.30 -34.95
C ARG A 312 24.08 27.21 -34.84
N VAL A 313 23.50 27.87 -33.83
CA VAL A 313 22.05 27.87 -33.68
C VAL A 313 21.39 28.52 -34.91
N ALA A 314 21.92 29.64 -35.37
CA ALA A 314 21.37 30.30 -36.55
C ALA A 314 21.48 29.42 -37.79
N SER A 315 22.62 28.74 -37.93
CA SER A 315 22.81 27.80 -39.04
C SER A 315 21.77 26.68 -39.00
N ASN A 316 21.55 26.09 -37.81
CA ASN A 316 20.54 25.04 -37.68
C ASN A 316 19.15 25.58 -38.00
N ARG A 317 18.86 26.83 -37.62
CA ARG A 317 17.56 27.41 -37.95
C ARG A 317 17.39 27.54 -39.46
N GLU A 318 18.44 27.93 -40.17
CA GLU A 318 18.34 28.03 -41.61
C GLU A 318 18.21 26.67 -42.25
N HIS A 319 18.77 25.63 -41.62
CA HIS A 319 18.64 24.27 -42.16
C HIS A 319 17.18 23.84 -42.18
N TRP A 320 16.41 24.22 -41.15
CA TRP A 320 15.00 23.87 -41.10
C TRP A 320 14.23 24.43 -42.29
N THR A 321 14.54 25.65 -42.72
CA THR A 321 13.89 26.15 -43.94
C THR A 321 14.32 25.34 -45.16
N LYS A 322 15.56 24.86 -45.19
CA LYS A 322 16.03 24.18 -46.39
C LYS A 322 15.40 22.81 -46.55
N VAL A 323 15.00 22.17 -45.44
CA VAL A 323 14.40 20.85 -45.48
C VAL A 323 12.88 20.88 -45.41
N SER A 324 12.28 22.06 -45.22
CA SER A 324 10.84 22.14 -45.01
C SER A 324 10.07 21.51 -46.16
N HIS A 325 10.55 21.71 -47.40
CA HIS A 325 9.84 21.20 -48.57
C HIS A 325 9.67 19.69 -48.52
N LYS A 326 10.56 18.98 -47.80
CA LYS A 326 10.47 17.53 -47.71
C LYS A 326 9.25 17.06 -46.93
N PHE A 327 8.61 17.93 -46.15
CA PHE A 327 7.39 17.55 -45.46
C PHE A 327 6.17 17.56 -46.37
N THR A 328 6.31 17.98 -47.62
CA THR A 328 5.26 17.88 -48.61
C THR A 328 5.47 16.60 -49.41
N ILE A 329 4.40 15.83 -49.56
CA ILE A 329 4.45 14.57 -50.30
C ILE A 329 4.32 14.87 -51.80
N ARG A 330 5.44 14.70 -52.52
CA ARG A 330 5.49 14.83 -53.97
C ARG A 330 5.38 13.44 -54.59
N GLY A 331 4.66 13.36 -55.71
CA GLY A 331 4.47 12.05 -56.30
C GLY A 331 3.59 11.17 -55.43
N LEU A 332 3.84 9.87 -55.50
CA LEU A 332 3.15 8.91 -54.66
C LEU A 332 3.99 8.56 -53.45
N PRO A 333 3.38 8.05 -52.38
CA PRO A 333 4.17 7.50 -51.28
C PRO A 333 5.05 6.36 -51.78
N SER A 334 6.06 6.02 -50.98
CA SER A 334 7.05 5.03 -51.40
C SER A 334 6.42 3.67 -51.68
N ASN A 335 5.29 3.36 -51.05
CA ASN A 335 4.60 2.11 -51.33
C ASN A 335 3.73 2.17 -52.59
N ASN A 336 3.72 3.31 -53.30
CA ASN A 336 2.90 3.52 -54.49
C ASN A 336 1.41 3.47 -54.20
N SER A 337 1.00 3.71 -52.96
CA SER A 337 -0.39 3.56 -52.55
C SER A 337 -0.95 4.88 -52.06
N LEU A 338 -2.21 5.14 -52.40
CA LEU A 338 -2.97 6.25 -51.84
C LEU A 338 -3.88 5.82 -50.68
N ASP A 339 -3.64 4.64 -50.11
CA ASP A 339 -4.52 4.11 -49.07
C ASP A 339 -4.62 5.05 -47.87
N PHE A 340 -3.56 5.80 -47.58
CA PHE A 340 -3.59 6.71 -46.43
C PHE A 340 -4.63 7.82 -46.58
N LEU A 341 -5.22 7.98 -47.75
CA LEU A 341 -6.31 8.95 -47.93
C LEU A 341 -7.60 8.37 -47.38
N MET B 3 7.66 -3.27 15.38
CA MET B 3 6.92 -2.40 14.47
C MET B 3 6.12 -3.21 13.46
N ASP B 4 6.75 -4.20 12.83
CA ASP B 4 5.99 -5.19 12.08
C ASP B 4 5.12 -6.01 13.02
N ASP B 5 5.62 -6.27 14.23
CA ASP B 5 4.81 -6.92 15.25
C ASP B 5 3.61 -6.07 15.62
N GLU B 6 3.81 -4.75 15.72
CA GLU B 6 2.70 -3.85 15.96
C GLU B 6 1.71 -3.87 14.80
N TYR B 7 2.20 -3.85 13.56
CA TYR B 7 1.33 -3.97 12.40
C TYR B 7 0.53 -5.26 12.45
N THR B 8 1.20 -6.37 12.75
CA THR B 8 0.51 -7.66 12.82
C THR B 8 -0.65 -7.61 13.81
N LYS B 9 -0.41 -7.09 15.01
CA LYS B 9 -1.48 -7.04 15.98
C LYS B 9 -2.54 -6.04 15.57
N LEU B 10 -2.12 -4.88 15.06
CA LEU B 10 -3.06 -3.85 14.67
C LEU B 10 -3.99 -4.35 13.58
N LEU B 11 -3.50 -5.22 12.69
CA LEU B 11 -4.33 -5.75 11.62
C LEU B 11 -5.15 -6.96 12.03
N HIS B 12 -4.59 -7.89 12.82
CA HIS B 12 -5.24 -9.19 12.99
C HIS B 12 -6.01 -9.35 14.30
N ASP B 13 -5.80 -8.48 15.28
CA ASP B 13 -6.63 -8.47 16.47
C ASP B 13 -7.91 -7.66 16.20
N GLY B 14 -8.95 -7.93 16.99
CA GLY B 14 -10.15 -7.12 16.88
C GLY B 14 -9.88 -5.67 17.26
N ILE B 15 -10.60 -4.75 16.64
CA ILE B 15 -10.56 -3.35 17.06
C ILE B 15 -11.38 -3.21 18.33
N GLN B 16 -10.73 -2.75 19.40
CA GLN B 16 -11.34 -2.71 20.72
C GLN B 16 -12.48 -1.68 20.76
N PRO B 17 -13.58 -1.98 21.45
CA PRO B 17 -14.59 -0.94 21.69
C PRO B 17 -13.97 0.22 22.46
N VAL B 18 -14.40 1.45 22.13
CA VAL B 18 -13.79 2.62 22.74
C VAL B 18 -13.91 2.59 24.26
N ALA B 19 -15.07 2.17 24.78
CA ALA B 19 -15.26 2.13 26.23
C ALA B 19 -14.31 1.16 26.91
N ALA B 20 -13.79 0.18 26.18
CA ALA B 20 -12.84 -0.74 26.79
C ALA B 20 -11.45 -0.13 26.96
N ILE B 21 -11.13 0.93 26.20
CA ILE B 21 -9.88 1.64 26.41
C ILE B 21 -9.87 2.31 27.78
N ASP B 22 -10.97 2.97 28.11
CA ASP B 22 -11.14 3.68 29.37
C ASP B 22 -12.60 4.02 29.49
N SER B 23 -13.16 3.85 30.69
CA SER B 23 -14.57 4.15 30.91
C SER B 23 -14.92 5.59 30.56
N ASN B 24 -13.94 6.50 30.60
CA ASN B 24 -14.16 7.91 30.38
C ASN B 24 -13.68 8.39 29.01
N PHE B 25 -13.41 7.46 28.09
CA PHE B 25 -12.69 7.80 26.86
C PHE B 25 -13.42 8.82 26.02
N ALA B 26 -14.76 8.84 26.07
CA ALA B 26 -15.53 9.74 25.22
C ALA B 26 -15.95 11.03 25.94
N SER B 27 -15.31 11.34 27.06
CA SER B 27 -15.67 12.49 27.88
C SER B 27 -14.67 13.62 27.71
N PHE B 28 -15.16 14.86 27.82
CA PHE B 28 -14.29 16.02 27.75
C PHE B 28 -13.29 16.05 28.89
N THR B 29 -13.53 15.28 29.96
CA THR B 29 -12.60 15.26 31.08
C THR B 29 -11.43 14.31 30.85
N TYR B 30 -11.51 13.46 29.83
CA TYR B 30 -10.45 12.48 29.60
C TYR B 30 -9.21 13.17 29.03
N THR B 31 -8.04 12.75 29.53
CA THR B 31 -6.75 13.25 29.04
C THR B 31 -6.09 12.21 28.13
N PRO B 32 -6.16 12.37 26.80
CA PRO B 32 -5.59 11.36 25.91
C PRO B 32 -4.09 11.18 26.05
N ARG B 33 -3.37 12.18 26.56
CA ARG B 33 -1.94 11.98 26.76
C ARG B 33 -1.65 10.96 27.87
N SER B 34 -2.66 10.57 28.65
CA SER B 34 -2.49 9.50 29.64
C SER B 34 -2.37 8.13 28.99
N LEU B 35 -2.83 7.98 27.76
CA LEU B 35 -2.75 6.71 27.09
C LEU B 35 -1.30 6.43 26.71
N PRO B 36 -0.78 5.24 27.01
CA PRO B 36 0.58 4.90 26.56
C PRO B 36 0.70 5.03 25.05
N GLU B 37 1.85 5.54 24.61
CA GLU B 37 2.07 5.74 23.17
C GLU B 37 1.86 4.45 22.39
N ASP B 38 2.25 3.31 22.98
CA ASP B 38 2.09 2.01 22.33
C ASP B 38 0.63 1.65 22.07
N ASP B 39 -0.32 2.29 22.74
CA ASP B 39 -1.73 2.02 22.52
C ASP B 39 -2.42 3.04 21.62
N THR B 40 -1.69 4.02 21.09
CA THR B 40 -2.39 5.11 20.39
C THR B 40 -2.89 4.71 19.02
N SER B 41 -2.12 3.92 18.27
CA SER B 41 -2.60 3.51 16.94
C SER B 41 -3.87 2.66 17.05
N MET B 42 -3.92 1.76 18.03
CA MET B 42 -5.14 0.99 18.21
C MET B 42 -6.31 1.89 18.60
N ALA B 43 -6.05 2.92 19.41
CA ALA B 43 -7.11 3.84 19.80
C ALA B 43 -7.63 4.63 18.60
N ILE B 44 -6.73 4.99 17.67
CA ILE B 44 -7.17 5.60 16.41
C ILE B 44 -8.18 4.70 15.71
N LEU B 45 -7.85 3.41 15.59
CA LEU B 45 -8.78 2.48 14.93
C LEU B 45 -10.09 2.39 15.70
N SER B 46 -10.00 2.39 17.03
CA SER B 46 -11.22 2.30 17.84
C SER B 46 -12.13 3.50 17.58
N MET B 47 -11.56 4.70 17.47
CA MET B 47 -12.38 5.88 17.20
C MET B 47 -12.95 5.85 15.79
N LEU B 48 -12.15 5.43 14.81
CA LEU B 48 -12.66 5.32 13.45
C LEU B 48 -13.82 4.34 13.38
N GLN B 49 -13.70 3.22 14.09
CA GLN B 49 -14.78 2.23 14.10
C GLN B 49 -16.03 2.80 14.77
N ASP B 50 -15.86 3.53 15.88
CA ASP B 50 -17.02 4.05 16.58
C ASP B 50 -17.74 5.13 15.76
N MET B 51 -17.00 5.89 14.95
CA MET B 51 -17.62 6.89 14.10
C MET B 51 -18.18 6.30 12.80
N ASN B 52 -18.06 4.99 12.62
CA ASN B 52 -18.59 4.26 11.48
C ASN B 52 -17.91 4.61 10.15
N PHE B 53 -16.69 5.13 10.20
CA PHE B 53 -16.02 5.53 8.97
C PHE B 53 -15.43 4.35 8.22
N ILE B 54 -15.00 3.32 8.95
CA ILE B 54 -14.45 2.13 8.30
C ILE B 54 -15.50 1.51 7.38
N ASN B 55 -16.77 1.57 7.78
CA ASN B 55 -17.85 1.02 6.97
C ASN B 55 -18.34 2.00 5.90
N ASN B 56 -18.60 3.25 6.27
CA ASN B 56 -19.15 4.20 5.31
C ASN B 56 -18.22 4.40 4.12
N TYR B 57 -16.91 4.32 4.34
CA TYR B 57 -15.92 4.57 3.29
C TYR B 57 -15.19 3.29 2.88
N LYS B 58 -15.76 2.13 3.25
CA LYS B 58 -15.27 0.81 2.86
C LYS B 58 -13.74 0.72 2.91
N ILE B 59 -13.18 1.06 4.07
CA ILE B 59 -11.73 1.12 4.20
C ILE B 59 -11.17 -0.28 4.42
N ASP B 60 -10.30 -0.71 3.51
CA ASP B 60 -9.57 -1.96 3.66
C ASP B 60 -8.75 -1.94 4.94
N CYS B 61 -8.95 -2.96 5.78
CA CYS B 61 -8.26 -3.01 7.07
C CYS B 61 -6.74 -2.99 6.95
N PRO B 62 -6.09 -3.81 6.10
CA PRO B 62 -4.63 -3.68 5.97
C PRO B 62 -4.20 -2.28 5.58
N THR B 63 -4.96 -1.66 4.67
CA THR B 63 -4.61 -0.32 4.23
C THR B 63 -4.69 0.67 5.38
N LEU B 64 -5.73 0.55 6.21
CA LEU B 64 -5.91 1.48 7.32
C LEU B 64 -4.84 1.28 8.40
N ALA B 65 -4.50 0.02 8.71
CA ALA B 65 -3.42 -0.25 9.67
C ALA B 65 -2.10 0.31 9.17
N ARG B 66 -1.81 0.11 7.88
CA ARG B 66 -0.58 0.66 7.30
C ARG B 66 -0.58 2.19 7.35
N PHE B 67 -1.69 2.82 6.98
CA PHE B 67 -1.78 4.28 7.00
C PHE B 67 -1.55 4.84 8.40
N CYS B 68 -2.22 4.28 9.40
CA CYS B 68 -2.05 4.76 10.78
C CYS B 68 -0.60 4.69 11.22
N LEU B 69 0.11 3.60 10.88
CA LEU B 69 1.50 3.46 11.32
C LEU B 69 2.42 4.39 10.53
N MET B 70 2.15 4.56 9.23
CA MET B 70 2.93 5.52 8.44
C MET B 70 2.75 6.94 8.96
N VAL B 71 1.53 7.31 9.33
CA VAL B 71 1.30 8.65 9.87
C VAL B 71 2.10 8.83 11.16
N LYS B 72 2.02 7.86 12.07
CA LYS B 72 2.75 7.96 13.33
C LYS B 72 4.25 8.06 13.08
N LYS B 73 4.77 7.22 12.19
CA LYS B 73 6.17 7.24 11.79
C LYS B 73 6.58 8.56 11.18
N GLY B 74 5.62 9.33 10.65
CA GLY B 74 5.92 10.56 9.96
C GLY B 74 6.14 11.76 10.84
N TYR B 75 5.98 11.60 12.16
CA TYR B 75 6.31 12.63 13.13
C TYR B 75 7.73 12.45 13.65
N ARG B 76 8.43 13.57 13.84
CA ARG B 76 9.70 13.57 14.54
C ARG B 76 9.41 13.67 16.04
N ASP B 77 10.44 13.96 16.84
CA ASP B 77 10.29 14.00 18.30
C ASP B 77 10.77 15.32 18.91
N PRO B 78 10.31 16.48 18.40
CA PRO B 78 10.52 17.71 19.17
C PRO B 78 9.68 17.66 20.42
N PRO B 79 9.90 18.56 21.38
CA PRO B 79 9.19 18.44 22.66
C PRO B 79 7.67 18.47 22.56
N TYR B 80 7.10 19.31 21.68
CA TYR B 80 5.65 19.43 21.58
C TYR B 80 5.07 18.85 20.29
N HIS B 81 5.56 19.25 19.12
CA HIS B 81 4.95 18.87 17.84
C HIS B 81 5.39 17.46 17.42
N ASN B 82 4.93 16.47 18.18
CA ASN B 82 5.24 15.05 17.97
C ASN B 82 3.93 14.28 17.80
N TRP B 83 4.03 12.95 17.67
CA TRP B 83 2.83 12.13 17.45
C TRP B 83 1.82 12.24 18.59
N MET B 84 2.28 12.35 19.84
CA MET B 84 1.31 12.45 20.92
C MET B 84 0.47 13.71 20.82
N HIS B 85 1.03 14.79 20.25
CA HIS B 85 0.21 15.96 19.96
C HIS B 85 -0.84 15.63 18.90
N ALA B 86 -0.43 15.06 17.76
CA ALA B 86 -1.38 14.68 16.73
C ALA B 86 -2.43 13.70 17.25
N PHE B 87 -2.02 12.73 18.07
CA PHE B 87 -3.01 11.81 18.64
C PHE B 87 -4.01 12.54 19.52
N SER B 88 -3.53 13.43 20.40
CA SER B 88 -4.45 14.10 21.30
C SER B 88 -5.38 15.05 20.55
N VAL B 89 -4.89 15.65 19.46
CA VAL B 89 -5.74 16.51 18.64
C VAL B 89 -6.84 15.68 17.98
N SER B 90 -6.45 14.52 17.43
CA SER B 90 -7.41 13.60 16.81
C SER B 90 -8.43 13.11 17.83
N HIS B 91 -7.96 12.82 19.07
CA HIS B 91 -8.90 12.41 20.09
C HIS B 91 -9.93 13.50 20.35
N PHE B 92 -9.50 14.77 20.35
CA PHE B 92 -10.47 15.83 20.59
C PHE B 92 -11.49 15.92 19.47
N CYS B 93 -11.07 15.64 18.22
CA CYS B 93 -12.03 15.61 17.12
C CYS B 93 -13.11 14.59 17.39
N TYR B 94 -12.71 13.40 17.83
CA TYR B 94 -13.66 12.37 18.20
C TYR B 94 -14.57 12.83 19.34
N LEU B 95 -14.01 13.54 20.33
CA LEU B 95 -14.85 14.07 21.41
C LEU B 95 -15.91 15.03 20.88
N LEU B 96 -15.52 15.90 19.94
CA LEU B 96 -16.50 16.83 19.37
C LEU B 96 -17.57 16.06 18.60
N TYR B 97 -17.15 15.04 17.83
CA TYR B 97 -18.12 14.18 17.14
C TYR B 97 -19.14 13.59 18.11
N LYS B 98 -18.65 13.01 19.21
CA LYS B 98 -19.54 12.29 20.14
C LYS B 98 -20.38 13.23 21.00
N ASN B 99 -19.82 14.36 21.42
CA ASN B 99 -20.48 15.21 22.40
C ASN B 99 -21.31 16.33 21.76
N LEU B 100 -20.89 16.82 20.60
CA LEU B 100 -21.60 17.91 19.92
C LEU B 100 -22.49 17.41 18.80
N GLU B 101 -22.50 16.12 18.50
CA GLU B 101 -23.35 15.54 17.45
C GLU B 101 -23.10 16.19 16.10
N LEU B 102 -21.83 16.13 15.67
CA LEU B 102 -21.44 16.81 14.45
C LEU B 102 -22.18 16.33 13.21
N THR B 103 -22.75 15.12 13.22
CA THR B 103 -23.45 14.64 12.04
C THR B 103 -24.70 15.47 11.72
N ASN B 104 -25.18 16.27 12.67
CA ASN B 104 -26.28 17.19 12.45
C ASN B 104 -25.85 18.54 11.88
N TYR B 105 -24.55 18.79 11.74
CA TYR B 105 -24.04 20.06 11.23
C TYR B 105 -23.22 19.92 9.96
N LEU B 106 -22.50 18.82 9.82
CA LEU B 106 -21.53 18.66 8.75
C LEU B 106 -21.84 17.39 8.00
N GLU B 107 -21.48 17.38 6.71
CA GLU B 107 -21.57 16.16 5.92
C GLU B 107 -20.57 15.12 6.45
N ASP B 108 -20.90 13.85 6.26
CA ASP B 108 -20.04 12.80 6.79
C ASP B 108 -18.63 12.86 6.19
N ILE B 109 -18.54 13.17 4.89
CA ILE B 109 -17.22 13.30 4.26
C ILE B 109 -16.41 14.43 4.88
N GLU B 110 -17.08 15.50 5.35
CA GLU B 110 -16.36 16.60 5.98
C GLU B 110 -15.82 16.20 7.35
N ILE B 111 -16.60 15.43 8.11
CA ILE B 111 -16.14 14.97 9.43
C ILE B 111 -14.96 14.03 9.27
N PHE B 112 -15.03 13.14 8.27
CA PHE B 112 -13.94 12.21 8.00
C PHE B 112 -12.67 12.98 7.63
N ALA B 113 -12.80 13.95 6.71
CA ALA B 113 -11.67 14.80 6.36
C ALA B 113 -11.08 15.49 7.58
N LEU B 114 -11.93 16.03 8.47
CA LEU B 114 -11.44 16.67 9.68
C LEU B 114 -10.59 15.72 10.52
N PHE B 115 -11.11 14.50 10.75
CA PHE B 115 -10.39 13.57 11.61
C PHE B 115 -9.06 13.14 11.00
N ILE B 116 -9.05 12.83 9.70
CA ILE B 116 -7.80 12.46 9.06
C ILE B 116 -6.84 13.64 9.07
N SER B 117 -7.34 14.85 8.81
CA SER B 117 -6.50 16.04 8.89
C SER B 117 -5.90 16.20 10.29
N CYS B 118 -6.67 15.94 11.35
CA CYS B 118 -6.09 16.00 12.69
C CYS B 118 -4.89 15.06 12.84
N MET B 119 -5.01 13.82 12.34
CA MET B 119 -3.90 12.87 12.44
C MET B 119 -2.66 13.39 11.73
N CYS B 120 -2.86 14.08 10.59
CA CYS B 120 -1.78 14.44 9.69
C CYS B 120 -1.26 15.87 9.84
N HIS B 121 -1.91 16.69 10.65
CA HIS B 121 -1.82 18.15 10.50
C HIS B 121 -0.48 18.76 10.93
N ASP B 122 0.39 18.01 11.61
CA ASP B 122 1.74 18.48 11.93
C ASP B 122 2.83 17.55 11.41
N LEU B 123 2.55 16.75 10.38
CA LEU B 123 3.50 15.75 9.92
C LEU B 123 4.85 16.37 9.60
N ASP B 124 5.91 15.71 10.07
CA ASP B 124 7.28 16.11 9.76
C ASP B 124 7.67 17.46 10.36
N HIS B 125 6.98 17.89 11.42
CA HIS B 125 7.35 19.13 12.10
C HIS B 125 8.75 19.00 12.68
N ARG B 126 9.52 20.09 12.56
CA ARG B 126 10.91 20.09 13.01
C ARG B 126 11.12 20.88 14.30
N GLY B 127 10.04 21.35 14.93
CA GLY B 127 10.19 22.16 16.12
C GLY B 127 10.51 23.61 15.84
N THR B 128 10.20 24.09 14.64
CA THR B 128 10.43 25.49 14.29
C THR B 128 9.20 26.06 13.61
N ASN B 129 9.02 27.37 13.75
CA ASN B 129 7.80 28.01 13.24
C ASN B 129 7.97 28.40 11.78
N ASN B 130 6.94 29.09 11.25
CA ASN B 130 6.96 29.49 9.85
C ASN B 130 7.98 30.59 9.60
N SER B 131 8.08 31.56 10.51
CA SER B 131 9.08 32.61 10.37
C SER B 131 10.49 32.03 10.25
N PHE B 132 10.79 30.98 11.02
CA PHE B 132 12.13 30.41 10.94
C PHE B 132 12.43 29.85 9.55
N GLN B 133 11.44 29.19 8.93
CA GLN B 133 11.65 28.65 7.59
C GLN B 133 12.00 29.76 6.61
N VAL B 134 11.27 30.87 6.67
CA VAL B 134 11.51 31.98 5.76
C VAL B 134 12.89 32.57 5.99
N ALA B 135 13.16 32.97 7.24
CA ALA B 135 14.38 33.70 7.55
C ALA B 135 15.63 32.87 7.26
N SER B 136 15.55 31.56 7.48
CA SER B 136 16.67 30.67 7.21
C SER B 136 16.73 30.17 5.78
N LYS B 137 15.78 30.60 4.94
CA LYS B 137 15.73 30.16 3.54
C LYS B 137 15.75 28.63 3.45
N SER B 138 14.90 27.98 4.23
CA SER B 138 14.86 26.53 4.24
C SER B 138 14.28 26.02 2.94
N VAL B 139 14.47 24.72 2.69
CA VAL B 139 13.91 24.12 1.48
C VAL B 139 12.39 24.23 1.47
N LEU B 140 11.77 24.21 2.65
CA LEU B 140 10.31 24.30 2.72
C LEU B 140 9.84 25.68 2.26
N ALA B 141 10.53 26.73 2.71
CA ALA B 141 10.24 28.08 2.27
C ALA B 141 10.62 28.30 0.82
N ALA B 142 11.62 27.56 0.32
CA ALA B 142 12.02 27.67 -1.08
C ALA B 142 10.91 27.18 -1.99
N LEU B 143 10.22 26.11 -1.58
CA LEU B 143 9.12 25.56 -2.34
C LEU B 143 7.86 26.40 -2.20
N TYR B 144 7.48 26.71 -0.96
CA TYR B 144 6.24 27.43 -0.69
C TYR B 144 6.55 28.90 -0.50
N SER B 145 6.98 29.52 -1.60
CA SER B 145 7.58 30.85 -1.58
C SER B 145 6.56 31.98 -1.65
N SER B 146 5.30 31.69 -1.98
CA SER B 146 4.24 32.68 -1.76
C SER B 146 3.83 32.74 -0.30
N GLU B 147 4.19 31.72 0.46
CA GLU B 147 4.41 31.76 1.91
C GLU B 147 3.22 32.15 2.74
N GLY B 148 3.53 32.65 3.93
CA GLY B 148 2.64 32.55 5.06
C GLY B 148 2.83 31.17 5.66
N SER B 149 1.98 30.23 5.24
CA SER B 149 1.78 28.96 5.96
C SER B 149 2.72 27.86 5.44
N VAL B 150 4.03 28.10 5.58
CA VAL B 150 5.02 27.20 4.99
C VAL B 150 4.90 25.80 5.58
N MET B 151 4.91 25.70 6.92
CA MET B 151 4.89 24.37 7.52
C MET B 151 3.59 23.65 7.21
N GLU B 152 2.47 24.38 7.17
CA GLU B 152 1.19 23.71 6.96
C GLU B 152 1.10 23.16 5.54
N ARG B 153 1.64 23.90 4.58
CA ARG B 153 1.76 23.37 3.23
C ARG B 153 2.57 22.08 3.22
N HIS B 154 3.66 22.05 3.99
CA HIS B 154 4.47 20.83 4.08
C HIS B 154 3.72 19.69 4.77
N HIS B 155 3.01 19.96 5.87
CA HIS B 155 2.25 18.91 6.53
C HIS B 155 1.27 18.26 5.55
N PHE B 156 0.57 19.09 4.76
CA PHE B 156 -0.34 18.57 3.74
C PHE B 156 0.40 17.74 2.70
N ALA B 157 1.54 18.22 2.23
CA ALA B 157 2.34 17.46 1.26
C ALA B 157 2.74 16.10 1.81
N GLN B 158 3.11 16.02 3.09
CA GLN B 158 3.50 14.75 3.66
C GLN B 158 2.30 13.80 3.73
N ALA B 159 1.12 14.35 4.04
CA ALA B 159 -0.09 13.55 4.07
C ALA B 159 -0.37 12.98 2.67
N ILE B 160 -0.26 13.82 1.64
CA ILE B 160 -0.47 13.37 0.27
C ILE B 160 0.52 12.26 -0.09
N ALA B 161 1.79 12.42 0.33
CA ALA B 161 2.79 11.41 0.02
C ALA B 161 2.47 10.07 0.67
N ILE B 162 1.91 10.09 1.88
CA ILE B 162 1.51 8.84 2.52
C ILE B 162 0.35 8.21 1.77
N LEU B 163 -0.67 9.01 1.44
CA LEU B 163 -1.81 8.48 0.71
C LEU B 163 -1.40 7.89 -0.62
N ASN B 164 -0.31 8.37 -1.21
CA ASN B 164 0.16 7.86 -2.49
C ASN B 164 1.19 6.75 -2.36
N THR B 165 1.51 6.34 -1.15
CA THR B 165 2.42 5.21 -0.96
C THR B 165 1.65 3.91 -1.12
N HIS B 166 2.26 2.96 -1.83
CA HIS B 166 1.63 1.66 -2.05
C HIS B 166 1.09 1.09 -0.75
N GLY B 167 -0.19 0.76 -0.73
CA GLY B 167 -0.78 0.09 0.42
C GLY B 167 -1.29 1.01 1.51
N CYS B 168 -1.31 2.32 1.28
CA CYS B 168 -1.71 3.29 2.29
C CYS B 168 -2.87 4.19 1.88
N ASN B 169 -3.44 4.01 0.69
CA ASN B 169 -4.49 4.95 0.26
C ASN B 169 -5.83 4.55 0.85
N ILE B 170 -6.13 5.10 2.02
CA ILE B 170 -7.41 4.86 2.68
C ILE B 170 -8.58 5.52 1.97
N PHE B 171 -8.33 6.35 0.95
CA PHE B 171 -9.38 6.99 0.18
C PHE B 171 -9.66 6.27 -1.14
N ASP B 172 -9.19 5.02 -1.27
CA ASP B 172 -9.32 4.29 -2.52
C ASP B 172 -10.77 4.07 -2.92
N HIS B 173 -11.69 4.04 -1.95
CA HIS B 173 -13.10 3.80 -2.23
C HIS B 173 -13.79 4.99 -2.94
N PHE B 174 -13.23 6.19 -2.83
CA PHE B 174 -13.89 7.37 -3.41
C PHE B 174 -13.80 7.38 -4.93
N SER B 175 -14.87 7.85 -5.56
CA SER B 175 -14.81 8.23 -6.98
C SER B 175 -13.75 9.29 -7.16
N ARG B 176 -13.32 9.50 -8.41
CA ARG B 176 -12.32 10.53 -8.66
C ARG B 176 -12.81 11.90 -8.21
N LYS B 177 -14.10 12.17 -8.36
CA LYS B 177 -14.64 13.44 -7.88
C LYS B 177 -14.52 13.56 -6.37
N ASP B 178 -14.97 12.54 -5.64
CA ASP B 178 -14.89 12.63 -4.18
C ASP B 178 -13.44 12.57 -3.68
N TYR B 179 -12.56 11.93 -4.42
CA TYR B 179 -11.15 11.92 -4.03
C TYR B 179 -10.57 13.34 -4.09
N GLN B 180 -10.85 14.07 -5.17
CA GLN B 180 -10.43 15.47 -5.24
C GLN B 180 -11.07 16.28 -4.12
N ARG B 181 -12.36 16.08 -3.85
CA ARG B 181 -13.00 16.80 -2.76
C ARG B 181 -12.28 16.57 -1.44
N MET B 182 -11.89 15.32 -1.19
CA MET B 182 -11.20 14.97 0.05
C MET B 182 -9.87 15.68 0.15
N LEU B 183 -9.08 15.64 -0.93
CA LEU B 183 -7.77 16.30 -0.93
C LEU B 183 -7.93 17.79 -0.69
N ASP B 184 -8.91 18.42 -1.33
CA ASP B 184 -9.12 19.85 -1.17
C ASP B 184 -9.60 20.19 0.25
N LEU B 185 -10.46 19.33 0.84
CA LEU B 185 -10.86 19.51 2.23
C LEU B 185 -9.65 19.41 3.15
N MET B 186 -8.79 18.41 2.95
CA MET B 186 -7.64 18.26 3.84
C MET B 186 -6.68 19.44 3.72
N ARG B 187 -6.50 19.99 2.53
CA ARG B 187 -5.63 21.16 2.41
C ARG B 187 -6.22 22.33 3.16
N ASP B 188 -7.52 22.56 2.99
CA ASP B 188 -8.16 23.68 3.69
C ASP B 188 -8.08 23.52 5.20
N ILE B 189 -8.30 22.31 5.71
CA ILE B 189 -8.33 22.09 7.15
C ILE B 189 -6.93 22.20 7.73
N ILE B 190 -5.94 21.61 7.05
CA ILE B 190 -4.57 21.71 7.55
C ILE B 190 -4.07 23.13 7.49
N LEU B 191 -4.40 23.87 6.43
CA LEU B 191 -4.00 25.28 6.36
C LEU B 191 -4.62 26.09 7.48
N ALA B 192 -5.81 25.70 7.95
CA ALA B 192 -6.49 26.40 9.02
C ALA B 192 -5.73 26.35 10.34
N THR B 193 -4.81 25.39 10.50
CA THR B 193 -4.03 25.29 11.75
C THR B 193 -2.97 26.37 11.89
N ASP B 194 -2.70 27.15 10.84
CA ASP B 194 -1.86 28.34 11.01
C ASP B 194 -2.67 29.34 11.82
N LEU B 195 -2.20 29.69 13.02
CA LEU B 195 -2.94 30.68 13.79
C LEU B 195 -3.05 32.02 13.06
N ALA B 196 -2.13 32.32 12.13
CA ALA B 196 -2.28 33.53 11.32
C ALA B 196 -3.57 33.47 10.52
N HIS B 197 -3.92 32.29 10.01
CA HIS B 197 -5.16 32.09 9.28
C HIS B 197 -6.35 32.29 10.21
N HIS B 198 -6.31 31.68 11.40
CA HIS B 198 -7.38 31.87 12.37
C HIS B 198 -7.62 33.33 12.66
N LEU B 199 -6.55 34.11 12.90
CA LEU B 199 -6.73 35.53 13.18
C LEU B 199 -7.36 36.25 12.00
N ARG B 200 -7.01 35.87 10.76
CA ARG B 200 -7.59 36.50 9.58
C ARG B 200 -9.09 36.23 9.46
N ILE B 201 -9.57 35.05 9.86
CA ILE B 201 -10.99 34.71 9.71
C ILE B 201 -11.80 34.94 10.99
N PHE B 202 -11.17 35.44 12.06
CA PHE B 202 -11.85 35.52 13.35
C PHE B 202 -13.14 36.33 13.27
N LYS B 203 -13.12 37.47 12.55
CA LYS B 203 -14.33 38.28 12.44
C LYS B 203 -15.44 37.53 11.72
N ASP B 204 -15.09 36.71 10.72
CA ASP B 204 -16.10 35.92 10.02
C ASP B 204 -16.64 34.81 10.92
N LEU B 205 -15.78 34.20 11.73
CA LEU B 205 -16.27 33.26 12.73
C LEU B 205 -17.21 33.95 13.71
N GLN B 206 -16.85 35.16 14.16
CA GLN B 206 -17.70 35.90 15.10
C GLN B 206 -19.06 36.20 14.48
N LYS B 207 -19.08 36.60 13.21
CA LYS B 207 -20.35 36.88 12.55
C LYS B 207 -21.20 35.61 12.44
N MET B 208 -20.59 34.49 12.05
CA MET B 208 -21.33 33.23 11.96
C MET B 208 -21.94 32.85 13.31
N ALA B 209 -21.17 33.00 14.40
CA ALA B 209 -21.72 32.70 15.71
C ALA B 209 -22.87 33.62 16.07
N GLU B 210 -22.83 34.88 15.61
CA GLU B 210 -23.89 35.82 15.95
C GLU B 210 -25.17 35.54 15.18
N VAL B 211 -25.06 35.22 13.89
CA VAL B 211 -26.26 34.94 13.11
C VAL B 211 -26.73 33.51 13.35
N GLY B 212 -25.84 32.61 13.72
CA GLY B 212 -26.19 31.22 13.89
C GLY B 212 -25.76 30.38 12.71
N TYR B 213 -25.30 29.16 12.97
CA TYR B 213 -24.84 28.28 11.90
C TYR B 213 -26.01 27.85 11.02
N ASP B 214 -25.81 27.96 9.71
CA ASP B 214 -26.79 27.52 8.73
C ASP B 214 -26.15 26.39 7.93
N ARG B 215 -26.66 25.17 8.10
CA ARG B 215 -26.11 24.03 7.39
C ARG B 215 -26.28 24.13 5.88
N ASN B 216 -27.19 24.96 5.39
CA ASN B 216 -27.35 25.14 3.95
C ASN B 216 -26.48 26.27 3.40
N ASN B 217 -25.56 26.78 4.22
CA ASN B 217 -24.64 27.84 3.85
C ASN B 217 -23.26 27.18 3.69
N LYS B 218 -22.79 27.08 2.44
CA LYS B 218 -21.51 26.43 2.20
C LYS B 218 -20.35 27.17 2.87
N GLN B 219 -20.45 28.51 2.95
CA GLN B 219 -19.40 29.26 3.66
C GLN B 219 -19.37 28.88 5.13
N HIS B 220 -20.55 28.64 5.74
CA HIS B 220 -20.59 28.24 7.14
C HIS B 220 -19.91 26.89 7.35
N HIS B 221 -20.06 25.95 6.43
CA HIS B 221 -19.35 24.68 6.56
C HIS B 221 -17.85 24.92 6.61
N ARG B 222 -17.36 25.76 5.68
CA ARG B 222 -15.92 26.02 5.59
C ARG B 222 -15.40 26.69 6.87
N LEU B 223 -16.12 27.72 7.35
CA LEU B 223 -15.71 28.36 8.59
C LEU B 223 -15.79 27.41 9.77
N LEU B 224 -16.86 26.60 9.86
CA LEU B 224 -16.98 25.69 10.99
C LEU B 224 -15.85 24.69 11.02
N LEU B 225 -15.46 24.17 9.85
CA LEU B 225 -14.33 23.22 9.81
C LEU B 225 -13.07 23.89 10.35
N CYS B 226 -12.85 25.16 10.00
CA CYS B 226 -11.67 25.87 10.50
C CYS B 226 -11.71 25.98 12.02
N LEU B 227 -12.85 26.43 12.55
CA LEU B 227 -12.95 26.62 13.98
C LEU B 227 -12.78 25.31 14.74
N LEU B 228 -13.40 24.24 14.24
CA LEU B 228 -13.26 22.94 14.90
C LEU B 228 -11.80 22.50 14.89
N MET B 229 -11.12 22.67 13.75
CA MET B 229 -9.72 22.27 13.65
C MET B 229 -8.87 23.03 14.65
N THR B 230 -9.06 24.35 14.75
CA THR B 230 -8.33 25.12 15.75
C THR B 230 -8.66 24.63 17.16
N SER B 231 -9.94 24.34 17.42
CA SER B 231 -10.32 23.89 18.76
C SER B 231 -9.66 22.58 19.10
N CYS B 232 -9.47 21.71 18.10
CA CYS B 232 -8.76 20.45 18.35
C CYS B 232 -7.28 20.72 18.61
N ASP B 233 -6.68 21.63 17.82
CA ASP B 233 -5.24 21.90 17.92
C ASP B 233 -4.86 22.50 19.28
N LEU B 234 -5.75 23.28 19.90
CA LEU B 234 -5.48 23.92 21.19
C LEU B 234 -6.09 23.17 22.37
N SER B 235 -6.62 21.97 22.15
CA SER B 235 -7.47 21.31 23.14
C SER B 235 -6.74 20.91 24.43
N ASP B 236 -5.40 20.84 24.41
CA ASP B 236 -4.65 20.61 25.65
C ASP B 236 -5.03 21.62 26.73
N GLN B 237 -5.48 22.81 26.33
CA GLN B 237 -5.83 23.86 27.28
C GLN B 237 -7.21 23.66 27.91
N THR B 238 -8.00 22.70 27.43
CA THR B 238 -9.32 22.40 27.96
C THR B 238 -9.31 21.29 29.00
N LYS B 239 -8.14 20.79 29.38
CA LYS B 239 -8.01 19.75 30.39
C LYS B 239 -7.72 20.40 31.76
N GLY B 240 -7.10 19.64 32.68
CA GLY B 240 -6.82 20.15 34.01
C GLY B 240 -5.51 20.92 34.07
N TRP B 241 -5.22 21.45 35.26
CA TRP B 241 -4.02 22.26 35.44
C TRP B 241 -2.76 21.47 35.13
N LYS B 242 -2.72 20.20 35.51
CA LYS B 242 -1.50 19.42 35.29
C LYS B 242 -1.16 19.34 33.81
N THR B 243 -2.19 19.22 32.96
CA THR B 243 -1.96 19.16 31.53
C THR B 243 -1.45 20.49 30.97
N THR B 244 -2.10 21.59 31.32
CA THR B 244 -1.64 22.89 30.81
C THR B 244 -0.23 23.19 31.30
N ARG B 245 0.08 22.81 32.54
CA ARG B 245 1.44 23.04 33.05
C ARG B 245 2.46 22.25 32.25
N LYS B 246 2.21 20.95 32.05
CA LYS B 246 3.14 20.12 31.30
C LYS B 246 3.27 20.60 29.86
N ILE B 247 2.14 20.91 29.21
CA ILE B 247 2.19 21.40 27.83
C ILE B 247 3.04 22.66 27.74
N ALA B 248 2.97 23.52 28.76
CA ALA B 248 3.80 24.73 28.79
C ALA B 248 5.28 24.38 28.78
N GLU B 249 5.69 23.40 29.60
CA GLU B 249 7.09 22.97 29.60
C GLU B 249 7.52 22.52 28.21
N LEU B 250 6.66 21.76 27.52
CA LEU B 250 7.00 21.27 26.19
C LEU B 250 7.10 22.42 25.19
N ILE B 251 6.10 23.31 25.20
CA ILE B 251 6.07 24.39 24.23
C ILE B 251 7.31 25.27 24.37
N TYR B 252 7.61 25.68 25.60
CA TYR B 252 8.73 26.60 25.80
C TYR B 252 10.07 25.93 25.57
N LYS B 253 10.21 24.65 25.92
CA LYS B 253 11.42 23.92 25.54
C LYS B 253 11.64 24.00 24.04
N GLU B 254 10.62 23.68 23.25
CA GLU B 254 10.74 23.73 21.80
C GLU B 254 11.08 25.14 21.31
N PHE B 255 10.30 26.13 21.78
CA PHE B 255 10.54 27.53 21.40
C PHE B 255 11.97 27.96 21.71
N PHE B 256 12.45 27.66 22.93
CA PHE B 256 13.77 28.13 23.33
C PHE B 256 14.88 27.46 22.51
N SER B 257 14.69 26.21 22.09
CA SER B 257 15.68 25.59 21.21
C SER B 257 15.76 26.34 19.88
N GLN B 258 14.62 26.77 19.35
CA GLN B 258 14.65 27.55 18.12
C GLN B 258 15.38 28.88 18.34
N GLY B 259 15.08 29.55 19.45
CA GLY B 259 15.74 30.81 19.74
C GLY B 259 17.25 30.67 19.89
N ASP B 260 17.70 29.61 20.55
CA ASP B 260 19.14 29.39 20.70
C ASP B 260 19.80 29.27 19.34
N LEU B 261 19.17 28.54 18.42
CA LEU B 261 19.73 28.42 17.08
C LEU B 261 19.73 29.76 16.34
N GLU B 262 18.65 30.53 16.47
CA GLU B 262 18.61 31.84 15.84
C GLU B 262 19.72 32.75 16.34
N LYS B 263 19.99 32.74 17.64
CA LYS B 263 21.06 33.58 18.17
C LYS B 263 22.41 33.20 17.58
N ALA B 264 22.70 31.90 17.51
CA ALA B 264 23.98 31.47 16.93
C ALA B 264 24.09 31.87 15.47
N MET B 265 22.98 31.88 14.74
CA MET B 265 22.94 32.26 13.32
C MET B 265 23.01 33.75 13.11
N GLY B 266 22.90 34.56 14.17
CA GLY B 266 22.92 35.99 14.04
C GLY B 266 21.58 36.65 13.84
N ASN B 267 20.49 35.90 13.99
CA ASN B 267 19.16 36.45 13.90
C ASN B 267 18.62 36.65 15.31
N ARG B 268 17.71 37.62 15.45
CA ARG B 268 17.17 37.95 16.77
C ARG B 268 15.87 37.20 16.97
N PRO B 269 15.77 36.33 17.97
CA PRO B 269 14.53 35.57 18.15
C PRO B 269 13.39 36.44 18.65
N MET B 270 12.16 36.01 18.35
CA MET B 270 10.99 36.53 19.05
C MET B 270 11.20 36.42 20.55
N GLU B 271 10.59 37.35 21.29
CA GLU B 271 10.76 37.36 22.75
C GLU B 271 10.30 36.04 23.36
N MET B 272 9.22 35.45 22.83
CA MET B 272 8.71 34.22 23.43
C MET B 272 9.61 33.02 23.15
N MET B 273 10.62 33.16 22.29
CA MET B 273 11.56 32.09 22.01
C MET B 273 12.95 32.38 22.54
N ASP B 274 13.11 33.44 23.29
CA ASP B 274 14.40 33.85 23.84
C ASP B 274 14.39 33.52 25.34
N ARG B 275 15.10 32.45 25.70
CA ARG B 275 15.10 31.99 27.09
C ARG B 275 15.68 32.99 28.07
N GLU B 276 16.35 34.04 27.60
CA GLU B 276 16.89 35.07 28.48
C GLU B 276 15.95 36.25 28.68
N LYS B 277 14.87 36.34 27.88
CA LYS B 277 13.90 37.41 27.94
C LYS B 277 12.49 36.96 28.27
N ALA B 278 12.12 35.76 27.85
CA ALA B 278 10.75 35.28 28.02
C ALA B 278 10.40 35.14 29.49
N TYR B 279 9.25 35.68 29.87
CA TYR B 279 8.70 35.53 31.22
C TYR B 279 7.44 34.69 31.05
N ILE B 280 7.57 33.39 31.31
CA ILE B 280 6.53 32.42 30.95
C ILE B 280 5.13 32.79 31.41
N PRO B 281 4.89 33.17 32.67
CA PRO B 281 3.50 33.40 33.10
C PRO B 281 2.80 34.51 32.33
N GLU B 282 3.51 35.61 32.07
CA GLU B 282 2.90 36.69 31.31
C GLU B 282 2.59 36.25 29.88
N LEU B 283 3.51 35.51 29.27
CA LEU B 283 3.27 35.02 27.91
C LEU B 283 2.09 34.05 27.88
N GLN B 284 2.02 33.13 28.85
CA GLN B 284 0.92 32.17 28.91
C GLN B 284 -0.41 32.86 29.12
N ILE B 285 -0.46 33.82 30.05
CA ILE B 285 -1.71 34.50 30.33
C ILE B 285 -2.19 35.24 29.11
N SER B 286 -1.28 35.91 28.40
CA SER B 286 -1.65 36.62 27.18
C SER B 286 -2.19 35.67 26.13
N PHE B 287 -1.54 34.52 25.95
CA PHE B 287 -2.02 33.55 24.96
C PHE B 287 -3.39 33.02 25.33
N MET B 288 -3.61 32.72 26.62
CA MET B 288 -4.89 32.20 27.06
C MET B 288 -6.00 33.23 26.88
N GLU B 289 -5.73 34.48 27.26
CA GLU B 289 -6.77 35.49 27.23
C GLU B 289 -7.10 35.91 25.81
N HIS B 290 -6.09 36.08 24.96
CA HIS B 290 -6.28 36.71 23.66
C HIS B 290 -6.39 35.73 22.50
N ILE B 291 -5.97 34.48 22.67
CA ILE B 291 -6.09 33.50 21.60
C ILE B 291 -7.00 32.35 22.01
N ALA B 292 -6.65 31.68 23.12
CA ALA B 292 -7.35 30.43 23.43
C ALA B 292 -8.77 30.67 23.92
N MET B 293 -8.96 31.58 24.88
CA MET B 293 -10.31 31.83 25.38
C MET B 293 -11.29 32.26 24.30
N PRO B 294 -10.97 33.22 23.41
CA PRO B 294 -11.95 33.58 22.38
C PRO B 294 -12.32 32.43 21.44
N ILE B 295 -11.40 31.51 21.17
CA ILE B 295 -11.72 30.36 20.34
C ILE B 295 -12.81 29.52 20.99
N TYR B 296 -12.65 29.20 22.28
CA TYR B 296 -13.63 28.36 22.94
C TYR B 296 -14.91 29.11 23.28
N LYS B 297 -14.84 30.44 23.40
CA LYS B 297 -16.07 31.22 23.49
C LYS B 297 -16.87 31.10 22.20
N LEU B 298 -16.19 31.15 21.04
CA LEU B 298 -16.88 30.97 19.76
C LEU B 298 -17.53 29.59 19.69
N LEU B 299 -16.80 28.56 20.11
CA LEU B 299 -17.36 27.21 20.14
C LEU B 299 -18.59 27.13 21.04
N GLN B 300 -18.52 27.75 22.21
CA GLN B 300 -19.67 27.80 23.12
C GLN B 300 -20.85 28.53 22.50
N ASP B 301 -20.59 29.64 21.80
CA ASP B 301 -21.68 30.39 21.18
C ASP B 301 -22.39 29.58 20.10
N LEU B 302 -21.66 28.71 19.40
CA LEU B 302 -22.27 27.86 18.38
C LEU B 302 -22.90 26.60 18.97
N PHE B 303 -22.24 25.99 19.95
CA PHE B 303 -22.68 24.72 20.54
C PHE B 303 -22.77 24.88 22.04
N PRO B 304 -23.97 25.06 22.60
CA PRO B 304 -24.11 25.20 24.06
C PRO B 304 -23.46 24.08 24.86
N LYS B 305 -23.40 22.87 24.31
CA LYS B 305 -22.77 21.74 25.00
C LYS B 305 -21.25 21.88 25.12
N ALA B 306 -20.64 22.84 24.42
CA ALA B 306 -19.21 23.09 24.57
C ALA B 306 -18.90 24.05 25.70
N ALA B 307 -19.91 24.48 26.47
CA ALA B 307 -19.69 25.49 27.49
C ALA B 307 -18.59 25.09 28.47
N GLU B 308 -18.54 23.81 28.86
CA GLU B 308 -17.55 23.41 29.87
C GLU B 308 -16.13 23.58 29.37
N LEU B 309 -15.92 23.55 28.04
CA LEU B 309 -14.58 23.73 27.48
C LEU B 309 -14.10 25.16 27.69
N TYR B 310 -14.94 26.15 27.39
CA TYR B 310 -14.57 27.53 27.66
C TYR B 310 -14.31 27.75 29.15
N GLU B 311 -15.12 27.13 30.01
CA GLU B 311 -14.93 27.31 31.44
C GLU B 311 -13.60 26.71 31.92
N ARG B 312 -13.20 25.57 31.36
CA ARG B 312 -11.89 25.01 31.71
C ARG B 312 -10.76 25.92 31.27
N VAL B 313 -10.82 26.44 30.03
CA VAL B 313 -9.76 27.32 29.56
C VAL B 313 -9.65 28.55 30.44
N ALA B 314 -10.80 29.15 30.78
CA ALA B 314 -10.78 30.31 31.67
C ALA B 314 -10.23 29.96 33.05
N SER B 315 -10.61 28.80 33.58
CA SER B 315 -10.07 28.35 34.86
C SER B 315 -8.55 28.19 34.80
N ASN B 316 -8.05 27.58 33.73
CA ASN B 316 -6.60 27.40 33.58
C ASN B 316 -5.90 28.76 33.45
N ARG B 317 -6.54 29.71 32.77
CA ARG B 317 -6.01 31.07 32.70
C ARG B 317 -5.91 31.68 34.09
N GLU B 318 -7.00 31.63 34.85
CA GLU B 318 -6.98 32.11 36.23
C GLU B 318 -5.85 31.47 37.04
N HIS B 319 -5.56 30.19 36.79
CA HIS B 319 -4.52 29.52 37.56
C HIS B 319 -3.13 30.04 37.23
N TRP B 320 -2.88 30.36 35.96
CA TRP B 320 -1.59 30.93 35.60
C TRP B 320 -1.34 32.25 36.32
N THR B 321 -2.38 33.07 36.49
CA THR B 321 -2.20 34.29 37.27
C THR B 321 -1.88 33.99 38.73
N LYS B 322 -2.50 32.94 39.30
CA LYS B 322 -2.30 32.68 40.71
C LYS B 322 -0.90 32.14 41.01
N VAL B 323 -0.29 31.44 40.04
CA VAL B 323 1.07 30.95 40.22
C VAL B 323 2.12 31.89 39.65
N SER B 324 1.72 32.97 38.98
CA SER B 324 2.67 33.82 38.28
C SER B 324 3.75 34.33 39.22
N HIS B 325 3.38 34.66 40.46
CA HIS B 325 4.35 35.21 41.40
C HIS B 325 5.50 34.25 41.68
N LYS B 326 5.30 32.95 41.45
CA LYS B 326 6.36 31.98 41.71
C LYS B 326 7.55 32.12 40.78
N PHE B 327 7.41 32.84 39.68
CA PHE B 327 8.52 33.00 38.76
C PHE B 327 9.46 34.12 39.19
N THR B 328 9.13 34.85 40.25
CA THR B 328 10.08 35.76 40.89
C THR B 328 10.43 35.14 42.23
N ILE B 329 11.72 34.86 42.43
CA ILE B 329 12.15 34.00 43.54
C ILE B 329 12.07 34.79 44.85
N ARG B 330 11.18 34.37 45.74
CA ARG B 330 11.16 34.87 47.11
C ARG B 330 11.71 33.78 48.00
N GLY B 331 12.31 34.20 49.11
CA GLY B 331 13.04 33.22 49.88
C GLY B 331 14.33 32.85 49.16
N LEU B 332 14.86 31.71 49.55
CA LEU B 332 16.01 31.12 48.90
C LEU B 332 15.56 30.11 47.86
N PRO B 333 16.40 29.78 46.88
CA PRO B 333 16.10 28.67 45.98
C PRO B 333 15.91 27.37 46.75
N SER B 334 15.43 26.35 46.02
CA SER B 334 15.13 25.05 46.63
C SER B 334 16.31 24.50 47.43
N ASN B 335 17.54 24.74 46.97
CA ASN B 335 18.73 24.17 47.57
C ASN B 335 19.39 25.09 48.61
N ASN B 336 18.67 26.11 49.09
CA ASN B 336 19.17 27.01 50.13
C ASN B 336 20.45 27.73 49.73
N SER B 337 20.69 27.89 48.44
CA SER B 337 21.97 28.38 47.95
C SER B 337 21.79 29.62 47.10
N LEU B 338 22.67 30.60 47.30
CA LEU B 338 22.77 31.78 46.47
C LEU B 338 23.88 31.68 45.45
N ASP B 339 24.39 30.47 45.20
CA ASP B 339 25.48 30.30 44.25
C ASP B 339 25.09 30.80 42.87
N PHE B 340 23.82 30.62 42.48
CA PHE B 340 23.37 31.02 41.13
C PHE B 340 23.62 32.49 40.83
N LEU B 341 23.94 33.32 41.84
CA LEU B 341 24.22 34.72 41.60
C LEU B 341 25.53 34.92 40.83
N MET C 3 -13.59 -46.12 17.02
CA MET C 3 -14.36 -45.30 16.10
C MET C 3 -15.57 -46.08 15.58
N ASP C 4 -15.33 -47.31 15.14
CA ASP C 4 -16.44 -48.23 14.82
C ASP C 4 -17.23 -48.58 16.07
N ASP C 5 -16.58 -48.57 17.23
CA ASP C 5 -17.29 -48.75 18.49
C ASP C 5 -18.24 -47.58 18.76
N GLU C 6 -17.72 -46.35 18.70
CA GLU C 6 -18.56 -45.18 18.96
C GLU C 6 -19.61 -44.99 17.88
N TYR C 7 -19.29 -45.36 16.63
CA TYR C 7 -20.27 -45.29 15.55
C TYR C 7 -21.42 -46.27 15.79
N THR C 8 -21.08 -47.49 16.25
CA THR C 8 -22.11 -48.48 16.58
C THR C 8 -23.04 -47.98 17.68
N LYS C 9 -22.47 -47.35 18.71
CA LYS C 9 -23.29 -46.85 19.80
C LYS C 9 -24.27 -45.78 19.33
N LEU C 10 -23.87 -44.96 18.35
CA LEU C 10 -24.78 -43.95 17.81
C LEU C 10 -25.85 -44.59 16.95
N LEU C 11 -25.49 -45.64 16.19
CA LEU C 11 -26.46 -46.29 15.32
C LEU C 11 -27.50 -47.07 16.11
N HIS C 12 -27.11 -47.66 17.24
CA HIS C 12 -27.98 -48.59 17.96
C HIS C 12 -28.88 -47.86 18.94
N ASP C 13 -30.18 -48.15 18.87
CA ASP C 13 -31.25 -47.34 19.47
C ASP C 13 -31.26 -45.93 18.86
N GLY C 14 -31.69 -45.91 17.60
CA GLY C 14 -31.64 -44.73 16.75
C GLY C 14 -32.15 -43.45 17.39
N ILE C 15 -31.26 -42.79 18.15
CA ILE C 15 -31.43 -41.41 18.62
C ILE C 15 -32.42 -41.32 19.78
N GLN C 16 -31.98 -40.72 20.90
CA GLN C 16 -32.83 -40.64 22.08
C GLN C 16 -33.61 -39.33 22.10
N PRO C 17 -34.84 -39.32 22.62
CA PRO C 17 -35.51 -38.05 22.87
C PRO C 17 -34.72 -37.23 23.89
N VAL C 18 -34.74 -35.92 23.72
CA VAL C 18 -33.97 -35.05 24.62
C VAL C 18 -34.49 -35.13 26.04
N ALA C 19 -35.75 -35.50 26.23
CA ALA C 19 -36.26 -35.75 27.57
C ALA C 19 -35.48 -36.86 28.27
N ALA C 20 -35.01 -37.85 27.50
CA ALA C 20 -34.21 -38.94 28.06
C ALA C 20 -32.78 -38.55 28.36
N ILE C 21 -32.32 -37.37 27.94
CA ILE C 21 -31.01 -36.89 28.31
C ILE C 21 -31.04 -36.18 29.66
N ASP C 22 -32.03 -35.31 29.84
CA ASP C 22 -32.20 -34.53 31.05
C ASP C 22 -33.53 -33.80 30.93
N SER C 23 -34.28 -33.74 32.04
CA SER C 23 -35.60 -33.11 32.00
C SER C 23 -35.54 -31.63 31.63
N ASN C 24 -34.40 -30.98 31.86
CA ASN C 24 -34.24 -29.54 31.62
C ASN C 24 -33.37 -29.23 30.41
N PHE C 25 -33.20 -30.21 29.52
CA PHE C 25 -32.23 -30.10 28.45
C PHE C 25 -32.51 -28.91 27.53
N ALA C 26 -33.76 -28.52 27.37
CA ALA C 26 -34.12 -27.44 26.47
C ALA C 26 -34.31 -26.11 27.18
N SER C 27 -33.89 -26.02 28.44
CA SER C 27 -33.99 -24.79 29.22
C SER C 27 -32.70 -23.98 29.14
N PHE C 28 -32.85 -22.65 29.10
CA PHE C 28 -31.69 -21.76 29.23
C PHE C 28 -30.93 -21.98 30.54
N THR C 29 -31.53 -22.60 31.54
CA THR C 29 -30.79 -22.87 32.78
C THR C 29 -29.89 -24.10 32.67
N TYR C 30 -29.99 -24.89 31.60
CA TYR C 30 -29.21 -26.11 31.50
C TYR C 30 -27.77 -25.78 31.15
N THR C 31 -26.83 -26.47 31.79
CA THR C 31 -25.43 -26.29 31.50
C THR C 31 -24.94 -27.49 30.68
N PRO C 32 -24.81 -27.37 29.36
CA PRO C 32 -24.44 -28.55 28.56
C PRO C 32 -23.06 -29.09 28.89
N ARG C 33 -22.18 -28.31 29.53
CA ARG C 33 -20.90 -28.86 29.91
C ARG C 33 -21.01 -29.89 31.02
N SER C 34 -22.18 -29.99 31.66
CA SER C 34 -22.42 -31.02 32.66
C SER C 34 -22.61 -32.40 32.02
N LEU C 35 -22.87 -32.46 30.73
CA LEU C 35 -23.09 -33.74 30.08
C LEU C 35 -21.75 -34.43 29.85
N PRO C 36 -21.62 -35.71 30.20
CA PRO C 36 -20.36 -36.42 29.94
C PRO C 36 -19.95 -36.29 28.47
N GLU C 37 -18.67 -36.03 28.24
CA GLU C 37 -18.19 -35.86 26.87
C GLU C 37 -18.50 -37.08 26.00
N ASP C 38 -18.52 -38.27 26.60
CA ASP C 38 -18.81 -39.47 25.83
C ASP C 38 -20.26 -39.52 25.32
N ASP C 39 -21.15 -38.72 25.89
CA ASP C 39 -22.54 -38.70 25.48
C ASP C 39 -22.88 -37.55 24.54
N THR C 40 -21.89 -36.72 24.15
CA THR C 40 -22.20 -35.49 23.41
C THR C 40 -22.61 -35.77 21.97
N SER C 41 -22.00 -36.76 21.31
CA SER C 41 -22.40 -37.06 19.94
C SER C 41 -23.86 -37.50 19.86
N MET C 42 -24.30 -38.28 20.85
CA MET C 42 -25.71 -38.68 20.89
C MET C 42 -26.62 -37.48 21.12
N ALA C 43 -26.19 -36.54 21.97
CA ALA C 43 -26.98 -35.33 22.18
C ALA C 43 -27.07 -34.50 20.89
N ILE C 44 -25.99 -34.46 20.12
CA ILE C 44 -26.03 -33.77 18.81
C ILE C 44 -27.15 -34.35 17.94
N LEU C 45 -27.11 -35.68 17.71
CA LEU C 45 -28.14 -36.33 16.90
C LEU C 45 -29.52 -36.08 17.48
N SER C 46 -29.66 -36.21 18.80
CA SER C 46 -30.95 -35.99 19.45
C SER C 46 -31.47 -34.58 19.21
N MET C 47 -30.59 -33.58 19.21
CA MET C 47 -31.03 -32.22 18.95
C MET C 47 -31.46 -32.05 17.50
N LEU C 48 -30.70 -32.63 16.57
CA LEU C 48 -31.10 -32.58 15.17
C LEU C 48 -32.43 -33.29 14.95
N GLN C 49 -32.62 -34.43 15.61
CA GLN C 49 -33.92 -35.12 15.59
C GLN C 49 -35.01 -34.26 16.20
N ASP C 50 -34.72 -33.61 17.33
CA ASP C 50 -35.71 -32.80 18.02
C ASP C 50 -36.17 -31.63 17.16
N MET C 51 -35.25 -31.02 16.43
CA MET C 51 -35.60 -29.99 15.47
C MET C 51 -36.18 -30.56 14.18
N ASN C 52 -36.18 -31.90 14.04
CA ASN C 52 -36.70 -32.62 12.87
C ASN C 52 -35.95 -32.28 11.57
N PHE C 53 -34.67 -31.90 11.68
CA PHE C 53 -33.89 -31.64 10.46
C PHE C 53 -33.55 -32.92 9.71
N ILE C 54 -33.38 -34.04 10.42
CA ILE C 54 -33.06 -35.30 9.77
C ILE C 54 -34.18 -35.71 8.82
N ASN C 55 -35.41 -35.75 9.34
CA ASN C 55 -36.54 -36.14 8.49
C ASN C 55 -36.82 -35.09 7.42
N ASN C 56 -36.79 -33.81 7.78
CA ASN C 56 -37.16 -32.77 6.84
C ASN C 56 -36.20 -32.71 5.66
N TYR C 57 -34.90 -32.82 5.91
CA TYR C 57 -33.93 -32.78 4.83
C TYR C 57 -33.46 -34.16 4.38
N LYS C 58 -34.10 -35.23 4.84
CA LYS C 58 -33.80 -36.60 4.41
C LYS C 58 -32.34 -36.97 4.62
N ILE C 59 -31.79 -36.55 5.76
CA ILE C 59 -30.39 -36.83 6.07
C ILE C 59 -30.22 -38.32 6.32
N ASP C 60 -29.23 -38.92 5.68
CA ASP C 60 -28.91 -40.31 5.91
C ASP C 60 -28.28 -40.43 7.29
N CYS C 61 -28.86 -41.27 8.13
CA CYS C 61 -28.44 -41.29 9.55
C CYS C 61 -27.04 -41.85 9.74
N PRO C 62 -26.65 -42.93 9.04
CA PRO C 62 -25.24 -43.35 9.13
C PRO C 62 -24.25 -42.26 8.73
N THR C 63 -24.53 -41.54 7.64
CA THR C 63 -23.65 -40.45 7.23
C THR C 63 -23.56 -39.37 8.30
N LEU C 64 -24.70 -39.04 8.92
CA LEU C 64 -24.72 -38.01 9.96
C LEU C 64 -23.93 -38.48 11.18
N ALA C 65 -24.04 -39.76 11.54
CA ALA C 65 -23.28 -40.28 12.67
C ALA C 65 -21.79 -40.17 12.40
N ARG C 66 -21.34 -40.59 11.21
CA ARG C 66 -19.92 -40.49 10.86
C ARG C 66 -19.46 -39.04 10.83
N PHE C 67 -20.29 -38.14 10.27
CA PHE C 67 -19.97 -36.72 10.24
C PHE C 67 -19.76 -36.18 11.66
N CYS C 68 -20.72 -36.46 12.56
CA CYS C 68 -20.61 -35.95 13.92
C CYS C 68 -19.33 -36.44 14.61
N LEU C 69 -18.99 -37.71 14.41
CA LEU C 69 -17.80 -38.24 15.06
C LEU C 69 -16.53 -37.64 14.46
N MET C 70 -16.51 -37.42 13.14
CA MET C 70 -15.37 -36.76 12.52
C MET C 70 -15.21 -35.33 13.04
N VAL C 71 -16.32 -34.61 13.19
CA VAL C 71 -16.24 -33.26 13.70
C VAL C 71 -15.68 -33.26 15.12
N LYS C 72 -16.19 -34.16 15.96
CA LYS C 72 -15.68 -34.26 17.33
C LYS C 72 -14.18 -34.53 17.36
N LYS C 73 -13.71 -35.48 16.55
CA LYS C 73 -12.29 -35.82 16.56
C LYS C 73 -11.45 -34.71 15.96
N GLY C 74 -12.06 -33.80 15.21
CA GLY C 74 -11.30 -32.72 14.61
C GLY C 74 -10.94 -31.59 15.54
N TYR C 75 -11.35 -31.65 16.80
CA TYR C 75 -10.95 -30.67 17.80
C TYR C 75 -9.71 -31.14 18.55
N ARG C 76 -8.80 -30.21 18.82
CA ARG C 76 -7.65 -30.48 19.65
C ARG C 76 -8.05 -30.27 21.10
N ASP C 77 -7.08 -30.27 22.01
CA ASP C 77 -7.41 -30.14 23.42
C ASP C 77 -6.74 -28.95 24.11
N PRO C 78 -6.83 -27.73 23.59
CA PRO C 78 -6.43 -26.59 24.40
C PRO C 78 -7.43 -26.41 25.53
N PRO C 79 -7.12 -25.59 26.53
CA PRO C 79 -8.03 -25.51 27.70
C PRO C 79 -9.45 -25.08 27.35
N TYR C 80 -9.62 -24.14 26.44
CA TYR C 80 -10.94 -23.62 26.14
C TYR C 80 -11.48 -24.05 24.78
N HIS C 81 -10.71 -23.86 23.71
CA HIS C 81 -11.21 -24.10 22.35
C HIS C 81 -11.11 -25.58 21.96
N ASN C 82 -11.92 -26.39 22.64
CA ASN C 82 -11.96 -27.84 22.46
C ASN C 82 -13.37 -28.28 22.06
N TRP C 83 -13.57 -29.60 21.95
CA TRP C 83 -14.89 -30.08 21.50
C TRP C 83 -16.00 -29.68 22.47
N MET C 84 -15.72 -29.66 23.78
CA MET C 84 -16.78 -29.30 24.72
C MET C 84 -17.23 -27.86 24.53
N HIS C 85 -16.36 -26.99 24.02
CA HIS C 85 -16.79 -25.64 23.62
C HIS C 85 -17.74 -25.73 22.44
N ALA C 86 -17.35 -26.42 21.37
CA ALA C 86 -18.19 -26.51 20.19
C ALA C 86 -19.50 -27.19 20.52
N PHE C 87 -19.47 -28.22 21.36
CA PHE C 87 -20.71 -28.86 21.77
C PHE C 87 -21.63 -27.88 22.49
N SER C 88 -21.08 -27.16 23.48
CA SER C 88 -21.92 -26.24 24.24
C SER C 88 -22.43 -25.10 23.38
N VAL C 89 -21.64 -24.64 22.41
CA VAL C 89 -22.11 -23.61 21.49
C VAL C 89 -23.28 -24.13 20.65
N SER C 90 -23.17 -25.37 20.15
CA SER C 90 -24.24 -26.00 19.38
C SER C 90 -25.49 -26.19 20.22
N HIS C 91 -25.33 -26.59 21.48
CA HIS C 91 -26.47 -26.70 22.37
C HIS C 91 -27.20 -25.38 22.51
N PHE C 92 -26.46 -24.26 22.59
CA PHE C 92 -27.14 -22.97 22.72
C PHE C 92 -27.94 -22.64 21.47
N CYS C 93 -27.41 -22.99 20.29
CA CYS C 93 -28.19 -22.84 19.06
C CYS C 93 -29.51 -23.59 19.15
N TYR C 94 -29.46 -24.84 19.63
CA TYR C 94 -30.67 -25.60 19.90
C TYR C 94 -31.60 -24.85 20.85
N LEU C 95 -31.04 -24.26 21.93
CA LEU C 95 -31.84 -23.52 22.88
C LEU C 95 -32.51 -22.32 22.22
N LEU C 96 -31.80 -21.61 21.36
CA LEU C 96 -32.40 -20.48 20.64
C LEU C 96 -33.57 -20.95 19.79
N TYR C 97 -33.42 -22.09 19.11
CA TYR C 97 -34.49 -22.64 18.30
C TYR C 97 -35.72 -22.96 19.16
N LYS C 98 -35.48 -23.61 20.31
CA LYS C 98 -36.59 -24.07 21.13
C LYS C 98 -37.27 -22.93 21.88
N ASN C 99 -36.52 -21.88 22.24
CA ASN C 99 -37.04 -20.86 23.13
C ASN C 99 -37.41 -19.56 22.43
N LEU C 100 -36.86 -19.26 21.26
CA LEU C 100 -37.14 -17.99 20.59
C LEU C 100 -37.99 -18.11 19.34
N GLU C 101 -38.31 -19.32 18.90
CA GLU C 101 -39.07 -19.54 17.67
C GLU C 101 -38.37 -18.89 16.47
N LEU C 102 -37.16 -19.38 16.20
CA LEU C 102 -36.39 -18.85 15.08
C LEU C 102 -37.08 -19.08 13.75
N THR C 103 -37.95 -20.08 13.67
CA THR C 103 -38.68 -20.36 12.43
C THR C 103 -39.56 -19.20 12.00
N ASN C 104 -39.85 -18.25 12.90
CA ASN C 104 -40.58 -17.06 12.53
C ASN C 104 -39.70 -15.99 11.90
N TYR C 105 -38.38 -16.20 11.86
CA TYR C 105 -37.46 -15.15 11.44
C TYR C 105 -36.51 -15.66 10.36
N LEU C 106 -36.14 -16.94 10.42
CA LEU C 106 -35.12 -17.50 9.54
C LEU C 106 -35.67 -18.68 8.75
N GLU C 107 -35.14 -18.88 7.55
CA GLU C 107 -35.48 -20.05 6.76
C GLU C 107 -34.94 -21.31 7.42
N ASP C 108 -35.59 -22.44 7.13
CA ASP C 108 -35.16 -23.73 7.69
C ASP C 108 -33.70 -24.00 7.41
N ILE C 109 -33.26 -23.73 6.18
CA ILE C 109 -31.89 -24.04 5.79
C ILE C 109 -30.90 -23.13 6.52
N GLU C 110 -31.33 -21.93 6.88
CA GLU C 110 -30.45 -21.03 7.62
C GLU C 110 -30.26 -21.49 9.06
N ILE C 111 -31.32 -21.94 9.72
CA ILE C 111 -31.20 -22.47 11.07
C ILE C 111 -30.37 -23.76 11.05
N PHE C 112 -30.58 -24.60 10.05
CA PHE C 112 -29.77 -25.81 9.94
C PHE C 112 -28.30 -25.48 9.75
N ALA C 113 -28.01 -24.52 8.86
CA ALA C 113 -26.62 -24.11 8.61
C ALA C 113 -26.01 -23.51 9.87
N LEU C 114 -26.80 -22.77 10.65
CA LEU C 114 -26.28 -22.22 11.90
C LEU C 114 -25.86 -23.33 12.85
N PHE C 115 -26.70 -24.34 13.01
CA PHE C 115 -26.37 -25.41 13.95
C PHE C 115 -25.13 -26.16 13.52
N ILE C 116 -25.05 -26.52 12.23
CA ILE C 116 -23.87 -27.23 11.72
C ILE C 116 -22.62 -26.36 11.85
N SER C 117 -22.76 -25.06 11.60
CA SER C 117 -21.62 -24.16 11.74
C SER C 117 -21.15 -24.12 13.19
N CYS C 118 -22.09 -24.09 14.15
CA CYS C 118 -21.70 -24.16 15.56
C CYS C 118 -20.82 -25.37 15.85
N MET C 119 -21.19 -26.53 15.30
CA MET C 119 -20.43 -27.75 15.54
C MET C 119 -19.01 -27.63 15.00
N CYS C 120 -18.85 -26.97 13.85
CA CYS C 120 -17.59 -26.95 13.12
C CYS C 120 -16.77 -25.71 13.35
N HIS C 121 -17.26 -24.73 14.11
CA HIS C 121 -16.74 -23.37 13.96
C HIS C 121 -15.36 -23.14 14.56
N ASP C 122 -14.84 -24.04 15.41
CA ASP C 122 -13.48 -23.94 15.94
C ASP C 122 -12.59 -25.15 15.59
N LEU C 123 -12.91 -25.89 14.53
CA LEU C 123 -12.20 -27.11 14.20
C LEU C 123 -10.70 -26.91 14.14
N ASP C 124 -9.96 -27.78 14.81
CA ASP C 124 -8.49 -27.78 14.78
C ASP C 124 -7.89 -26.51 15.38
N HIS C 125 -8.62 -25.84 16.27
CA HIS C 125 -8.04 -24.70 16.99
C HIS C 125 -6.81 -25.13 17.77
N ARG C 126 -5.78 -24.28 17.74
CA ARG C 126 -4.51 -24.56 18.42
C ARG C 126 -4.30 -23.78 19.71
N GLY C 127 -5.34 -23.14 20.23
CA GLY C 127 -5.16 -22.41 21.48
C GLY C 127 -4.52 -21.07 21.33
N THR C 128 -4.46 -20.52 20.12
CA THR C 128 -3.87 -19.21 19.87
C THR C 128 -4.82 -18.39 19.02
N ASN C 129 -4.64 -17.07 19.05
CA ASN C 129 -5.44 -16.17 18.22
C ASN C 129 -4.85 -16.02 16.81
N ASN C 130 -5.44 -15.13 16.04
CA ASN C 130 -5.05 -14.97 14.64
C ASN C 130 -3.70 -14.29 14.53
N SER C 131 -3.46 -13.23 15.31
CA SER C 131 -2.20 -12.52 15.19
C SER C 131 -1.02 -13.43 15.55
N PHE C 132 -1.22 -14.37 16.47
CA PHE C 132 -0.13 -15.30 16.78
C PHE C 132 0.27 -16.14 15.58
N GLN C 133 -0.72 -16.64 14.82
CA GLN C 133 -0.42 -17.40 13.61
C GLN C 133 0.45 -16.58 12.66
N VAL C 134 0.10 -15.30 12.49
CA VAL C 134 0.84 -14.41 11.59
C VAL C 134 2.24 -14.15 12.13
N ALA C 135 2.35 -13.84 13.43
CA ALA C 135 3.63 -13.49 14.02
C ALA C 135 4.58 -14.69 14.04
N SER C 136 4.05 -15.90 14.24
CA SER C 136 4.90 -17.09 14.23
C SER C 136 5.10 -17.67 12.83
N LYS C 137 4.54 -17.04 11.79
CA LYS C 137 4.66 -17.48 10.41
C LYS C 137 4.27 -18.95 10.24
N SER C 138 3.13 -19.30 10.81
CA SER C 138 2.61 -20.64 10.68
C SER C 138 2.14 -20.89 9.24
N VAL C 139 2.01 -22.16 8.89
CA VAL C 139 1.45 -22.50 7.58
C VAL C 139 0.07 -21.88 7.40
N LEU C 140 -0.71 -21.80 8.47
CA LEU C 140 -2.04 -21.20 8.35
C LEU C 140 -1.94 -19.73 7.96
N ALA C 141 -0.94 -19.02 8.51
CA ALA C 141 -0.75 -17.63 8.10
C ALA C 141 -0.33 -17.54 6.64
N ALA C 142 0.56 -18.44 6.19
CA ALA C 142 0.95 -18.42 4.79
C ALA C 142 -0.29 -18.57 3.89
N LEU C 143 -1.23 -19.42 4.30
CA LEU C 143 -2.39 -19.69 3.48
C LEU C 143 -3.45 -18.60 3.56
N TYR C 144 -3.62 -17.97 4.73
CA TYR C 144 -4.81 -17.14 4.99
C TYR C 144 -4.55 -15.71 5.44
N SER C 145 -3.31 -15.33 5.76
CA SER C 145 -3.10 -14.01 6.35
C SER C 145 -3.54 -12.89 5.42
N SER C 146 -3.41 -13.07 4.11
CA SER C 146 -3.75 -12.00 3.18
C SER C 146 -5.25 -11.77 3.07
N GLU C 147 -6.06 -12.76 3.45
CA GLU C 147 -7.50 -12.62 3.44
C GLU C 147 -8.07 -12.26 4.81
N GLY C 148 -7.29 -12.40 5.87
CA GLY C 148 -7.76 -12.11 7.22
C GLY C 148 -8.52 -13.29 7.82
N SER C 149 -8.89 -13.13 9.08
CA SER C 149 -9.58 -14.16 9.87
C SER C 149 -8.92 -15.53 9.70
N VAL C 150 -7.63 -15.59 10.04
CA VAL C 150 -6.78 -16.74 9.72
C VAL C 150 -7.39 -18.03 10.26
N MET C 151 -7.66 -18.08 11.57
CA MET C 151 -8.13 -19.34 12.14
C MET C 151 -9.51 -19.71 11.61
N GLU C 152 -10.39 -18.71 11.43
CA GLU C 152 -11.74 -19.01 10.96
C GLU C 152 -11.73 -19.56 9.54
N ARG C 153 -10.83 -19.07 8.68
CA ARG C 153 -10.69 -19.68 7.35
C ARG C 153 -10.22 -21.12 7.46
N HIS C 154 -9.35 -21.40 8.42
CA HIS C 154 -8.92 -22.77 8.64
C HIS C 154 -10.07 -23.64 9.14
N HIS C 155 -10.87 -23.12 10.08
CA HIS C 155 -11.99 -23.91 10.59
C HIS C 155 -12.93 -24.30 9.46
N PHE C 156 -13.30 -23.33 8.63
CA PHE C 156 -14.13 -23.62 7.47
C PHE C 156 -13.48 -24.65 6.55
N ALA C 157 -12.19 -24.46 6.22
CA ALA C 157 -11.52 -25.43 5.35
C ALA C 157 -11.49 -26.83 5.97
N GLN C 158 -11.40 -26.93 7.30
CA GLN C 158 -11.45 -28.25 7.93
C GLN C 158 -12.84 -28.86 7.81
N ALA C 159 -13.88 -28.03 7.94
CA ALA C 159 -15.24 -28.53 7.73
C ALA C 159 -15.42 -29.06 6.32
N ILE C 160 -14.89 -28.34 5.31
CA ILE C 160 -14.95 -28.82 3.93
C ILE C 160 -14.21 -30.15 3.78
N ALA C 161 -13.06 -30.28 4.42
CA ALA C 161 -12.31 -31.54 4.33
C ALA C 161 -13.11 -32.70 4.91
N ILE C 162 -13.83 -32.47 6.01
CA ILE C 162 -14.69 -33.52 6.56
C ILE C 162 -15.78 -33.90 5.56
N LEU C 163 -16.48 -32.91 5.03
CA LEU C 163 -17.55 -33.22 4.07
C LEU C 163 -17.01 -33.93 2.83
N ASN C 164 -15.77 -33.64 2.46
CA ASN C 164 -15.12 -34.28 1.33
C ASN C 164 -14.54 -35.66 1.67
N THR C 165 -14.69 -36.12 2.91
CA THR C 165 -14.26 -37.47 3.29
C THR C 165 -15.35 -38.47 2.96
N HIS C 166 -14.95 -39.62 2.41
CA HIS C 166 -15.90 -40.65 2.04
C HIS C 166 -16.80 -41.02 3.21
N GLY C 167 -18.11 -41.03 2.97
CA GLY C 167 -19.07 -41.42 3.97
C GLY C 167 -19.53 -40.33 4.90
N CYS C 168 -19.07 -39.09 4.71
CA CYS C 168 -19.33 -38.01 5.65
C CYS C 168 -20.05 -36.82 5.07
N ASN C 169 -20.47 -36.86 3.80
CA ASN C 169 -21.07 -35.67 3.20
C ASN C 169 -22.57 -35.73 3.44
N ILE C 170 -23.00 -35.10 4.54
CA ILE C 170 -24.41 -35.11 4.90
C ILE C 170 -25.28 -34.32 3.93
N PHE C 171 -24.68 -33.58 3.01
CA PHE C 171 -25.43 -32.75 2.06
C PHE C 171 -25.45 -33.28 0.63
N ASP C 172 -24.87 -34.45 0.38
CA ASP C 172 -24.59 -34.82 -1.01
C ASP C 172 -25.83 -35.19 -1.81
N HIS C 173 -26.99 -35.34 -1.17
CA HIS C 173 -28.23 -35.59 -1.86
C HIS C 173 -29.07 -34.32 -2.02
N PHE C 174 -28.64 -33.20 -1.45
CA PHE C 174 -29.37 -31.95 -1.54
C PHE C 174 -29.48 -31.49 -2.99
N SER C 175 -30.49 -30.65 -3.25
CA SER C 175 -30.54 -29.96 -4.54
C SER C 175 -29.30 -29.08 -4.69
N ARG C 176 -28.99 -28.71 -5.92
CA ARG C 176 -27.82 -27.87 -6.15
C ARG C 176 -27.97 -26.53 -5.44
N LYS C 177 -29.18 -25.95 -5.47
CA LYS C 177 -29.42 -24.71 -4.76
C LYS C 177 -29.21 -24.87 -3.26
N ASP C 178 -29.82 -25.90 -2.67
CA ASP C 178 -29.69 -26.08 -1.22
C ASP C 178 -28.25 -26.39 -0.82
N TYR C 179 -27.55 -27.20 -1.62
CA TYR C 179 -26.16 -27.53 -1.34
C TYR C 179 -25.29 -26.28 -1.33
N GLN C 180 -25.44 -25.44 -2.35
CA GLN C 180 -24.61 -24.25 -2.44
C GLN C 180 -24.98 -23.25 -1.37
N ARG C 181 -26.27 -23.16 -1.05
CA ARG C 181 -26.70 -22.31 0.06
C ARG C 181 -26.07 -22.76 1.37
N MET C 182 -26.01 -24.07 1.59
CA MET C 182 -25.43 -24.57 2.84
C MET C 182 -23.95 -24.18 2.94
N LEU C 183 -23.19 -24.42 1.87
CA LEU C 183 -21.77 -24.10 1.89
C LEU C 183 -21.57 -22.59 2.07
N ASP C 184 -22.33 -21.77 1.36
CA ASP C 184 -22.15 -20.33 1.49
C ASP C 184 -22.55 -19.84 2.88
N LEU C 185 -23.58 -20.45 3.48
CA LEU C 185 -23.96 -20.06 4.83
C LEU C 185 -22.92 -20.48 5.85
N MET C 186 -22.41 -21.73 5.75
CA MET C 186 -21.38 -22.16 6.68
C MET C 186 -20.15 -21.28 6.59
N ARG C 187 -19.78 -20.84 5.39
CA ARG C 187 -18.64 -19.94 5.26
C ARG C 187 -18.89 -18.62 5.97
N ASP C 188 -20.05 -18.00 5.71
CA ASP C 188 -20.33 -16.70 6.30
C ASP C 188 -20.46 -16.79 7.81
N ILE C 189 -21.13 -17.83 8.31
CA ILE C 189 -21.35 -17.95 9.75
C ILE C 189 -20.04 -18.24 10.48
N ILE C 190 -19.22 -19.15 9.95
CA ILE C 190 -17.94 -19.41 10.60
C ILE C 190 -17.04 -18.18 10.57
N LEU C 191 -17.04 -17.44 9.45
CA LEU C 191 -16.25 -16.22 9.42
C LEU C 191 -16.78 -15.19 10.42
N ALA C 192 -18.08 -15.21 10.69
CA ALA C 192 -18.67 -14.31 11.66
C ALA C 192 -18.19 -14.56 13.09
N THR C 193 -17.59 -15.73 13.37
CA THR C 193 -17.13 -16.00 14.72
C THR C 193 -15.86 -15.26 15.07
N ASP C 194 -15.17 -14.65 14.09
CA ASP C 194 -14.07 -13.74 14.42
C ASP C 194 -14.66 -12.54 15.13
N LEU C 195 -14.28 -12.31 16.40
CA LEU C 195 -14.82 -11.14 17.08
C LEU C 195 -14.48 -9.85 16.34
N ALA C 196 -13.39 -9.83 15.56
CA ALA C 196 -13.08 -8.67 14.74
C ALA C 196 -14.23 -8.35 13.80
N HIS C 197 -14.88 -9.38 13.26
CA HIS C 197 -16.00 -9.18 12.34
C HIS C 197 -17.24 -8.70 13.08
N HIS C 198 -17.53 -9.29 14.23
CA HIS C 198 -18.64 -8.83 15.04
C HIS C 198 -18.51 -7.34 15.37
N LEU C 199 -17.32 -6.93 15.82
CA LEU C 199 -17.11 -5.53 16.18
C LEU C 199 -17.23 -4.61 14.98
N ARG C 200 -16.94 -5.10 13.77
CA ARG C 200 -17.09 -4.26 12.58
C ARG C 200 -18.56 -4.07 12.22
N ILE C 201 -19.37 -5.13 12.33
CA ILE C 201 -20.76 -5.11 11.90
C ILE C 201 -21.71 -4.62 12.99
N PHE C 202 -21.17 -4.23 14.16
CA PHE C 202 -22.02 -3.96 15.32
C PHE C 202 -23.00 -2.84 15.04
N LYS C 203 -22.57 -1.79 14.33
CA LYS C 203 -23.48 -0.69 13.99
C LYS C 203 -24.64 -1.17 13.14
N ASP C 204 -24.37 -2.04 12.17
CA ASP C 204 -25.44 -2.56 11.31
C ASP C 204 -26.42 -3.42 12.11
N LEU C 205 -25.92 -4.16 13.10
CA LEU C 205 -26.81 -4.91 13.99
C LEU C 205 -27.69 -3.97 14.79
N GLN C 206 -27.10 -2.92 15.36
CA GLN C 206 -27.89 -1.90 16.05
C GLN C 206 -28.95 -1.31 15.14
N LYS C 207 -28.58 -1.02 13.88
CA LYS C 207 -29.53 -0.38 12.96
C LYS C 207 -30.71 -1.30 12.66
N MET C 208 -30.42 -2.58 12.42
CA MET C 208 -31.49 -3.54 12.17
C MET C 208 -32.47 -3.61 13.35
N ALA C 209 -31.95 -3.57 14.58
CA ALA C 209 -32.85 -3.64 15.73
C ALA C 209 -33.75 -2.41 15.82
N GLU C 210 -33.25 -1.24 15.40
CA GLU C 210 -34.06 -0.04 15.47
C GLU C 210 -35.17 -0.05 14.42
N VAL C 211 -34.82 -0.31 13.16
CA VAL C 211 -35.79 -0.22 12.08
C VAL C 211 -36.81 -1.35 12.12
N GLY C 212 -36.46 -2.47 12.75
CA GLY C 212 -37.33 -3.64 12.79
C GLY C 212 -36.92 -4.72 11.83
N TYR C 213 -36.67 -5.92 12.35
CA TYR C 213 -36.29 -7.05 11.51
C TYR C 213 -37.35 -7.29 10.44
N ASP C 214 -36.92 -7.30 9.20
CA ASP C 214 -37.81 -7.48 8.05
C ASP C 214 -37.59 -8.88 7.51
N ARG C 215 -38.57 -9.76 7.75
CA ARG C 215 -38.49 -11.13 7.26
C ARG C 215 -38.22 -11.20 5.76
N ASN C 216 -38.66 -10.18 5.02
CA ASN C 216 -38.53 -10.14 3.56
C ASN C 216 -37.20 -9.55 3.11
N ASN C 217 -36.32 -9.18 4.04
CA ASN C 217 -35.05 -8.53 3.72
C ASN C 217 -33.96 -9.57 3.95
N LYS C 218 -33.33 -10.00 2.86
CA LYS C 218 -32.32 -11.06 2.97
C LYS C 218 -31.06 -10.60 3.68
N GLN C 219 -30.74 -9.31 3.60
CA GLN C 219 -29.62 -8.81 4.39
C GLN C 219 -29.92 -8.88 5.88
N HIS C 220 -31.18 -8.70 6.26
CA HIS C 220 -31.55 -8.89 7.66
C HIS C 220 -31.33 -10.33 8.12
N HIS C 221 -31.62 -11.29 7.25
CA HIS C 221 -31.33 -12.69 7.59
C HIS C 221 -29.84 -12.88 7.85
N ARG C 222 -28.99 -12.25 7.04
CA ARG C 222 -27.54 -12.43 7.20
C ARG C 222 -27.05 -11.84 8.50
N LEU C 223 -27.47 -10.60 8.81
CA LEU C 223 -27.08 -9.94 10.05
C LEU C 223 -27.55 -10.74 11.26
N LEU C 224 -28.79 -11.22 11.22
CA LEU C 224 -29.30 -12.00 12.35
C LEU C 224 -28.48 -13.26 12.57
N LEU C 225 -28.08 -13.93 11.49
CA LEU C 225 -27.26 -15.14 11.63
C LEU C 225 -25.93 -14.84 12.32
N CYS C 226 -25.30 -13.70 12.00
CA CYS C 226 -24.06 -13.31 12.65
C CYS C 226 -24.28 -13.06 14.13
N LEU C 227 -25.34 -12.30 14.47
CA LEU C 227 -25.64 -12.04 15.87
C LEU C 227 -25.89 -13.34 16.64
N LEU C 228 -26.68 -14.24 16.06
CA LEU C 228 -27.00 -15.50 16.73
C LEU C 228 -25.74 -16.34 16.93
N MET C 229 -24.88 -16.41 15.90
CA MET C 229 -23.63 -17.14 16.02
C MET C 229 -22.79 -16.60 17.17
N THR C 230 -22.64 -15.27 17.23
CA THR C 230 -21.84 -14.69 18.30
C THR C 230 -22.47 -14.97 19.67
N SER C 231 -23.81 -14.94 19.75
CA SER C 231 -24.49 -15.25 21.00
C SER C 231 -24.23 -16.68 21.45
N CYS C 232 -24.18 -17.61 20.48
CA CYS C 232 -23.87 -19.00 20.83
C CYS C 232 -22.42 -19.13 21.29
N ASP C 233 -21.50 -18.46 20.58
CA ASP C 233 -20.08 -18.56 20.89
C ASP C 233 -19.77 -18.06 22.29
N LEU C 234 -20.52 -17.06 22.77
CA LEU C 234 -20.25 -16.48 24.07
C LEU C 234 -21.17 -17.00 25.17
N SER C 235 -22.00 -18.00 24.88
CA SER C 235 -23.14 -18.35 25.71
C SER C 235 -22.76 -18.95 27.05
N ASP C 236 -21.50 -19.38 27.23
CA ASP C 236 -21.03 -19.74 28.56
C ASP C 236 -21.32 -18.64 29.57
N GLN C 237 -21.33 -17.37 29.13
CA GLN C 237 -21.57 -16.27 30.06
C GLN C 237 -23.03 -16.11 30.45
N THR C 238 -23.94 -16.86 29.86
CA THR C 238 -25.35 -16.80 30.20
C THR C 238 -25.77 -17.84 31.24
N LYS C 239 -24.82 -18.63 31.76
CA LYS C 239 -25.12 -19.62 32.79
C LYS C 239 -24.84 -19.01 34.16
N GLY C 240 -24.63 -19.85 35.17
CA GLY C 240 -24.43 -19.37 36.52
C GLY C 240 -23.00 -18.96 36.80
N TRP C 241 -22.78 -18.57 38.06
CA TRP C 241 -21.46 -18.11 38.47
C TRP C 241 -20.40 -19.19 38.31
N LYS C 242 -20.73 -20.43 38.68
CA LYS C 242 -19.75 -21.51 38.61
C LYS C 242 -19.24 -21.71 37.18
N THR C 243 -20.14 -21.62 36.20
CA THR C 243 -19.71 -21.75 34.81
C THR C 243 -18.78 -20.61 34.38
N THR C 244 -19.18 -19.36 34.61
CA THR C 244 -18.33 -18.24 34.20
C THR C 244 -16.98 -18.28 34.90
N ARG C 245 -16.95 -18.67 36.18
CA ARG C 245 -15.68 -18.72 36.90
C ARG C 245 -14.76 -19.78 36.29
N LYS C 246 -15.30 -20.97 36.05
CA LYS C 246 -14.53 -22.04 35.42
C LYS C 246 -14.07 -21.66 34.02
N ILE C 247 -14.96 -21.06 33.23
CA ILE C 247 -14.59 -20.72 31.85
C ILE C 247 -13.50 -19.64 31.83
N ALA C 248 -13.55 -18.68 32.76
CA ALA C 248 -12.47 -17.70 32.86
C ALA C 248 -11.15 -18.40 33.14
N GLU C 249 -11.15 -19.36 34.06
CA GLU C 249 -9.98 -20.18 34.30
C GLU C 249 -9.40 -20.73 32.99
N LEU C 250 -10.26 -21.39 32.18
CA LEU C 250 -9.79 -22.02 30.95
C LEU C 250 -9.32 -20.99 29.93
N ILE C 251 -10.04 -19.87 29.82
CA ILE C 251 -9.63 -18.82 28.88
C ILE C 251 -8.25 -18.27 29.27
N TYR C 252 -8.09 -17.89 30.54
CA TYR C 252 -6.81 -17.29 30.94
C TYR C 252 -5.66 -18.28 30.86
N LYS C 253 -5.90 -19.57 31.16
CA LYS C 253 -4.85 -20.56 30.95
C LYS C 253 -4.41 -20.57 29.49
N GLU C 254 -5.39 -20.56 28.58
CA GLU C 254 -5.05 -20.59 27.16
C GLU C 254 -4.31 -19.33 26.74
N PHE C 255 -4.85 -18.16 27.10
CA PHE C 255 -4.22 -16.89 26.77
C PHE C 255 -2.79 -16.82 27.30
N PHE C 256 -2.60 -17.15 28.59
CA PHE C 256 -1.28 -16.98 29.20
C PHE C 256 -0.26 -17.93 28.59
N SER C 257 -0.70 -19.11 28.13
CA SER C 257 0.19 -19.99 27.40
C SER C 257 0.64 -19.34 26.08
N GLN C 258 -0.28 -18.70 25.35
CA GLN C 258 0.14 -17.97 24.15
C GLN C 258 1.14 -16.87 24.49
N GLY C 259 0.84 -16.10 25.54
CA GLY C 259 1.76 -15.03 25.93
C GLY C 259 3.16 -15.54 26.22
N ASP C 260 3.26 -16.70 26.87
CA ASP C 260 4.58 -17.28 27.13
C ASP C 260 5.33 -17.58 25.84
N LEU C 261 4.65 -18.19 24.87
CA LEU C 261 5.28 -18.41 23.57
C LEU C 261 5.74 -17.10 22.96
N GLU C 262 4.89 -16.07 23.01
CA GLU C 262 5.24 -14.79 22.40
C GLU C 262 6.49 -14.21 23.03
N LYS C 263 6.58 -14.26 24.36
CA LYS C 263 7.79 -13.79 25.04
C LYS C 263 9.02 -14.56 24.58
N ALA C 264 8.90 -15.88 24.41
CA ALA C 264 10.04 -16.66 23.95
C ALA C 264 10.42 -16.33 22.51
N MET C 265 9.49 -15.78 21.74
CA MET C 265 9.76 -15.30 20.39
C MET C 265 10.35 -13.89 20.36
N GLY C 266 10.66 -13.32 21.51
CA GLY C 266 11.15 -11.96 21.57
C GLY C 266 10.07 -10.91 21.44
N ASN C 267 8.80 -11.30 21.40
CA ASN C 267 7.71 -10.36 21.23
C ASN C 267 7.02 -10.07 22.56
N ARG C 268 6.20 -9.03 22.55
CA ARG C 268 5.50 -8.56 23.75
C ARG C 268 4.02 -8.84 23.63
N PRO C 269 3.47 -9.80 24.38
CA PRO C 269 2.06 -10.15 24.21
C PRO C 269 1.15 -9.04 24.67
N MET C 270 -0.07 -9.06 24.15
CA MET C 270 -1.09 -8.15 24.63
C MET C 270 -1.34 -8.39 26.12
N GLU C 271 -1.87 -7.35 26.78
CA GLU C 271 -1.96 -7.38 28.24
C GLU C 271 -2.74 -8.59 28.75
N MET C 272 -3.86 -8.91 28.10
CA MET C 272 -4.70 -10.02 28.55
C MET C 272 -4.03 -11.39 28.39
N MET C 273 -2.90 -11.47 27.71
CA MET C 273 -2.20 -12.74 27.53
C MET C 273 -0.87 -12.80 28.26
N ASP C 274 -0.54 -11.79 29.06
CA ASP C 274 0.72 -11.71 29.79
C ASP C 274 0.41 -11.99 31.26
N ARG C 275 0.78 -13.17 31.73
CA ARG C 275 0.47 -13.58 33.10
C ARG C 275 1.14 -12.70 34.15
N GLU C 276 2.15 -11.91 33.78
CA GLU C 276 2.82 -11.02 34.72
C GLU C 276 2.18 -9.63 34.78
N LYS C 277 1.31 -9.30 33.82
CA LYS C 277 0.64 -8.02 33.74
C LYS C 277 -0.87 -8.11 33.91
N ALA C 278 -1.50 -9.18 33.46
CA ALA C 278 -2.95 -9.28 33.46
C ALA C 278 -3.52 -9.25 34.87
N TYR C 279 -4.54 -8.42 35.07
CA TYR C 279 -5.30 -8.35 36.31
C TYR C 279 -6.69 -8.89 35.98
N ILE C 280 -6.89 -10.19 36.22
CA ILE C 280 -8.09 -10.88 35.71
C ILE C 280 -9.41 -10.16 35.98
N PRO C 281 -9.68 -9.66 37.19
CA PRO C 281 -11.02 -9.08 37.42
C PRO C 281 -11.34 -7.88 36.55
N GLU C 282 -10.39 -6.97 36.32
CA GLU C 282 -10.69 -5.82 35.48
C GLU C 282 -10.83 -6.23 34.02
N LEU C 283 -9.98 -7.15 33.56
CA LEU C 283 -10.11 -7.64 32.19
C LEU C 283 -11.44 -8.32 31.98
N GLN C 284 -11.86 -9.14 32.94
CA GLN C 284 -13.10 -9.88 32.81
C GLN C 284 -14.31 -8.94 32.86
N ILE C 285 -14.30 -8.00 33.80
CA ILE C 285 -15.38 -7.02 33.90
C ILE C 285 -15.49 -6.20 32.62
N SER C 286 -14.35 -5.79 32.06
CA SER C 286 -14.36 -5.05 30.81
C SER C 286 -14.94 -5.89 29.67
N PHE C 287 -14.52 -7.16 29.57
CA PHE C 287 -15.06 -8.03 28.52
C PHE C 287 -16.57 -8.21 28.67
N MET C 288 -17.02 -8.43 29.92
CA MET C 288 -18.45 -8.61 30.17
C MET C 288 -19.22 -7.33 29.86
N GLU C 289 -18.71 -6.18 30.31
CA GLU C 289 -19.45 -4.94 30.19
C GLU C 289 -19.47 -4.41 28.76
N HIS C 290 -18.34 -4.49 28.06
CA HIS C 290 -18.23 -3.80 26.78
C HIS C 290 -18.33 -4.72 25.57
N ILE C 291 -18.28 -6.04 25.74
CA ILE C 291 -18.42 -6.96 24.63
C ILE C 291 -19.63 -7.87 24.82
N ALA C 292 -19.64 -8.65 25.90
CA ALA C 292 -20.70 -9.66 26.08
C ALA C 292 -22.07 -9.01 26.30
N MET C 293 -22.16 -8.06 27.23
CA MET C 293 -23.45 -7.45 27.54
C MET C 293 -24.12 -6.80 26.33
N PRO C 294 -23.44 -5.98 25.52
CA PRO C 294 -24.11 -5.37 24.35
C PRO C 294 -24.65 -6.39 23.36
N ILE C 295 -23.98 -7.53 23.21
CA ILE C 295 -24.48 -8.61 22.37
C ILE C 295 -25.82 -9.11 22.87
N TYR C 296 -25.91 -9.43 24.15
CA TYR C 296 -27.15 -9.98 24.68
C TYR C 296 -28.23 -8.91 24.83
N LYS C 297 -27.84 -7.64 24.93
CA LYS C 297 -28.82 -6.57 24.87
C LYS C 297 -29.43 -6.45 23.46
N LEU C 298 -28.60 -6.57 22.41
CA LEU C 298 -29.14 -6.60 21.06
C LEU C 298 -30.10 -7.77 20.88
N LEU C 299 -29.71 -8.95 21.39
CA LEU C 299 -30.56 -10.14 21.28
C LEU C 299 -31.89 -9.92 21.96
N GLN C 300 -31.87 -9.30 23.15
CA GLN C 300 -33.10 -8.94 23.86
C GLN C 300 -33.92 -7.93 23.07
N ASP C 301 -33.25 -6.98 22.41
CA ASP C 301 -33.97 -5.97 21.61
C ASP C 301 -34.79 -6.62 20.51
N LEU C 302 -34.29 -7.71 19.94
CA LEU C 302 -34.95 -8.40 18.84
C LEU C 302 -35.91 -9.47 19.33
N PHE C 303 -35.55 -10.17 20.40
CA PHE C 303 -36.37 -11.26 20.95
C PHE C 303 -36.65 -10.92 22.40
N PRO C 304 -37.86 -10.45 22.73
CA PRO C 304 -38.18 -10.16 24.15
C PRO C 304 -37.92 -11.34 25.07
N LYS C 305 -38.12 -12.57 24.60
CA LYS C 305 -37.90 -13.75 25.43
C LYS C 305 -36.44 -14.00 25.79
N ALA C 306 -35.50 -13.31 25.14
CA ALA C 306 -34.09 -13.46 25.47
C ALA C 306 -33.66 -12.56 26.63
N ALA C 307 -34.62 -11.89 27.28
CA ALA C 307 -34.27 -10.95 28.34
C ALA C 307 -33.51 -11.61 29.47
N GLU C 308 -33.89 -12.84 29.85
CA GLU C 308 -33.20 -13.51 30.96
C GLU C 308 -31.73 -13.77 30.65
N LEU C 309 -31.38 -13.92 29.37
CA LEU C 309 -29.97 -14.13 29.02
C LEU C 309 -29.16 -12.89 29.33
N TYR C 310 -29.63 -11.72 28.90
CA TYR C 310 -28.96 -10.47 29.22
C TYR C 310 -28.86 -10.27 30.72
N GLU C 311 -29.96 -10.53 31.43
CA GLU C 311 -29.96 -10.36 32.88
C GLU C 311 -28.94 -11.28 33.55
N ARG C 312 -28.79 -12.51 33.04
CA ARG C 312 -27.78 -13.39 33.61
C ARG C 312 -26.37 -12.87 33.34
N VAL C 313 -26.10 -12.41 32.12
CA VAL C 313 -24.77 -11.85 31.84
C VAL C 313 -24.49 -10.65 32.75
N ALA C 314 -25.50 -9.80 32.95
CA ALA C 314 -25.33 -8.65 33.83
C ALA C 314 -25.06 -9.10 35.27
N SER C 315 -25.77 -10.13 35.74
CA SER C 315 -25.54 -10.62 37.10
C SER C 315 -24.14 -11.21 37.25
N ASN C 316 -23.67 -11.93 36.24
CA ASN C 316 -22.32 -12.49 36.33
C ASN C 316 -21.27 -11.40 36.35
N ARG C 317 -21.48 -10.34 35.56
CA ARG C 317 -20.57 -9.20 35.62
C ARG C 317 -20.55 -8.60 37.02
N GLU C 318 -21.74 -8.45 37.63
CA GLU C 318 -21.79 -7.92 38.99
C GLU C 318 -21.08 -8.83 39.98
N HIS C 319 -21.11 -10.14 39.76
CA HIS C 319 -20.39 -11.02 40.68
C HIS C 319 -18.88 -10.84 40.56
N TRP C 320 -18.38 -10.58 39.33
CA TRP C 320 -16.96 -10.32 39.17
C TRP C 320 -16.51 -9.11 39.97
N THR C 321 -17.32 -8.04 39.98
CA THR C 321 -16.94 -6.87 40.78
C THR C 321 -16.97 -7.19 42.27
N LYS C 322 -17.86 -8.10 42.68
CA LYS C 322 -18.01 -8.42 44.09
C LYS C 322 -16.88 -9.28 44.61
N VAL C 323 -16.16 -9.98 43.73
CA VAL C 323 -15.05 -10.83 44.13
C VAL C 323 -13.70 -10.26 43.73
N SER C 324 -13.67 -9.10 43.05
CA SER C 324 -12.40 -8.60 42.54
C SER C 324 -11.40 -8.34 43.66
N HIS C 325 -11.90 -8.01 44.86
CA HIS C 325 -11.02 -7.69 45.99
C HIS C 325 -10.15 -8.87 46.39
N LYS C 326 -10.58 -10.10 46.10
CA LYS C 326 -9.78 -11.27 46.45
C LYS C 326 -8.46 -11.35 45.70
N PHE C 327 -8.29 -10.56 44.63
CA PHE C 327 -7.06 -10.60 43.85
C PHE C 327 -5.97 -9.72 44.44
N THR C 328 -6.26 -9.02 45.53
CA THR C 328 -5.26 -8.36 46.35
C THR C 328 -5.09 -9.17 47.64
N ILE C 329 -3.86 -9.48 47.99
CA ILE C 329 -3.60 -10.30 49.17
C ILE C 329 -3.73 -9.42 50.40
N ARG C 330 -4.76 -9.69 51.19
CA ARG C 330 -4.88 -9.09 52.51
C ARG C 330 -4.56 -10.14 53.57
N GLY C 331 -4.08 -9.66 54.71
CA GLY C 331 -3.47 -10.57 55.66
C GLY C 331 -2.20 -11.20 55.09
N LEU C 332 -1.93 -12.42 55.52
CA LEU C 332 -0.81 -13.19 55.00
C LEU C 332 -1.29 -14.14 53.92
N PRO C 333 -0.39 -14.63 53.08
CA PRO C 333 -0.74 -15.74 52.20
C PRO C 333 -1.13 -16.97 53.03
N SER C 334 -1.75 -17.94 52.35
CA SER C 334 -2.29 -19.11 53.06
C SER C 334 -1.21 -19.86 53.82
N ASN C 335 0.01 -19.91 53.29
CA ASN C 335 1.10 -20.63 53.93
C ASN C 335 1.69 -19.91 55.14
N ASN C 336 1.17 -18.74 55.51
CA ASN C 336 1.62 -17.94 56.64
C ASN C 336 2.98 -17.28 56.42
N SER C 337 3.47 -17.25 55.19
CA SER C 337 4.83 -16.85 54.89
C SER C 337 4.87 -15.65 53.96
N LEU C 338 5.80 -14.75 54.23
CA LEU C 338 6.10 -13.63 53.37
C LEU C 338 7.26 -13.93 52.42
N ASP C 339 7.66 -15.20 52.34
CA ASP C 339 8.82 -15.57 51.53
C ASP C 339 8.68 -15.11 50.08
N PHE C 340 7.46 -15.14 49.54
CA PHE C 340 7.25 -14.79 48.14
C PHE C 340 7.75 -13.38 47.80
N LEU C 341 7.97 -12.53 48.79
CA LEU C 341 8.44 -11.18 48.54
C LEU C 341 9.81 -11.17 47.86
N GLU D 6 15.54 -39.70 -9.11
CA GLU D 6 16.17 -38.65 -9.92
C GLU D 6 16.96 -37.66 -9.06
N TYR D 7 16.91 -37.83 -7.75
CA TYR D 7 17.69 -36.98 -6.85
C TYR D 7 19.19 -37.25 -7.00
N THR D 8 19.56 -38.53 -7.15
CA THR D 8 20.96 -38.88 -7.30
C THR D 8 21.51 -38.40 -8.65
N LYS D 9 20.70 -38.49 -9.71
CA LYS D 9 21.15 -38.05 -11.03
C LYS D 9 21.50 -36.58 -11.02
N LEU D 10 20.66 -35.74 -10.43
CA LEU D 10 20.98 -34.32 -10.31
C LEU D 10 22.23 -34.09 -9.49
N LEU D 11 22.58 -35.03 -8.61
CA LEU D 11 23.79 -34.91 -7.80
C LEU D 11 25.02 -35.28 -8.63
N HIS D 12 25.00 -36.45 -9.25
CA HIS D 12 26.14 -36.94 -10.03
C HIS D 12 26.48 -35.97 -11.17
N ASP D 13 25.45 -35.57 -11.93
CA ASP D 13 25.67 -34.60 -13.01
C ASP D 13 26.29 -33.31 -12.48
N GLY D 14 25.92 -32.91 -11.27
CA GLY D 14 26.39 -31.65 -10.72
C GLY D 14 25.47 -30.52 -11.11
N ILE D 15 26.05 -29.47 -11.67
CA ILE D 15 25.28 -28.34 -12.23
C ILE D 15 26.03 -27.84 -13.46
N GLN D 16 25.35 -27.87 -14.63
CA GLN D 16 26.06 -27.65 -15.89
C GLN D 16 26.04 -26.17 -16.28
N PRO D 17 27.09 -25.71 -16.96
CA PRO D 17 26.99 -24.41 -17.64
C PRO D 17 25.93 -24.49 -18.73
N VAL D 18 25.18 -23.39 -18.88
CA VAL D 18 24.08 -23.38 -19.83
C VAL D 18 24.55 -23.66 -21.25
N ALA D 19 25.81 -23.31 -21.57
CA ALA D 19 26.34 -23.64 -22.88
C ALA D 19 26.43 -25.13 -23.10
N ALA D 20 26.63 -25.91 -22.03
CA ALA D 20 26.66 -27.36 -22.16
C ALA D 20 25.30 -27.94 -22.49
N ILE D 21 24.22 -27.23 -22.18
CA ILE D 21 22.89 -27.65 -22.60
C ILE D 21 22.67 -27.34 -24.07
N ASP D 22 22.90 -26.09 -24.46
CA ASP D 22 22.77 -25.64 -25.83
C ASP D 22 23.49 -24.30 -25.93
N SER D 23 24.24 -24.12 -27.02
CA SER D 23 24.95 -22.85 -27.21
C SER D 23 23.99 -21.67 -27.33
N ASN D 24 22.71 -21.93 -27.65
CA ASN D 24 21.71 -20.88 -27.82
C ASN D 24 20.73 -20.84 -26.66
N PHE D 25 21.07 -21.46 -25.53
CA PHE D 25 20.13 -21.67 -24.44
C PHE D 25 19.64 -20.35 -23.84
N ALA D 26 20.46 -19.30 -23.89
CA ALA D 26 20.09 -18.01 -23.32
C ALA D 26 19.55 -17.05 -24.36
N SER D 27 19.17 -17.54 -25.54
CA SER D 27 18.65 -16.70 -26.61
C SER D 27 17.13 -16.79 -26.67
N PHE D 28 16.50 -15.67 -27.06
CA PHE D 28 15.06 -15.67 -27.32
C PHE D 28 14.66 -16.62 -28.44
N THR D 29 15.58 -16.98 -29.33
CA THR D 29 15.26 -17.91 -30.40
C THR D 29 15.17 -19.36 -29.94
N TYR D 30 15.60 -19.66 -28.72
CA TYR D 30 15.65 -21.04 -28.25
C TYR D 30 14.26 -21.49 -27.82
N THR D 31 13.92 -22.73 -28.16
CA THR D 31 12.63 -23.29 -27.79
C THR D 31 12.83 -24.26 -26.64
N PRO D 32 12.48 -23.90 -25.41
CA PRO D 32 12.72 -24.82 -24.28
C PRO D 32 11.99 -26.13 -24.39
N ARG D 33 10.90 -26.20 -25.14
CA ARG D 33 10.22 -27.48 -25.31
C ARG D 33 11.03 -28.49 -26.11
N SER D 34 12.12 -28.06 -26.77
CA SER D 34 12.97 -28.99 -27.48
C SER D 34 13.84 -29.82 -26.53
N LEU D 35 13.94 -29.42 -25.28
CA LEU D 35 14.78 -30.15 -24.33
C LEU D 35 14.02 -31.38 -23.82
N PRO D 36 14.69 -32.52 -23.71
CA PRO D 36 14.04 -33.71 -23.14
C PRO D 36 13.57 -33.45 -21.72
N GLU D 37 12.40 -33.99 -21.38
CA GLU D 37 11.80 -33.73 -20.07
C GLU D 37 12.68 -34.24 -18.93
N ASP D 38 13.44 -35.31 -19.17
CA ASP D 38 14.31 -35.87 -18.14
C ASP D 38 15.53 -35.00 -17.85
N ASP D 39 15.74 -33.94 -18.62
CA ASP D 39 16.83 -33.00 -18.39
C ASP D 39 16.34 -31.66 -17.88
N THR D 40 15.03 -31.47 -17.72
CA THR D 40 14.52 -30.15 -17.39
C THR D 40 14.85 -29.75 -15.95
N SER D 41 14.95 -30.71 -15.04
CA SER D 41 15.34 -30.39 -13.67
C SER D 41 16.78 -29.88 -13.63
N MET D 42 17.68 -30.58 -14.32
CA MET D 42 19.04 -30.12 -14.52
C MET D 42 19.05 -28.68 -15.05
N ALA D 43 18.21 -28.41 -16.05
CA ALA D 43 18.18 -27.07 -16.65
C ALA D 43 17.74 -26.01 -15.64
N ILE D 44 16.79 -26.35 -14.76
CA ILE D 44 16.36 -25.41 -13.72
C ILE D 44 17.53 -25.05 -12.83
N LEU D 45 18.25 -26.06 -12.32
CA LEU D 45 19.42 -25.81 -11.50
C LEU D 45 20.47 -25.01 -12.27
N SER D 46 20.68 -25.32 -13.54
CA SER D 46 21.68 -24.62 -14.35
C SER D 46 21.30 -23.16 -14.57
N MET D 47 19.99 -22.86 -14.66
CA MET D 47 19.57 -21.48 -14.83
C MET D 47 19.77 -20.70 -13.53
N LEU D 48 19.41 -21.31 -12.40
CA LEU D 48 19.66 -20.68 -11.11
C LEU D 48 21.15 -20.46 -10.87
N GLN D 49 21.99 -21.40 -11.30
CA GLN D 49 23.43 -21.22 -11.15
C GLN D 49 23.95 -20.15 -12.10
N ASP D 50 23.47 -20.14 -13.35
CA ASP D 50 23.94 -19.14 -14.30
C ASP D 50 23.57 -17.74 -13.85
N MET D 51 22.41 -17.58 -13.23
CA MET D 51 21.99 -16.32 -12.60
C MET D 51 22.68 -16.06 -11.28
N ASN D 52 23.41 -17.05 -10.76
CA ASN D 52 24.16 -16.99 -9.51
C ASN D 52 23.28 -16.84 -8.27
N PHE D 53 22.01 -17.22 -8.36
CA PHE D 53 21.13 -17.17 -7.18
C PHE D 53 21.51 -18.23 -6.15
N ILE D 54 22.06 -19.37 -6.58
CA ILE D 54 22.41 -20.41 -5.62
C ILE D 54 23.45 -19.89 -4.65
N ASN D 55 24.59 -19.44 -5.17
CA ASN D 55 25.65 -18.87 -4.32
C ASN D 55 25.16 -17.62 -3.59
N ASN D 56 24.57 -16.68 -4.33
CA ASN D 56 24.25 -15.39 -3.73
C ASN D 56 23.23 -15.52 -2.60
N TYR D 57 22.26 -16.40 -2.74
CA TYR D 57 21.25 -16.60 -1.71
C TYR D 57 21.58 -17.73 -0.75
N LYS D 58 22.76 -18.33 -0.88
CA LYS D 58 23.24 -19.36 0.03
C LYS D 58 22.27 -20.54 0.05
N ILE D 59 21.71 -20.87 -1.11
CA ILE D 59 20.72 -21.93 -1.18
C ILE D 59 21.43 -23.28 -1.03
N ASP D 60 20.84 -24.17 -0.25
CA ASP D 60 21.41 -25.50 -0.08
C ASP D 60 21.07 -26.34 -1.30
N CYS D 61 22.08 -26.81 -2.02
CA CYS D 61 21.83 -27.54 -3.26
C CYS D 61 21.00 -28.80 -3.07
N PRO D 62 21.24 -29.65 -2.05
CA PRO D 62 20.32 -30.78 -1.84
C PRO D 62 18.87 -30.34 -1.66
N THR D 63 18.64 -29.34 -0.81
CA THR D 63 17.27 -28.84 -0.60
C THR D 63 16.67 -28.33 -1.91
N LEU D 64 17.48 -27.61 -2.71
CA LEU D 64 16.98 -27.08 -3.97
C LEU D 64 16.67 -28.20 -4.96
N ALA D 65 17.54 -29.22 -5.03
CA ALA D 65 17.26 -30.36 -5.90
C ALA D 65 15.95 -31.04 -5.51
N ARG D 66 15.76 -31.29 -4.22
CA ARG D 66 14.52 -31.90 -3.75
C ARG D 66 13.32 -31.03 -4.09
N PHE D 67 13.44 -29.72 -3.84
CA PHE D 67 12.36 -28.79 -4.17
C PHE D 67 11.98 -28.87 -5.64
N CYS D 68 12.98 -28.83 -6.53
CA CYS D 68 12.72 -28.89 -7.96
C CYS D 68 12.01 -30.18 -8.36
N LEU D 69 12.45 -31.32 -7.80
CA LEU D 69 11.81 -32.58 -8.13
C LEU D 69 10.38 -32.63 -7.61
N MET D 70 10.13 -32.10 -6.41
CA MET D 70 8.78 -32.07 -5.87
C MET D 70 7.87 -31.20 -6.72
N VAL D 71 8.38 -30.05 -7.19
CA VAL D 71 7.57 -29.18 -8.03
C VAL D 71 7.20 -29.88 -9.34
N LYS D 72 8.20 -30.49 -10.00
CA LYS D 72 7.95 -31.24 -11.23
C LYS D 72 6.87 -32.30 -11.03
N LYS D 73 6.96 -33.04 -9.92
CA LYS D 73 6.02 -34.11 -9.61
C LYS D 73 4.62 -33.57 -9.32
N GLY D 74 4.52 -32.30 -8.93
CA GLY D 74 3.25 -31.72 -8.58
C GLY D 74 2.37 -31.37 -9.76
N TYR D 75 2.87 -31.58 -10.98
CA TYR D 75 2.08 -31.31 -12.19
C TYR D 75 1.45 -32.59 -12.71
N ARG D 76 0.21 -32.48 -13.15
CA ARG D 76 -0.49 -33.58 -13.81
C ARG D 76 -0.14 -33.55 -15.30
N ASP D 77 -0.88 -34.31 -16.11
CA ASP D 77 -0.58 -34.42 -17.53
C ASP D 77 -1.77 -34.08 -18.44
N PRO D 78 -2.39 -32.92 -18.28
CA PRO D 78 -3.31 -32.43 -19.33
C PRO D 78 -2.52 -32.01 -20.55
N PRO D 79 -3.18 -31.77 -21.68
CA PRO D 79 -2.41 -31.50 -22.91
C PRO D 79 -1.47 -30.30 -22.79
N TYR D 80 -1.89 -29.21 -22.13
CA TYR D 80 -1.10 -27.99 -22.08
C TYR D 80 -0.55 -27.69 -20.69
N HIS D 81 -1.38 -27.71 -19.64
CA HIS D 81 -0.99 -27.21 -18.31
C HIS D 81 -0.27 -28.30 -17.53
N ASN D 82 0.89 -28.67 -18.02
CA ASN D 82 1.72 -29.74 -17.47
C ASN D 82 3.09 -29.18 -17.12
N TRP D 83 4.01 -30.05 -16.68
CA TRP D 83 5.32 -29.56 -16.22
C TRP D 83 6.11 -28.89 -17.34
N MET D 84 5.97 -29.36 -18.59
CA MET D 84 6.71 -28.71 -19.68
C MET D 84 6.27 -27.27 -19.89
N HIS D 85 5.00 -26.97 -19.60
CA HIS D 85 4.56 -25.57 -19.61
C HIS D 85 5.28 -24.77 -18.51
N ALA D 86 5.24 -25.27 -17.28
CA ALA D 86 5.90 -24.54 -16.19
C ALA D 86 7.39 -24.39 -16.47
N PHE D 87 8.02 -25.42 -17.04
CA PHE D 87 9.44 -25.31 -17.34
C PHE D 87 9.70 -24.25 -18.41
N SER D 88 8.91 -24.26 -19.49
CA SER D 88 9.13 -23.28 -20.55
C SER D 88 8.86 -21.87 -20.05
N VAL D 89 7.90 -21.71 -19.14
CA VAL D 89 7.62 -20.40 -18.55
C VAL D 89 8.79 -19.95 -17.69
N SER D 90 9.36 -20.87 -16.91
CA SER D 90 10.52 -20.52 -16.08
C SER D 90 11.71 -20.20 -16.96
N HIS D 91 11.88 -20.94 -18.05
CA HIS D 91 12.99 -20.64 -18.98
C HIS D 91 12.86 -19.22 -19.52
N PHE D 92 11.64 -18.77 -19.81
CA PHE D 92 11.48 -17.42 -20.35
C PHE D 92 11.83 -16.36 -19.30
N CYS D 93 11.47 -16.58 -18.03
CA CYS D 93 11.91 -15.68 -16.97
C CYS D 93 13.42 -15.52 -16.96
N TYR D 94 14.13 -16.65 -17.02
CA TYR D 94 15.58 -16.62 -17.20
C TYR D 94 15.99 -15.82 -18.43
N LEU D 95 15.29 -15.97 -19.56
CA LEU D 95 15.66 -15.23 -20.75
C LEU D 95 15.48 -13.73 -20.54
N LEU D 96 14.40 -13.32 -19.86
CA LEU D 96 14.21 -11.91 -19.57
C LEU D 96 15.36 -11.38 -18.72
N TYR D 97 15.79 -12.16 -17.73
CA TYR D 97 16.93 -11.78 -16.91
C TYR D 97 18.18 -11.66 -17.75
N LYS D 98 18.41 -12.60 -18.66
CA LYS D 98 19.66 -12.62 -19.43
C LYS D 98 19.70 -11.56 -20.52
N ASN D 99 18.53 -11.18 -21.06
CA ASN D 99 18.46 -10.33 -22.24
C ASN D 99 17.96 -8.92 -21.96
N LEU D 100 17.18 -8.73 -20.92
CA LEU D 100 16.75 -7.41 -20.51
C LEU D 100 17.52 -7.04 -19.25
N GLU D 101 17.63 -5.74 -18.99
CA GLU D 101 18.30 -5.29 -17.77
C GLU D 101 17.28 -5.22 -16.64
N LEU D 102 16.77 -6.41 -16.27
CA LEU D 102 15.77 -6.49 -15.21
C LEU D 102 16.26 -5.89 -13.90
N THR D 103 17.56 -6.04 -13.60
CA THR D 103 18.11 -5.55 -12.34
C THR D 103 18.14 -4.02 -12.29
N ASN D 104 18.02 -3.36 -13.45
CA ASN D 104 17.85 -1.91 -13.47
C ASN D 104 16.53 -1.48 -12.86
N TYR D 105 15.52 -2.37 -12.81
CA TYR D 105 14.17 -2.01 -12.39
C TYR D 105 13.66 -2.79 -11.18
N LEU D 106 14.18 -3.99 -10.93
CA LEU D 106 13.66 -4.86 -9.89
C LEU D 106 14.77 -5.28 -8.96
N GLU D 107 14.39 -5.53 -7.71
CA GLU D 107 15.28 -6.08 -6.70
C GLU D 107 15.62 -7.53 -7.03
N ASP D 108 16.81 -7.96 -6.60
CA ASP D 108 17.22 -9.36 -6.77
C ASP D 108 16.17 -10.32 -6.21
N ILE D 109 15.66 -10.04 -5.00
CA ILE D 109 14.70 -10.94 -4.39
C ILE D 109 13.41 -11.01 -5.21
N GLU D 110 13.06 -9.91 -5.89
CA GLU D 110 11.85 -9.90 -6.71
C GLU D 110 12.02 -10.77 -7.95
N ILE D 111 13.22 -10.76 -8.54
CA ILE D 111 13.50 -11.60 -9.71
C ILE D 111 13.53 -13.07 -9.31
N PHE D 112 14.13 -13.37 -8.17
CA PHE D 112 14.17 -14.74 -7.67
C PHE D 112 12.77 -15.25 -7.41
N ALA D 113 11.95 -14.43 -6.72
CA ALA D 113 10.56 -14.81 -6.48
C ALA D 113 9.82 -15.06 -7.78
N LEU D 114 10.08 -14.22 -8.80
CA LEU D 114 9.44 -14.41 -10.11
C LEU D 114 9.77 -15.78 -10.68
N PHE D 115 11.04 -16.19 -10.61
CA PHE D 115 11.47 -17.45 -11.21
C PHE D 115 10.88 -18.65 -10.47
N ILE D 116 10.96 -18.64 -9.14
CA ILE D 116 10.32 -19.69 -8.34
C ILE D 116 8.82 -19.71 -8.57
N SER D 117 8.19 -18.54 -8.68
CA SER D 117 6.75 -18.52 -8.98
C SER D 117 6.47 -19.18 -10.31
N CYS D 118 7.28 -18.87 -11.33
CA CYS D 118 7.11 -19.52 -12.64
C CYS D 118 7.09 -21.03 -12.50
N MET D 119 8.00 -21.57 -11.70
CA MET D 119 8.07 -23.03 -11.53
C MET D 119 6.78 -23.58 -10.95
N CYS D 120 6.19 -22.86 -9.99
CA CYS D 120 5.06 -23.36 -9.22
C CYS D 120 3.70 -22.92 -9.73
N HIS D 121 3.63 -22.07 -10.76
CA HIS D 121 2.44 -21.24 -10.91
C HIS D 121 1.21 -21.99 -11.43
N ASP D 122 1.34 -23.21 -11.97
CA ASP D 122 0.19 -24.01 -12.41
C ASP D 122 0.13 -25.36 -11.67
N LEU D 123 0.79 -25.47 -10.50
CA LEU D 123 0.84 -26.74 -9.78
C LEU D 123 -0.54 -27.39 -9.63
N ASP D 124 -0.61 -28.68 -10.01
CA ASP D 124 -1.82 -29.52 -9.85
C ASP D 124 -2.98 -29.07 -10.73
N HIS D 125 -2.69 -28.35 -11.82
CA HIS D 125 -3.71 -28.00 -12.81
C HIS D 125 -4.37 -29.25 -13.36
N ARG D 126 -5.71 -29.19 -13.53
CA ARG D 126 -6.50 -30.33 -13.98
C ARG D 126 -6.97 -30.19 -15.42
N GLY D 127 -6.48 -29.18 -16.15
CA GLY D 127 -6.95 -28.96 -17.51
C GLY D 127 -8.30 -28.28 -17.63
N THR D 128 -8.79 -27.67 -16.54
CA THR D 128 -10.04 -26.94 -16.54
C THR D 128 -9.82 -25.55 -15.96
N ASN D 129 -10.69 -24.60 -16.36
CA ASN D 129 -10.54 -23.23 -15.92
C ASN D 129 -11.25 -22.98 -14.59
N ASN D 130 -11.30 -21.71 -14.17
CA ASN D 130 -11.86 -21.37 -12.87
C ASN D 130 -13.38 -21.55 -12.84
N SER D 131 -14.07 -21.07 -13.88
CA SER D 131 -15.52 -21.21 -13.86
C SER D 131 -15.94 -22.68 -13.83
N PHE D 132 -15.16 -23.57 -14.46
CA PHE D 132 -15.51 -24.99 -14.38
C PHE D 132 -15.46 -25.51 -12.96
N GLN D 133 -14.47 -25.10 -12.18
CA GLN D 133 -14.42 -25.54 -10.78
C GLN D 133 -15.68 -25.12 -10.05
N VAL D 134 -16.14 -23.89 -10.31
CA VAL D 134 -17.31 -23.38 -9.63
C VAL D 134 -18.56 -24.14 -10.09
N ALA D 135 -18.69 -24.32 -11.41
CA ALA D 135 -19.86 -25.00 -11.96
C ALA D 135 -19.94 -26.46 -11.52
N SER D 136 -18.80 -27.14 -11.43
CA SER D 136 -18.78 -28.54 -11.02
C SER D 136 -18.82 -28.71 -9.51
N LYS D 137 -18.82 -27.60 -8.77
CA LYS D 137 -18.83 -27.62 -7.31
C LYS D 137 -17.72 -28.51 -6.77
N SER D 138 -16.52 -28.33 -7.32
CA SER D 138 -15.35 -29.04 -6.85
C SER D 138 -14.95 -28.55 -5.46
N VAL D 139 -14.13 -29.36 -4.78
CA VAL D 139 -13.62 -28.94 -3.46
C VAL D 139 -12.83 -27.64 -3.57
N LEU D 140 -12.14 -27.42 -4.69
CA LEU D 140 -11.41 -26.17 -4.87
C LEU D 140 -12.36 -24.98 -4.90
N ALA D 141 -13.52 -25.14 -5.56
CA ALA D 141 -14.51 -24.07 -5.52
C ALA D 141 -15.02 -23.84 -4.10
N ALA D 142 -15.31 -24.91 -3.37
CA ALA D 142 -15.77 -24.75 -1.99
C ALA D 142 -14.77 -23.95 -1.16
N LEU D 143 -13.47 -24.18 -1.39
CA LEU D 143 -12.43 -23.48 -0.65
C LEU D 143 -12.22 -22.05 -1.10
N TYR D 144 -12.32 -21.76 -2.41
CA TYR D 144 -11.76 -20.51 -2.93
C TYR D 144 -12.72 -19.65 -3.73
N SER D 145 -13.92 -20.13 -4.09
CA SER D 145 -14.74 -19.41 -5.06
C SER D 145 -15.16 -18.04 -4.58
N SER D 146 -15.34 -17.85 -3.26
CA SER D 146 -15.76 -16.54 -2.75
C SER D 146 -14.67 -15.50 -2.91
N GLU D 147 -13.40 -15.92 -2.88
CA GLU D 147 -12.29 -15.00 -3.02
C GLU D 147 -11.83 -14.82 -4.47
N GLY D 148 -12.23 -15.69 -5.38
CA GLY D 148 -11.85 -15.60 -6.77
C GLY D 148 -10.52 -16.27 -7.07
N SER D 149 -10.23 -16.39 -8.37
CA SER D 149 -9.02 -17.02 -8.89
C SER D 149 -8.80 -18.41 -8.26
N VAL D 150 -9.82 -19.26 -8.43
CA VAL D 150 -9.88 -20.54 -7.73
C VAL D 150 -8.61 -21.36 -7.97
N MET D 151 -8.25 -21.58 -9.25
CA MET D 151 -7.09 -22.43 -9.52
C MET D 151 -5.80 -21.80 -9.03
N GLU D 152 -5.65 -20.48 -9.18
CA GLU D 152 -4.43 -19.80 -8.78
C GLU D 152 -4.22 -19.84 -7.27
N ARG D 153 -5.29 -19.72 -6.50
CA ARG D 153 -5.20 -19.92 -5.06
C ARG D 153 -4.77 -21.36 -4.73
N HIS D 154 -5.24 -22.33 -5.51
CA HIS D 154 -4.80 -23.70 -5.31
C HIS D 154 -3.33 -23.87 -5.67
N HIS D 155 -2.87 -23.25 -6.78
CA HIS D 155 -1.47 -23.38 -7.15
C HIS D 155 -0.57 -22.86 -6.04
N PHE D 156 -0.91 -21.70 -5.47
CA PHE D 156 -0.15 -21.14 -4.37
C PHE D 156 -0.20 -22.06 -3.16
N ALA D 157 -1.38 -22.60 -2.84
CA ALA D 157 -1.48 -23.50 -1.69
C ALA D 157 -0.64 -24.76 -1.89
N GLN D 158 -0.56 -25.25 -3.13
CA GLN D 158 0.29 -26.40 -3.40
C GLN D 158 1.78 -26.04 -3.22
N ALA D 159 2.17 -24.84 -3.64
CA ALA D 159 3.56 -24.39 -3.44
C ALA D 159 3.90 -24.33 -1.96
N ILE D 160 3.00 -23.77 -1.15
CA ILE D 160 3.20 -23.73 0.31
C ILE D 160 3.37 -25.13 0.87
N ALA D 161 2.53 -26.08 0.42
CA ALA D 161 2.64 -27.46 0.90
C ALA D 161 4.00 -28.06 0.55
N ILE D 162 4.55 -27.74 -0.62
CA ILE D 162 5.88 -28.23 -0.97
C ILE D 162 6.93 -27.65 -0.03
N LEU D 163 6.93 -26.33 0.15
CA LEU D 163 7.91 -25.69 1.03
C LEU D 163 7.80 -26.22 2.46
N ASN D 164 6.58 -26.59 2.89
CA ASN D 164 6.36 -27.09 4.24
C ASN D 164 6.66 -28.58 4.36
N THR D 165 7.15 -29.21 3.30
CA THR D 165 7.56 -30.60 3.35
C THR D 165 9.00 -30.67 3.86
N HIS D 166 9.25 -31.55 4.81
CA HIS D 166 10.57 -31.65 5.41
C HIS D 166 11.62 -31.84 4.32
N GLY D 167 12.68 -31.03 4.40
CA GLY D 167 13.78 -31.10 3.46
C GLY D 167 13.61 -30.34 2.16
N CYS D 168 12.51 -29.59 2.01
CA CYS D 168 12.22 -28.91 0.75
C CYS D 168 12.11 -27.40 0.86
N ASN D 169 12.35 -26.82 2.02
CA ASN D 169 12.15 -25.38 2.19
C ASN D 169 13.44 -24.67 1.80
N ILE D 170 13.52 -24.24 0.54
CA ILE D 170 14.72 -23.59 0.05
C ILE D 170 14.99 -22.25 0.70
N PHE D 171 13.99 -21.68 1.39
CA PHE D 171 14.11 -20.35 2.01
C PHE D 171 14.28 -20.41 3.52
N ASP D 172 14.45 -21.58 4.13
CA ASP D 172 14.30 -21.63 5.59
C ASP D 172 15.43 -20.94 6.35
N HIS D 173 16.55 -20.64 5.70
CA HIS D 173 17.62 -19.90 6.34
C HIS D 173 17.52 -18.39 6.12
N PHE D 174 16.58 -17.92 5.30
CA PHE D 174 16.40 -16.50 5.08
C PHE D 174 16.05 -15.82 6.40
N SER D 175 16.43 -14.55 6.52
CA SER D 175 15.95 -13.75 7.64
C SER D 175 14.42 -13.76 7.65
N ARG D 176 13.85 -13.46 8.82
CA ARG D 176 12.39 -13.45 8.93
C ARG D 176 11.77 -12.54 7.88
N LYS D 177 12.36 -11.37 7.65
CA LYS D 177 11.83 -10.40 6.70
C LYS D 177 11.95 -10.90 5.26
N ASP D 178 13.12 -11.45 4.90
CA ASP D 178 13.30 -11.95 3.54
C ASP D 178 12.42 -13.17 3.27
N TYR D 179 12.23 -14.01 4.29
CA TYR D 179 11.33 -15.15 4.17
C TYR D 179 9.91 -14.68 3.90
N GLN D 180 9.43 -13.71 4.68
CA GLN D 180 8.09 -13.18 4.48
C GLN D 180 7.94 -12.53 3.11
N ARG D 181 8.98 -11.82 2.67
CA ARG D 181 8.97 -11.21 1.35
C ARG D 181 8.80 -12.25 0.26
N MET D 182 9.48 -13.40 0.38
CA MET D 182 9.34 -14.45 -0.63
C MET D 182 7.91 -14.97 -0.69
N LEU D 183 7.29 -15.22 0.46
CA LEU D 183 5.93 -15.71 0.47
C LEU D 183 4.96 -14.71 -0.14
N ASP D 184 5.09 -13.44 0.23
CA ASP D 184 4.19 -12.39 -0.26
C ASP D 184 4.36 -12.19 -1.76
N LEU D 185 5.60 -12.20 -2.24
CA LEU D 185 5.84 -12.09 -3.67
C LEU D 185 5.25 -13.28 -4.41
N MET D 186 5.51 -14.50 -3.94
CA MET D 186 4.98 -15.69 -4.62
C MET D 186 3.46 -15.65 -4.70
N ARG D 187 2.79 -15.21 -3.62
CA ARG D 187 1.33 -15.14 -3.63
C ARG D 187 0.86 -14.14 -4.67
N ASP D 188 1.46 -12.94 -4.69
CA ASP D 188 1.03 -11.92 -5.62
C ASP D 188 1.28 -12.35 -7.05
N ILE D 189 2.46 -12.93 -7.31
CA ILE D 189 2.83 -13.29 -8.68
C ILE D 189 1.97 -14.44 -9.18
N ILE D 190 1.76 -15.47 -8.36
CA ILE D 190 0.92 -16.59 -8.78
C ILE D 190 -0.51 -16.15 -9.02
N LEU D 191 -1.05 -15.31 -8.14
CA LEU D 191 -2.41 -14.81 -8.36
C LEU D 191 -2.51 -13.99 -9.64
N ALA D 192 -1.42 -13.35 -10.05
CA ALA D 192 -1.40 -12.52 -11.25
C ALA D 192 -1.52 -13.33 -12.52
N THR D 193 -1.36 -14.65 -12.44
CA THR D 193 -1.46 -15.49 -13.62
C THR D 193 -2.89 -15.74 -14.08
N ASP D 194 -3.88 -15.36 -13.28
CA ASP D 194 -5.27 -15.40 -13.75
C ASP D 194 -5.43 -14.29 -14.77
N LEU D 195 -5.81 -14.63 -16.00
CA LEU D 195 -5.97 -13.59 -16.99
C LEU D 195 -7.06 -12.61 -16.61
N ALA D 196 -8.03 -13.03 -15.79
CA ALA D 196 -9.03 -12.08 -15.30
C ALA D 196 -8.36 -10.96 -14.50
N HIS D 197 -7.32 -11.30 -13.74
CA HIS D 197 -6.58 -10.29 -12.99
C HIS D 197 -5.81 -9.37 -13.94
N HIS D 198 -5.14 -9.95 -14.95
CA HIS D 198 -4.41 -9.14 -15.90
C HIS D 198 -5.34 -8.13 -16.58
N LEU D 199 -6.51 -8.60 -17.03
CA LEU D 199 -7.47 -7.69 -17.67
C LEU D 199 -7.95 -6.60 -16.72
N ARG D 200 -8.06 -6.90 -15.43
CA ARG D 200 -8.47 -5.90 -14.46
C ARG D 200 -7.40 -4.84 -14.25
N ILE D 201 -6.13 -5.23 -14.26
CA ILE D 201 -5.04 -4.29 -13.99
C ILE D 201 -4.47 -3.66 -15.24
N PHE D 202 -5.02 -4.00 -16.42
CA PHE D 202 -4.43 -3.54 -17.67
C PHE D 202 -4.32 -2.02 -17.73
N LYS D 203 -5.37 -1.30 -17.32
CA LYS D 203 -5.32 0.16 -17.33
C LYS D 203 -4.20 0.69 -16.44
N ASP D 204 -3.90 0.00 -15.32
CA ASP D 204 -2.83 0.43 -14.43
C ASP D 204 -1.46 0.17 -15.05
N LEU D 205 -1.33 -0.94 -15.79
CA LEU D 205 -0.11 -1.19 -16.54
C LEU D 205 0.10 -0.11 -17.60
N GLN D 206 -0.96 0.23 -18.34
CA GLN D 206 -0.84 1.27 -19.35
C GLN D 206 -0.44 2.61 -18.72
N LYS D 207 -1.04 2.96 -17.57
CA LYS D 207 -0.71 4.21 -16.89
C LYS D 207 0.76 4.24 -16.49
N MET D 208 1.27 3.13 -15.96
CA MET D 208 2.67 3.04 -15.57
C MET D 208 3.57 3.25 -16.77
N ALA D 209 3.22 2.63 -17.90
CA ALA D 209 3.97 2.83 -19.13
C ALA D 209 3.90 4.27 -19.61
N GLU D 210 2.78 4.95 -19.36
CA GLU D 210 2.62 6.32 -19.85
C GLU D 210 3.45 7.31 -19.04
N VAL D 211 3.44 7.17 -17.71
CA VAL D 211 4.23 8.08 -16.88
C VAL D 211 5.70 7.68 -16.84
N GLY D 212 6.00 6.43 -17.19
CA GLY D 212 7.35 5.93 -17.09
C GLY D 212 7.59 5.22 -15.78
N TYR D 213 8.31 4.11 -15.84
CA TYR D 213 8.58 3.29 -14.66
C TYR D 213 9.38 4.11 -13.65
N ASP D 214 8.91 4.11 -12.39
CA ASP D 214 9.56 4.80 -11.29
C ASP D 214 10.16 3.73 -10.37
N ARG D 215 11.50 3.60 -10.42
CA ARG D 215 12.19 2.61 -9.60
C ARG D 215 11.90 2.74 -8.12
N ASN D 216 11.48 3.92 -7.65
CA ASN D 216 11.24 4.12 -6.23
C ASN D 216 9.78 3.99 -5.84
N ASN D 217 8.94 3.55 -6.77
CA ASN D 217 7.51 3.37 -6.55
C ASN D 217 7.25 1.89 -6.35
N LYS D 218 6.85 1.50 -5.14
CA LYS D 218 6.61 0.09 -4.85
C LYS D 218 5.43 -0.47 -5.64
N GLN D 219 4.46 0.37 -6.01
CA GLN D 219 3.37 -0.14 -6.83
C GLN D 219 3.85 -0.46 -8.22
N HIS D 220 4.78 0.35 -8.75
CA HIS D 220 5.36 0.03 -10.06
C HIS D 220 6.10 -1.29 -10.03
N HIS D 221 6.86 -1.57 -8.95
CA HIS D 221 7.51 -2.88 -8.85
C HIS D 221 6.49 -4.00 -8.93
N ARG D 222 5.41 -3.87 -8.15
CA ARG D 222 4.34 -4.90 -8.12
C ARG D 222 3.72 -5.09 -9.50
N LEU D 223 3.37 -3.98 -10.17
CA LEU D 223 2.76 -4.05 -11.49
C LEU D 223 3.71 -4.67 -12.51
N LEU D 224 4.98 -4.28 -12.47
CA LEU D 224 5.94 -4.83 -13.42
C LEU D 224 6.09 -6.33 -13.23
N LEU D 225 6.08 -6.81 -11.98
CA LEU D 225 6.12 -8.25 -11.74
C LEU D 225 4.91 -8.96 -12.34
N CYS D 226 3.73 -8.34 -12.27
CA CYS D 226 2.55 -8.93 -12.89
C CYS D 226 2.70 -9.02 -14.40
N LEU D 227 3.18 -7.94 -15.03
CA LEU D 227 3.38 -7.92 -16.47
C LEU D 227 4.42 -8.96 -16.89
N LEU D 228 5.54 -9.04 -16.18
CA LEU D 228 6.55 -10.04 -16.50
C LEU D 228 6.01 -11.46 -16.34
N MET D 229 5.26 -11.73 -15.27
CA MET D 229 4.67 -13.06 -15.10
C MET D 229 3.77 -13.44 -16.28
N THR D 230 2.88 -12.53 -16.68
CA THR D 230 2.02 -12.82 -17.83
C THR D 230 2.84 -13.01 -19.10
N SER D 231 3.87 -12.18 -19.28
CA SER D 231 4.77 -12.32 -20.42
C SER D 231 5.42 -13.69 -20.46
N CYS D 232 5.80 -14.23 -19.29
CA CYS D 232 6.36 -15.58 -19.25
C CYS D 232 5.28 -16.61 -19.55
N ASP D 233 4.08 -16.44 -18.96
CA ASP D 233 3.00 -17.42 -19.12
C ASP D 233 2.62 -17.60 -20.58
N LEU D 234 2.71 -16.52 -21.37
CA LEU D 234 2.28 -16.53 -22.76
C LEU D 234 3.44 -16.69 -23.74
N SER D 235 4.64 -16.94 -23.24
CA SER D 235 5.85 -16.83 -24.05
C SER D 235 5.96 -17.86 -25.17
N ASP D 236 5.15 -18.94 -25.17
CA ASP D 236 5.12 -19.81 -26.35
C ASP D 236 4.84 -19.02 -27.62
N GLN D 237 4.09 -17.92 -27.51
CA GLN D 237 3.72 -17.13 -28.68
C GLN D 237 4.85 -16.28 -29.23
N THR D 238 5.99 -16.19 -28.53
CA THR D 238 7.16 -15.46 -28.99
C THR D 238 8.16 -16.35 -29.72
N LYS D 239 7.83 -17.62 -29.96
CA LYS D 239 8.69 -18.52 -30.68
C LYS D 239 8.28 -18.55 -32.14
N GLY D 240 8.79 -19.54 -32.88
CA GLY D 240 8.46 -19.69 -34.27
C GLY D 240 7.06 -20.25 -34.49
N TRP D 241 6.64 -20.19 -35.76
CA TRP D 241 5.29 -20.61 -36.11
C TRP D 241 5.01 -22.03 -35.64
N LYS D 242 5.95 -22.95 -35.90
CA LYS D 242 5.75 -24.36 -35.53
C LYS D 242 5.41 -24.52 -34.06
N THR D 243 6.12 -23.80 -33.18
CA THR D 243 5.83 -23.88 -31.76
C THR D 243 4.40 -23.42 -31.47
N THR D 244 4.00 -22.29 -32.06
CA THR D 244 2.70 -21.74 -31.76
C THR D 244 1.58 -22.60 -32.33
N ARG D 245 1.82 -23.23 -33.50
CA ARG D 245 0.84 -24.17 -34.07
C ARG D 245 0.63 -25.36 -33.14
N LYS D 246 1.73 -26.02 -32.74
CA LYS D 246 1.64 -27.12 -31.79
C LYS D 246 0.95 -26.71 -30.49
N ILE D 247 1.30 -25.54 -29.96
CA ILE D 247 0.72 -25.14 -28.68
C ILE D 247 -0.76 -24.85 -28.81
N ALA D 248 -1.20 -24.28 -29.94
CA ALA D 248 -2.63 -24.12 -30.18
C ALA D 248 -3.34 -25.46 -30.16
N GLU D 249 -2.75 -26.48 -30.78
CA GLU D 249 -3.31 -27.82 -30.77
C GLU D 249 -3.49 -28.35 -29.35
N LEU D 250 -2.46 -28.16 -28.50
CA LEU D 250 -2.54 -28.60 -27.10
C LEU D 250 -3.62 -27.82 -26.34
N ILE D 251 -3.66 -26.51 -26.52
CA ILE D 251 -4.61 -25.68 -25.81
C ILE D 251 -6.04 -26.06 -26.19
N TYR D 252 -6.32 -26.16 -27.50
CA TYR D 252 -7.69 -26.47 -27.94
C TYR D 252 -8.10 -27.88 -27.55
N LYS D 253 -7.17 -28.84 -27.55
CA LYS D 253 -7.52 -30.15 -27.04
C LYS D 253 -7.95 -30.07 -25.58
N GLU D 254 -7.23 -29.30 -24.77
CA GLU D 254 -7.62 -29.11 -23.38
C GLU D 254 -8.98 -28.42 -23.27
N PHE D 255 -9.16 -27.31 -23.99
CA PHE D 255 -10.42 -26.57 -23.97
C PHE D 255 -11.59 -27.46 -24.36
N PHE D 256 -11.48 -28.17 -25.48
CA PHE D 256 -12.61 -28.95 -25.98
C PHE D 256 -12.94 -30.11 -25.06
N SER D 257 -11.95 -30.64 -24.34
CA SER D 257 -12.25 -31.66 -23.35
C SER D 257 -13.08 -31.09 -22.20
N GLN D 258 -12.75 -29.88 -21.75
CA GLN D 258 -13.60 -29.23 -20.77
C GLN D 258 -15.01 -29.02 -21.32
N GLY D 259 -15.11 -28.50 -22.55
CA GLY D 259 -16.41 -28.26 -23.15
C GLY D 259 -17.26 -29.51 -23.24
N ASP D 260 -16.65 -30.64 -23.62
CA ASP D 260 -17.42 -31.89 -23.62
C ASP D 260 -17.94 -32.21 -22.23
N LEU D 261 -17.14 -31.99 -21.18
CA LEU D 261 -17.60 -32.26 -19.83
C LEU D 261 -18.77 -31.37 -19.45
N GLU D 262 -18.70 -30.09 -19.81
CA GLU D 262 -19.77 -29.16 -19.49
C GLU D 262 -21.07 -29.56 -20.17
N LYS D 263 -21.00 -29.94 -21.45
CA LYS D 263 -22.21 -30.39 -22.14
C LYS D 263 -22.83 -31.58 -21.45
N ALA D 264 -22.00 -32.52 -20.97
CA ALA D 264 -22.56 -33.68 -20.29
C ALA D 264 -23.18 -33.33 -18.95
N MET D 265 -22.70 -32.26 -18.31
CA MET D 265 -23.31 -31.76 -17.10
C MET D 265 -24.60 -30.99 -17.36
N GLY D 266 -24.89 -30.66 -18.62
CA GLY D 266 -26.06 -29.88 -18.96
C GLY D 266 -25.82 -28.38 -19.11
N ASN D 267 -24.58 -27.95 -19.25
CA ASN D 267 -24.25 -26.53 -19.35
C ASN D 267 -23.76 -26.19 -20.75
N ARG D 268 -23.81 -24.90 -21.08
CA ARG D 268 -23.36 -24.43 -22.38
C ARG D 268 -21.94 -23.93 -22.23
N PRO D 269 -20.96 -24.58 -22.86
CA PRO D 269 -19.57 -24.10 -22.75
C PRO D 269 -19.38 -22.79 -23.47
N MET D 270 -18.37 -22.04 -23.03
CA MET D 270 -17.97 -20.86 -23.79
C MET D 270 -17.57 -21.28 -25.20
N GLU D 271 -17.65 -20.32 -26.13
CA GLU D 271 -17.45 -20.64 -27.54
C GLU D 271 -16.10 -21.32 -27.78
N MET D 272 -15.03 -20.79 -27.17
CA MET D 272 -13.71 -21.32 -27.42
C MET D 272 -13.50 -22.71 -26.86
N MET D 273 -14.40 -23.21 -26.03
CA MET D 273 -14.30 -24.57 -25.52
C MET D 273 -15.32 -25.51 -26.14
N ASP D 274 -16.11 -25.02 -27.09
CA ASP D 274 -17.17 -25.82 -27.71
C ASP D 274 -16.66 -26.26 -29.07
N ARG D 275 -16.29 -27.54 -29.18
CA ARG D 275 -15.70 -28.02 -30.43
C ARG D 275 -16.66 -27.97 -31.61
N GLU D 276 -17.95 -27.66 -31.40
CA GLU D 276 -18.87 -27.47 -32.52
C GLU D 276 -19.05 -26.01 -32.91
N LYS D 277 -18.57 -25.07 -32.08
CA LYS D 277 -18.68 -23.65 -32.35
C LYS D 277 -17.33 -22.96 -32.55
N ALA D 278 -16.26 -23.47 -31.95
CA ALA D 278 -14.99 -22.77 -31.92
C ALA D 278 -14.35 -22.77 -33.31
N TYR D 279 -14.13 -21.57 -33.87
CA TYR D 279 -13.47 -21.42 -35.18
C TYR D 279 -12.04 -21.00 -34.88
N ILE D 280 -11.12 -21.97 -34.88
CA ILE D 280 -9.77 -21.73 -34.34
C ILE D 280 -9.05 -20.52 -34.91
N PRO D 281 -8.96 -20.33 -36.24
CA PRO D 281 -8.20 -19.17 -36.74
C PRO D 281 -8.72 -17.83 -36.24
N GLU D 282 -10.04 -17.65 -36.22
CA GLU D 282 -10.62 -16.40 -35.73
C GLU D 282 -10.36 -16.21 -34.24
N LEU D 283 -10.48 -17.28 -33.44
CA LEU D 283 -10.19 -17.17 -32.03
C LEU D 283 -8.73 -16.87 -31.78
N GLN D 284 -7.85 -17.57 -32.50
CA GLN D 284 -6.42 -17.36 -32.31
C GLN D 284 -6.01 -15.96 -32.73
N ILE D 285 -6.52 -15.48 -33.86
CA ILE D 285 -6.21 -14.13 -34.31
C ILE D 285 -6.63 -13.09 -33.27
N SER D 286 -7.83 -13.26 -32.69
CA SER D 286 -8.31 -12.29 -31.71
C SER D 286 -7.49 -12.35 -30.43
N PHE D 287 -7.18 -13.57 -29.95
CA PHE D 287 -6.36 -13.70 -28.76
C PHE D 287 -5.01 -13.04 -28.96
N MET D 288 -4.39 -13.28 -30.12
CA MET D 288 -3.07 -12.72 -30.40
C MET D 288 -3.13 -11.21 -30.52
N GLU D 289 -4.11 -10.69 -31.27
CA GLU D 289 -4.16 -9.26 -31.56
C GLU D 289 -4.57 -8.47 -30.32
N HIS D 290 -5.50 -9.00 -29.53
CA HIS D 290 -6.15 -8.21 -28.49
C HIS D 290 -5.76 -8.61 -27.08
N ILE D 291 -5.09 -9.75 -26.88
CA ILE D 291 -4.54 -10.13 -25.57
C ILE D 291 -3.02 -10.18 -25.59
N ALA D 292 -2.43 -11.02 -26.45
CA ALA D 292 -0.99 -11.22 -26.38
C ALA D 292 -0.21 -10.01 -26.88
N MET D 293 -0.60 -9.47 -28.04
CA MET D 293 0.14 -8.32 -28.59
C MET D 293 0.18 -7.14 -27.63
N PRO D 294 -0.93 -6.72 -27.00
CA PRO D 294 -0.83 -5.61 -26.03
C PRO D 294 0.09 -5.89 -24.86
N ILE D 295 0.20 -7.15 -24.44
CA ILE D 295 1.13 -7.48 -23.36
C ILE D 295 2.57 -7.23 -23.80
N TYR D 296 2.95 -7.76 -24.96
CA TYR D 296 4.32 -7.57 -25.41
C TYR D 296 4.58 -6.15 -25.87
N LYS D 297 3.54 -5.41 -26.25
CA LYS D 297 3.74 -3.99 -26.53
C LYS D 297 4.07 -3.22 -25.26
N LEU D 298 3.34 -3.49 -24.18
CA LEU D 298 3.73 -2.93 -22.89
C LEU D 298 5.16 -3.32 -22.52
N LEU D 299 5.53 -4.58 -22.74
CA LEU D 299 6.88 -5.02 -22.40
C LEU D 299 7.94 -4.24 -23.18
N GLN D 300 7.70 -4.02 -24.47
CA GLN D 300 8.61 -3.25 -25.30
C GLN D 300 8.62 -1.77 -24.89
N ASP D 301 7.47 -1.23 -24.48
CA ASP D 301 7.44 0.14 -23.98
C ASP D 301 8.38 0.32 -22.79
N LEU D 302 8.47 -0.70 -21.93
CA LEU D 302 9.29 -0.61 -20.73
C LEU D 302 10.71 -1.07 -20.95
N PHE D 303 10.94 -2.01 -21.87
CA PHE D 303 12.26 -2.55 -22.17
C PHE D 303 12.45 -2.50 -23.67
N PRO D 304 13.23 -1.55 -24.20
CA PRO D 304 13.40 -1.47 -25.66
C PRO D 304 13.95 -2.74 -26.29
N LYS D 305 14.79 -3.49 -25.56
CA LYS D 305 15.35 -4.74 -26.05
C LYS D 305 14.30 -5.83 -26.25
N ALA D 306 13.09 -5.64 -25.74
CA ALA D 306 12.01 -6.61 -25.89
C ALA D 306 11.23 -6.43 -27.19
N ALA D 307 11.69 -5.53 -28.06
CA ALA D 307 10.98 -5.27 -29.30
C ALA D 307 10.84 -6.52 -30.16
N GLU D 308 11.88 -7.36 -30.22
CA GLU D 308 11.81 -8.55 -31.08
C GLU D 308 10.72 -9.51 -30.62
N LEU D 309 10.38 -9.51 -29.33
CA LEU D 309 9.31 -10.36 -28.82
C LEU D 309 7.97 -9.94 -29.40
N TYR D 310 7.65 -8.65 -29.28
CA TYR D 310 6.43 -8.11 -29.87
C TYR D 310 6.38 -8.39 -31.36
N GLU D 311 7.50 -8.14 -32.05
CA GLU D 311 7.51 -8.36 -33.50
C GLU D 311 7.23 -9.81 -33.84
N ARG D 312 7.75 -10.75 -33.05
CA ARG D 312 7.48 -12.17 -33.32
C ARG D 312 6.03 -12.54 -33.06
N VAL D 313 5.43 -12.03 -31.99
CA VAL D 313 4.01 -12.29 -31.77
C VAL D 313 3.18 -11.74 -32.91
N ALA D 314 3.52 -10.53 -33.37
CA ALA D 314 2.81 -9.96 -34.51
C ALA D 314 2.99 -10.80 -35.76
N SER D 315 4.20 -11.33 -35.97
CA SER D 315 4.44 -12.20 -37.13
C SER D 315 3.62 -13.49 -37.06
N ASN D 316 3.51 -14.07 -35.85
CA ASN D 316 2.72 -15.28 -35.68
C ASN D 316 1.23 -15.00 -35.89
N ARG D 317 0.76 -13.83 -35.43
CA ARG D 317 -0.62 -13.45 -35.72
C ARG D 317 -0.87 -13.41 -37.22
N GLU D 318 0.02 -12.75 -37.96
CA GLU D 318 -0.15 -12.68 -39.41
C GLU D 318 -0.11 -14.07 -40.04
N HIS D 319 0.66 -14.98 -39.46
CA HIS D 319 0.68 -16.34 -40.00
C HIS D 319 -0.67 -17.03 -39.83
N TRP D 320 -1.41 -16.72 -38.76
CA TRP D 320 -2.76 -17.26 -38.62
C TRP D 320 -3.70 -16.72 -39.67
N THR D 321 -3.58 -15.44 -40.02
CA THR D 321 -4.46 -14.91 -41.05
C THR D 321 -4.18 -15.56 -42.40
N LYS D 322 -2.92 -15.92 -42.66
CA LYS D 322 -2.57 -16.49 -43.96
C LYS D 322 -3.00 -17.95 -44.11
N VAL D 323 -3.07 -18.72 -43.03
CA VAL D 323 -3.54 -20.11 -43.11
C VAL D 323 -5.01 -20.25 -42.75
N SER D 324 -5.71 -19.14 -42.51
CA SER D 324 -7.11 -19.20 -42.10
C SER D 324 -7.96 -19.93 -43.15
N HIS D 325 -7.72 -19.67 -44.43
CA HIS D 325 -8.50 -20.24 -45.51
C HIS D 325 -8.45 -21.76 -45.51
N LYS D 326 -7.41 -22.38 -44.91
CA LYS D 326 -7.28 -23.82 -44.95
C LYS D 326 -8.32 -24.54 -44.10
N PHE D 327 -8.98 -23.82 -43.19
CA PHE D 327 -10.04 -24.39 -42.38
C PHE D 327 -11.35 -24.51 -43.13
N THR D 328 -11.45 -23.94 -44.33
CA THR D 328 -12.58 -24.13 -45.22
C THR D 328 -12.26 -25.29 -46.16
N ILE D 329 -13.09 -26.32 -46.14
CA ILE D 329 -12.87 -27.48 -47.00
C ILE D 329 -13.28 -27.10 -48.43
N ARG D 330 -12.29 -26.87 -49.29
CA ARG D 330 -12.51 -26.76 -50.72
C ARG D 330 -12.40 -28.14 -51.33
N GLY D 331 -13.22 -28.40 -52.35
CA GLY D 331 -13.20 -29.71 -52.96
C GLY D 331 -13.67 -30.78 -52.00
N LEU D 332 -13.11 -31.96 -52.15
CA LEU D 332 -13.38 -33.08 -51.25
C LEU D 332 -12.29 -33.18 -50.21
N PRO D 333 -12.58 -33.77 -49.05
CA PRO D 333 -11.52 -34.05 -48.09
C PRO D 333 -10.43 -34.91 -48.71
N SER D 334 -9.28 -34.96 -48.03
CA SER D 334 -8.13 -35.68 -48.57
C SER D 334 -8.41 -37.16 -48.83
N ASN D 335 -9.45 -37.73 -48.22
CA ASN D 335 -9.78 -39.13 -48.42
C ASN D 335 -10.86 -39.36 -49.47
N ASN D 336 -11.29 -38.29 -50.17
CA ASN D 336 -12.32 -38.35 -51.22
C ASN D 336 -13.70 -38.72 -50.69
N SER D 337 -13.96 -38.56 -49.40
CA SER D 337 -15.19 -39.04 -48.78
C SER D 337 -15.97 -37.90 -48.15
N LEU D 338 -17.30 -37.96 -48.26
CA LEU D 338 -18.22 -37.07 -47.57
C LEU D 338 -18.85 -37.74 -46.35
N ASP D 339 -18.25 -38.83 -45.87
CA ASP D 339 -18.81 -39.54 -44.74
C ASP D 339 -18.87 -38.65 -43.49
N PHE D 340 -17.98 -37.66 -43.40
CA PHE D 340 -18.00 -36.77 -42.24
C PHE D 340 -19.28 -35.95 -42.14
N LEU D 341 -20.15 -36.00 -43.16
CA LEU D 341 -21.41 -35.28 -43.10
C LEU D 341 -22.43 -36.04 -42.23
N3 7OV E . 15.30 21.87 -28.50
C4 7OV E . 14.00 22.01 -28.85
C6 7OV E . 13.27 22.00 -26.58
C8 7OV E . 12.14 22.21 -29.80
C10 7OV E . 12.09 22.07 -25.67
C13 7OV E . 11.06 21.56 -23.47
C20 7OV E . 8.91 24.66 -26.36
C22 7OV E . 8.56 25.99 -26.45
C24 7OV E . 8.23 25.71 -28.79
C26 7OV E . 8.92 23.85 -27.49
C23 7OV E . 8.23 26.51 -27.68
C25 7OV E . 8.56 24.38 -28.74
C1 7OV E . 14.54 21.87 -26.18
C2 7OV E . 15.55 21.81 -27.23
C19 7OV E . 9.23 24.16 -25.01
C12 7OV E . 12.29 21.41 -24.33
C16 7OV E . 11.58 23.49 -25.57
C14 7OV E . 10.55 22.98 -23.38
C11 7OV E . 16.98 21.66 -26.80
N7 7OV E . 13.47 22.10 -30.05
N9 7OV E . 11.80 22.20 -28.51
N5 7OV E . 13.00 22.06 -27.92
N15 7OV E . 10.43 23.59 -24.69
O21 7OV E . 8.34 24.28 -24.18
F28 7OV E . 7.88 26.30 -29.96
F17 7OV E . 10.11 20.74 -24.00
F18 7OV E . 11.28 21.08 -22.20
I27 7OV E . 8.53 23.25 -30.52
ZN ZN F . 16.10 20.16 -19.05
MG MG G . 12.94 20.95 -17.26
N3 7OV H . -1.00 25.79 24.17
C4 7OV H . -0.15 26.83 24.18
C6 7OV H . 0.37 26.55 21.85
C8 7OV H . 1.07 28.46 24.60
C10 7OV H . 1.16 27.06 20.70
C13 7OV H . 2.22 26.65 18.50
C20 7OV H . 1.88 31.13 20.07
C22 7OV H . 1.31 32.33 19.77
C24 7OV H . 1.78 33.08 21.97
C26 7OV H . 2.42 30.87 21.30
C23 7OV H . 1.25 33.32 20.73
C25 7OV H . 2.37 31.86 22.27
C1 7OV H . -0.46 25.52 21.81
C2 7OV H . -1.17 25.17 23.06
C19 7OV H . 1.93 30.14 18.97
C12 7OV H . 1.38 26.05 19.58
C16 7OV H . 0.63 28.38 20.19
C14 7OV H . 1.70 27.97 18.01
C11 7OV H . -2.11 24.01 23.02
N7 7OV H . 0.18 27.60 25.19
N9 7OV H . 1.32 28.26 23.31
N5 7OV H . 0.52 27.21 23.05
N15 7OV H . 1.44 28.87 19.11
O21 7OV H . 2.41 30.54 17.92
F28 7OV H . 1.70 34.08 22.88
F17 7OV H . 3.49 26.78 18.92
F18 7OV H . 2.30 25.81 17.42
I27 7OV H . 3.15 31.61 24.20
ZN ZN I . -0.83 21.01 15.90
MG MG J . 0.88 23.01 13.27
N3 7OV K . -16.00 -15.86 27.84
C4 7OV K . -14.90 -15.09 27.98
C6 7OV K . -14.16 -15.48 25.74
C8 7OV K . -13.36 -13.84 28.65
C10 7OV K . -13.11 -15.20 24.72
C13 7OV K . -12.00 -15.86 22.60
C20 7OV K . -11.39 -11.42 24.27
C22 7OV K . -11.60 -10.09 23.96
C24 7OV K . -11.26 -9.50 26.23
C26 7OV K . -11.11 -11.79 25.58
C23 7OV K . -11.54 -9.13 24.94
C25 7OV K . -11.05 -10.82 26.56
C1 7OV K . -15.24 -16.24 25.54
C2 7OV K . -16.16 -16.40 26.68
C19 7OV K . -11.45 -12.38 23.15
C12 7OV K . -13.09 -16.21 23.58
C16 7OV K . -13.21 -13.77 24.21
C14 7OV K . -12.12 -14.44 22.10
C11 7OV K . -17.36 -17.26 26.48
N7 7OV K . -14.52 -14.44 29.05
N9 7OV K . -13.00 -14.09 27.39
N5 7OV K . -14.00 -14.88 26.97
N15 7OV K . -12.19 -13.52 23.22
O21 7OV K . -10.78 -12.12 22.15
F28 7OV K . -11.21 -8.57 27.20
F17 7OV K . -10.81 -16.04 23.23
F18 7OV K . -11.96 -16.72 21.55
I27 7OV K . -10.65 -11.19 28.59
ZN ZN L . -15.85 -20.63 19.47
MG MG M . -13.26 -19.28 17.10
N3 7OV N . -1.30 -19.27 -26.24
C4 7OV N . -2.62 -19.31 -26.49
C6 7OV N . -3.17 -19.51 -24.17
C8 7OV N . -4.53 -19.36 -27.32
C10 7OV N . -4.22 -19.64 -23.12
C13 7OV N . -4.94 -20.36 -20.85
C20 7OV N . -7.81 -17.56 -23.47
C22 7OV N . -8.37 -16.30 -23.46
C24 7OV N . -8.81 -16.50 -25.80
C26 7OV N . -7.76 -18.30 -24.63
C23 7OV N . -8.86 -15.77 -24.64
C25 7OV N . -8.26 -17.77 -25.81
C1 7OV N . -1.87 -19.46 -23.85
C2 7OV N . -0.94 -19.33 -24.99
C19 7OV N . -7.34 -18.09 -22.17
C12 7OV N . -3.80 -20.32 -21.84
C16 7OV N . -4.97 -18.33 -22.90
C14 7OV N . -5.68 -19.04 -20.67
C11 7OV N . 0.51 -19.28 -24.65
N7 7OV N . -3.21 -19.28 -27.67
N9 7OV N . -4.77 -19.46 -26.01
N5 7OV N . -3.54 -19.43 -25.49
N15 7OV N . -6.05 -18.51 -21.96
O21 7OV N . -8.20 -18.12 -21.30
F28 7OV N . -9.31 -15.94 -26.93
F17 7OV N . -5.84 -21.28 -21.34
F18 7OV N . -4.51 -20.84 -19.65
I27 7OV N . -8.26 -18.79 -27.65
ZN ZN O . 0.60 -21.09 -16.89
MG MG P . -2.44 -20.82 -14.80
#